data_4FEV
#
_entry.id   4FEV
#
_cell.length_a   57.571
_cell.length_b   94.217
_cell.length_c   96.878
_cell.angle_alpha   61.12
_cell.angle_beta   73.09
_cell.angle_gamma   87.44
#
_symmetry.space_group_name_H-M   'P 1'
#
loop_
_entity.id
_entity.type
_entity.pdbx_description
1 polymer "Aminoglycoside 3'-phosphotransferase AphA1-IAB"
2 non-polymer 'KANAMYCIN A'
3 non-polymer 1-TER-BUTYL-3-P-TOLYL-1H-PYRAZOLO[3,4-D]PYRIMIDIN-4-YLAMINE
4 non-polymer 'SODIUM ION'
5 non-polymer 'ACETATE ION'
6 water water
#
_entity_poly.entity_id   1
_entity_poly.type   'polypeptide(L)'
_entity_poly.pdbx_seq_one_letter_code
;GMSHIQRETSCSRPRLNSNLDADLYGYRWARDNVGQSGATIYRLYGKPNAPELFLKHGKGSVANDVTDEMVRLNWLTAFM
PLPTIKHFIRTPDDAWLLTTAIPGKTAFQVLEEYPDSGENIVDALAVFLRRLHSIPVCNCPFNSDRVFRLAQAQSRMNNG
LVDASDFDDERNGWPVEQVWKEMHKLLPFSPDSVVTHGDFSLDNLIFDEGKLIGCIDVGRVGIADRYQDLAILWNCLGEF
SPSLQKRLFQKYGIDNPDMNKLQFHLMLDEFF
;
_entity_poly.pdbx_strand_id   A,B,C,D,E,F
#
# COMPACT_ATOMS: atom_id res chain seq x y z
N GLN A 6 18.13 37.78 56.76
CA GLN A 6 17.10 38.76 57.05
C GLN A 6 15.71 38.21 56.78
N ARG A 7 14.82 38.37 57.74
CA ARG A 7 13.40 38.12 57.55
C ARG A 7 12.63 39.37 57.99
N GLU A 8 12.43 40.27 57.04
CA GLU A 8 11.88 41.61 57.29
C GLU A 8 10.57 41.60 58.07
N THR A 9 9.85 40.49 57.96
CA THR A 9 8.66 40.19 58.76
C THR A 9 7.65 41.34 59.01
N SER A 10 7.53 42.23 58.04
CA SER A 10 6.51 43.27 58.10
C SER A 10 5.24 42.75 57.45
N CYS A 11 4.10 42.93 58.13
CA CYS A 11 2.82 42.45 57.62
C CYS A 11 2.24 43.37 56.55
N SER A 12 2.40 42.98 55.30
CA SER A 12 1.78 43.68 54.19
C SER A 12 0.65 42.80 53.66
N ARG A 13 0.20 43.10 52.45
CA ARG A 13 -0.89 42.38 51.80
C ARG A 13 -1.13 42.98 50.42
N PRO A 14 -1.30 42.13 49.39
CA PRO A 14 -1.63 42.61 48.04
C PRO A 14 -2.93 43.42 48.03
N ASN A 19 -9.84 37.42 40.25
CA ASN A 19 -9.20 38.04 39.09
C ASN A 19 -9.92 37.74 37.77
N LEU A 20 -10.07 36.46 37.44
CA LEU A 20 -10.60 36.03 36.14
C LEU A 20 -12.07 36.40 35.95
N ASP A 21 -12.72 36.79 37.04
CA ASP A 21 -14.14 37.10 37.01
C ASP A 21 -14.47 38.31 36.12
N ALA A 22 -13.76 39.42 36.33
CA ALA A 22 -14.05 40.67 35.62
C ALA A 22 -13.47 40.70 34.21
N ASP A 23 -12.63 39.72 33.89
CA ASP A 23 -12.06 39.63 32.55
C ASP A 23 -13.11 39.12 31.57
N LEU A 24 -14.19 38.57 32.10
CA LEU A 24 -15.15 37.86 31.27
C LEU A 24 -16.55 38.49 31.30
N TYR A 25 -16.69 39.62 32.01
CA TYR A 25 -17.95 40.36 32.06
C TYR A 25 -18.51 40.64 30.68
N GLY A 26 -19.75 40.24 30.45
CA GLY A 26 -20.47 40.63 29.24
C GLY A 26 -20.10 39.93 27.95
N TYR A 27 -19.46 38.76 28.04
CA TYR A 27 -19.17 37.98 26.86
C TYR A 27 -20.24 36.91 26.65
N ARG A 28 -20.49 36.55 25.39
CA ARG A 28 -21.26 35.36 25.10
C ARG A 28 -20.32 34.16 25.09
N TRP A 29 -20.79 33.05 25.62
CA TRP A 29 -20.00 31.84 25.69
C TRP A 29 -20.41 30.81 24.63
N ALA A 30 -19.43 30.27 23.91
CA ALA A 30 -19.67 29.11 23.06
C ALA A 30 -18.60 28.07 23.31
N ARG A 31 -18.95 26.80 23.18
CA ARG A 31 -17.98 25.74 23.41
C ARG A 31 -17.51 25.14 22.07
N ASP A 32 -16.21 25.27 21.82
CA ASP A 32 -15.64 24.99 20.50
C ASP A 32 -14.96 23.63 20.38
N ASN A 33 -14.51 23.33 19.17
CA ASN A 33 -13.76 22.10 18.85
C ASN A 33 -14.34 20.87 19.54
N VAL A 34 -15.66 20.82 19.54
CA VAL A 34 -16.43 19.91 20.40
C VAL A 34 -15.88 18.49 20.54
N GLY A 35 -15.74 17.79 19.42
CA GLY A 35 -15.30 16.40 19.46
C GLY A 35 -13.81 16.13 19.44
N GLN A 36 -13.00 17.12 19.81
N GLN A 36 -13.02 17.12 19.85
CA GLN A 36 -11.55 16.89 19.86
CA GLN A 36 -11.56 16.98 19.90
C GLN A 36 -11.07 16.68 21.30
C GLN A 36 -11.09 16.67 21.33
N SER A 37 -10.00 15.91 21.44
CA SER A 37 -9.43 15.58 22.73
C SER A 37 -8.69 16.78 23.36
N GLY A 38 -8.41 16.66 24.65
CA GLY A 38 -7.63 17.65 25.35
C GLY A 38 -8.48 18.62 26.14
N ALA A 39 -8.00 19.85 26.21
CA ALA A 39 -8.64 20.87 27.02
C ALA A 39 -10.00 21.27 26.47
N THR A 40 -10.94 21.58 27.36
CA THR A 40 -12.18 22.19 26.96
C THR A 40 -11.88 23.60 26.42
N ILE A 41 -12.43 23.92 25.26
CA ILE A 41 -12.18 25.21 24.64
C ILE A 41 -13.46 26.05 24.54
N TYR A 42 -13.42 27.25 25.12
CA TYR A 42 -14.52 28.21 25.01
C TYR A 42 -14.15 29.39 24.12
N ARG A 43 -15.07 29.76 23.24
CA ARG A 43 -14.94 31.00 22.49
C ARG A 43 -15.79 32.08 23.16
N LEU A 44 -15.19 33.23 23.41
CA LEU A 44 -15.85 34.35 24.06
C LEU A 44 -15.99 35.46 23.04
N TYR A 45 -17.22 35.92 22.82
CA TYR A 45 -17.52 36.78 21.69
C TYR A 45 -18.78 37.58 21.99
N GLY A 46 -19.12 38.49 21.08
CA GLY A 46 -20.39 39.19 21.14
C GLY A 46 -20.47 40.16 22.29
N LYS A 47 -19.30 40.56 22.79
CA LYS A 47 -19.23 41.65 23.75
C LYS A 47 -18.84 42.90 22.97
N PRO A 48 -19.75 43.88 22.96
CA PRO A 48 -19.49 45.17 22.30
C PRO A 48 -18.16 45.78 22.73
N ASN A 49 -17.38 46.26 21.75
CA ASN A 49 -16.14 46.99 22.00
C ASN A 49 -15.06 46.19 22.72
N ALA A 50 -15.03 44.88 22.49
CA ALA A 50 -14.00 44.05 23.08
C ALA A 50 -13.65 42.89 22.16
N PRO A 51 -12.36 42.52 22.11
CA PRO A 51 -11.91 41.49 21.16
C PRO A 51 -12.45 40.10 21.53
N GLU A 52 -12.61 39.25 20.52
CA GLU A 52 -12.90 37.85 20.76
C GLU A 52 -11.76 37.20 21.55
N LEU A 53 -12.11 36.31 22.47
CA LEU A 53 -11.12 35.63 23.30
C LEU A 53 -11.34 34.12 23.25
N PHE A 54 -10.29 33.37 23.56
CA PHE A 54 -10.43 31.94 23.81
C PHE A 54 -10.02 31.56 25.22
N LEU A 55 -10.77 30.64 25.82
CA LEU A 55 -10.43 30.14 27.15
C LEU A 55 -10.25 28.63 27.16
N LYS A 56 -9.05 28.18 27.50
CA LYS A 56 -8.75 26.77 27.64
C LYS A 56 -8.80 26.32 29.09
N HIS A 57 -9.46 25.20 29.35
CA HIS A 57 -9.54 24.64 30.68
C HIS A 57 -9.06 23.20 30.68
N GLY A 58 -7.97 22.93 31.38
CA GLY A 58 -7.46 21.58 31.52
C GLY A 58 -7.59 21.08 32.94
N LYS A 59 -8.10 19.86 33.10
CA LYS A 59 -8.20 19.21 34.41
C LYS A 59 -7.25 18.02 34.45
N GLY A 60 -6.66 17.77 35.61
CA GLY A 60 -5.78 16.61 35.78
C GLY A 60 -4.53 16.67 34.91
N SER A 61 -4.19 15.55 34.26
CA SER A 61 -3.02 15.53 33.38
C SER A 61 -3.09 16.61 32.30
N VAL A 62 -4.30 16.88 31.80
CA VAL A 62 -4.47 17.91 30.76
C VAL A 62 -4.08 19.32 31.25
N ALA A 63 -4.16 19.55 32.56
CA ALA A 63 -3.71 20.85 33.09
C ALA A 63 -2.23 21.06 32.81
N ASN A 64 -1.45 19.99 32.77
CA ASN A 64 -0.04 20.10 32.47
C ASN A 64 0.15 20.51 31.02
N ASP A 65 -0.71 19.99 30.16
CA ASP A 65 -0.67 20.33 28.75
C ASP A 65 -0.98 21.80 28.54
N VAL A 66 -1.97 22.32 29.27
CA VAL A 66 -2.35 23.73 29.14
C VAL A 66 -1.25 24.63 29.70
N THR A 67 -0.61 24.17 30.77
CA THR A 67 0.53 24.90 31.33
C THR A 67 1.70 24.95 30.34
N ASP A 68 1.96 23.83 29.67
CA ASP A 68 3.00 23.77 28.63
C ASP A 68 2.73 24.79 27.52
N GLU A 69 1.48 24.86 27.10
CA GLU A 69 1.10 25.81 26.07
C GLU A 69 1.28 27.26 26.52
N MET A 70 0.93 27.55 27.77
CA MET A 70 1.07 28.91 28.27
C MET A 70 2.51 29.37 28.20
N VAL A 71 3.44 28.56 28.68
CA VAL A 71 4.84 29.05 28.67
C VAL A 71 5.46 29.12 27.30
N ARG A 72 4.97 28.31 26.38
CA ARG A 72 5.49 28.37 25.01
C ARG A 72 4.93 29.59 24.26
N LEU A 73 3.66 29.92 24.51
CA LEU A 73 3.08 31.16 24.00
C LEU A 73 3.89 32.33 24.49
N ASN A 74 4.11 32.35 25.79
CA ASN A 74 4.87 33.44 26.41
C ASN A 74 6.25 33.62 25.80
N TRP A 75 6.97 32.52 25.57
CA TRP A 75 8.30 32.59 24.99
C TRP A 75 8.28 32.96 23.52
N LEU A 76 7.49 32.22 22.74
CA LEU A 76 7.58 32.30 21.28
C LEU A 76 7.00 33.61 20.74
N THR A 77 6.12 34.26 21.50
CA THR A 77 5.53 35.50 21.02
C THR A 77 6.55 36.60 20.74
N ALA A 78 7.74 36.50 21.34
CA ALA A 78 8.80 37.46 21.06
C ALA A 78 9.30 37.37 19.62
N PHE A 79 9.05 36.23 18.97
CA PHE A 79 9.59 35.97 17.62
C PHE A 79 8.55 35.82 16.51
N MET A 80 7.35 35.37 16.86
CA MET A 80 6.33 35.01 15.87
C MET A 80 4.98 35.61 16.26
N PRO A 81 4.05 35.71 15.31
CA PRO A 81 2.70 36.22 15.60
C PRO A 81 1.81 35.15 16.26
N LEU A 82 1.47 35.39 17.52
CA LEU A 82 0.78 34.41 18.36
C LEU A 82 -0.37 35.05 19.12
N PRO A 83 -1.31 34.23 19.61
CA PRO A 83 -2.31 34.77 20.55
C PRO A 83 -1.64 35.35 21.80
N THR A 84 -2.23 36.41 22.35
CA THR A 84 -1.67 37.06 23.54
C THR A 84 -2.32 36.49 24.81
N ILE A 85 -1.50 36.18 25.81
CA ILE A 85 -2.00 35.70 27.11
C ILE A 85 -2.64 36.84 27.88
N LYS A 86 -3.93 36.73 28.17
CA LYS A 86 -4.60 37.72 28.98
C LYS A 86 -4.51 37.33 30.45
N HIS A 87 -4.62 36.02 30.71
CA HIS A 87 -4.72 35.54 32.07
C HIS A 87 -4.47 34.03 32.09
N PHE A 88 -3.76 33.57 33.11
CA PHE A 88 -3.55 32.13 33.31
C PHE A 88 -3.62 31.82 34.79
N ILE A 89 -4.31 30.74 35.13
CA ILE A 89 -4.40 30.28 36.51
C ILE A 89 -4.04 28.81 36.59
N ARG A 90 -3.22 28.45 37.58
CA ARG A 90 -2.90 27.06 37.86
C ARG A 90 -3.25 26.75 39.31
N THR A 91 -4.14 25.78 39.50
CA THR A 91 -4.44 25.23 40.82
C THR A 91 -3.98 23.76 40.78
N PRO A 92 -3.95 23.07 41.93
CA PRO A 92 -3.40 21.70 41.93
C PRO A 92 -3.99 20.77 40.85
N ASP A 93 -5.27 20.92 40.51
CA ASP A 93 -5.88 20.00 39.54
C ASP A 93 -6.37 20.67 38.26
N ASP A 94 -6.18 21.99 38.15
CA ASP A 94 -6.78 22.73 37.04
C ASP A 94 -5.83 23.76 36.45
N ALA A 95 -6.00 24.00 35.16
CA ALA A 95 -5.34 25.12 34.50
C ALA A 95 -6.34 25.83 33.58
N TRP A 96 -6.34 27.15 33.66
CA TRP A 96 -7.18 28.00 32.81
C TRP A 96 -6.27 28.95 32.05
N LEU A 97 -6.40 28.95 30.73
CA LEU A 97 -5.62 29.83 29.89
C LEU A 97 -6.55 30.69 29.03
N LEU A 98 -6.50 32.01 29.25
CA LEU A 98 -7.31 32.95 28.49
C LEU A 98 -6.43 33.74 27.53
N THR A 99 -6.73 33.66 26.24
CA THR A 99 -5.94 34.35 25.22
C THR A 99 -6.82 35.15 24.27
N THR A 100 -6.22 36.10 23.56
CA THR A 100 -6.91 36.84 22.50
C THR A 100 -7.01 35.98 21.25
N ALA A 101 -8.14 36.07 20.55
CA ALA A 101 -8.30 35.31 19.34
C ALA A 101 -7.48 35.95 18.22
N ILE A 102 -6.90 35.12 17.37
CA ILE A 102 -6.39 35.63 16.11
C ILE A 102 -7.55 35.56 15.12
N PRO A 103 -7.98 36.73 14.61
CA PRO A 103 -9.12 36.75 13.68
C PRO A 103 -8.82 36.01 12.39
N GLY A 104 -9.85 35.38 11.82
CA GLY A 104 -9.71 34.73 10.53
C GLY A 104 -10.15 33.27 10.51
N LYS A 105 -9.67 32.54 9.50
CA LYS A 105 -10.05 31.16 9.29
C LYS A 105 -8.77 30.33 9.22
N THR A 106 -8.87 29.05 9.53
CA THR A 106 -7.72 28.16 9.45
C THR A 106 -7.31 27.95 7.99
N ALA A 107 -6.07 27.51 7.81
CA ALA A 107 -5.58 27.13 6.49
C ALA A 107 -6.52 26.11 5.86
N PHE A 108 -6.97 25.15 6.67
CA PHE A 108 -7.88 24.10 6.20
C PHE A 108 -9.17 24.73 5.67
N GLN A 109 -9.74 25.63 6.45
CA GLN A 109 -10.96 26.31 6.03
C GLN A 109 -10.82 27.08 4.73
N VAL A 110 -9.70 27.79 4.57
CA VAL A 110 -9.53 28.63 3.39
C VAL A 110 -9.25 27.78 2.15
N LEU A 111 -8.59 26.65 2.36
N LEU A 111 -8.56 26.66 2.35
CA LEU A 111 -8.32 25.72 1.27
CA LEU A 111 -8.32 25.71 1.27
C LEU A 111 -9.60 25.07 0.74
C LEU A 111 -9.63 25.14 0.73
N GLU A 112 -10.55 24.80 1.62
CA GLU A 112 -11.85 24.26 1.19
C GLU A 112 -12.71 25.33 0.53
N GLU A 113 -12.58 26.56 1.03
CA GLU A 113 -13.40 27.67 0.54
C GLU A 113 -12.86 28.24 -0.78
N TYR A 114 -11.55 28.17 -0.97
CA TYR A 114 -10.91 28.68 -2.18
C TYR A 114 -9.97 27.64 -2.77
N PRO A 115 -10.53 26.61 -3.42
CA PRO A 115 -9.72 25.48 -3.94
C PRO A 115 -8.64 25.97 -4.90
N ASP A 116 -8.93 27.05 -5.62
CA ASP A 116 -7.97 27.61 -6.58
C ASP A 116 -6.81 28.32 -5.91
N SER A 117 -6.93 28.59 -4.62
CA SER A 117 -5.90 29.32 -3.89
C SER A 117 -4.88 28.37 -3.26
N GLY A 118 -5.04 27.07 -3.55
CA GLY A 118 -4.21 26.04 -2.93
C GLY A 118 -2.72 26.34 -2.98
N GLU A 119 -2.24 26.72 -4.16
CA GLU A 119 -0.82 26.99 -4.37
C GLU A 119 -0.29 28.20 -3.58
N ASN A 120 -1.06 29.28 -3.56
CA ASN A 120 -0.72 30.45 -2.77
C ASN A 120 -0.69 30.15 -1.28
N ILE A 121 -1.65 29.35 -0.84
CA ILE A 121 -1.73 28.96 0.57
C ILE A 121 -0.51 28.15 0.98
N VAL A 122 -0.16 27.14 0.20
CA VAL A 122 1.02 26.33 0.48
C VAL A 122 2.31 27.17 0.48
N ASP A 123 2.48 28.03 -0.51
CA ASP A 123 3.63 28.95 -0.53
C ASP A 123 3.73 29.74 0.75
N ALA A 124 2.62 30.30 1.21
CA ALA A 124 2.63 31.09 2.44
C ALA A 124 2.99 30.24 3.66
N LEU A 125 2.49 29.00 3.70
CA LEU A 125 2.79 28.09 4.81
C LEU A 125 4.27 27.75 4.85
N ALA A 126 4.83 27.46 3.67
CA ALA A 126 6.27 27.16 3.57
C ALA A 126 7.17 28.33 4.02
N VAL A 127 6.82 29.54 3.61
CA VAL A 127 7.56 30.73 3.99
C VAL A 127 7.46 30.97 5.49
N PHE A 128 6.26 30.79 6.04
CA PHE A 128 6.04 30.94 7.49
C PHE A 128 6.85 29.92 8.25
N LEU A 129 6.89 28.70 7.73
CA LEU A 129 7.64 27.64 8.38
C LEU A 129 9.13 27.94 8.36
N ARG A 130 9.65 28.42 7.23
CA ARG A 130 11.05 28.85 7.19
C ARG A 130 11.36 29.92 8.23
N ARG A 131 10.45 30.87 8.44
CA ARG A 131 10.65 31.91 9.43
CA ARG A 131 10.59 31.91 9.44
C ARG A 131 10.76 31.31 10.83
N LEU A 132 9.85 30.40 11.17
CA LEU A 132 9.90 29.77 12.47
C LEU A 132 11.20 29.01 12.63
N HIS A 133 11.55 28.21 11.63
CA HIS A 133 12.74 27.38 11.69
C HIS A 133 14.02 28.21 11.69
N SER A 134 13.91 29.49 11.36
CA SER A 134 15.10 30.35 11.33
C SER A 134 15.46 30.98 12.71
N ILE A 135 14.59 30.82 13.70
CA ILE A 135 14.89 31.33 15.03
C ILE A 135 16.11 30.59 15.60
N PRO A 136 17.22 31.32 15.90
CA PRO A 136 18.41 30.61 16.41
C PRO A 136 18.08 29.75 17.64
N VAL A 137 18.58 28.51 17.68
CA VAL A 137 18.18 27.60 18.75
C VAL A 137 18.70 28.06 20.10
N CYS A 138 19.73 28.90 20.09
CA CYS A 138 20.27 29.45 21.34
C CYS A 138 19.22 30.28 22.10
N ASN A 139 18.12 30.64 21.45
CA ASN A 139 17.04 31.38 22.12
C ASN A 139 16.02 30.49 22.83
N CYS A 140 16.03 29.20 22.52
CA CYS A 140 14.88 28.36 22.86
C CYS A 140 15.14 27.48 24.08
N PRO A 141 14.31 27.64 25.12
CA PRO A 141 14.52 26.90 26.37
C PRO A 141 13.79 25.57 26.38
N PHE A 142 13.17 25.20 25.27
CA PHE A 142 12.35 23.96 25.22
C PHE A 142 12.95 22.87 24.35
N ASN A 143 12.97 21.68 24.90
CA ASN A 143 13.46 20.49 24.22
C ASN A 143 12.27 19.67 23.78
N SER A 144 12.17 19.44 22.47
CA SER A 144 11.11 18.63 21.91
C SER A 144 11.67 17.57 20.99
N ASP A 145 12.90 17.14 21.23
CA ASP A 145 13.60 16.32 20.25
C ASP A 145 13.04 14.90 20.23
N ARG A 146 13.53 14.10 19.29
CA ARG A 146 12.92 12.78 19.08
C ARG A 146 13.08 11.86 20.30
N VAL A 147 14.19 11.99 21.01
CA VAL A 147 14.39 11.20 22.22
C VAL A 147 13.29 11.49 23.26
N PHE A 148 13.01 12.77 23.44
CA PHE A 148 11.98 13.26 24.37
C PHE A 148 10.59 12.82 23.90
N ARG A 149 10.31 13.04 22.61
CA ARG A 149 8.99 12.64 22.08
C ARG A 149 8.77 11.13 22.07
N LEU A 150 9.82 10.35 21.80
CA LEU A 150 9.69 8.90 21.85
C LEU A 150 9.33 8.42 23.26
N ALA A 151 9.93 9.03 24.27
CA ALA A 151 9.63 8.63 25.63
C ALA A 151 8.19 9.01 25.98
N GLN A 152 7.77 10.18 25.50
CA GLN A 152 6.37 10.59 25.70
C GLN A 152 5.44 9.59 25.01
N ALA A 153 5.79 9.19 23.79
CA ALA A 153 4.98 8.24 23.04
C ALA A 153 4.89 6.89 23.74
N GLN A 154 6.02 6.42 24.26
CA GLN A 154 6.04 5.17 25.01
C GLN A 154 5.07 5.24 26.19
N SER A 155 5.12 6.34 26.94
CA SER A 155 4.23 6.48 28.09
C SER A 155 2.76 6.51 27.67
N ARG A 156 2.44 7.26 26.61
CA ARG A 156 1.05 7.29 26.13
C ARG A 156 0.56 5.92 25.70
N MET A 157 1.40 5.17 25.00
CA MET A 157 1.04 3.81 24.62
C MET A 157 0.82 2.96 25.87
N ASN A 158 1.78 2.98 26.80
CA ASN A 158 1.68 2.16 28.01
C ASN A 158 0.55 2.59 28.93
N ASN A 159 0.20 3.87 28.87
CA ASN A 159 -0.92 4.37 29.66
C ASN A 159 -2.28 4.14 29.03
N GLY A 160 -2.27 3.59 27.81
CA GLY A 160 -3.51 3.25 27.12
C GLY A 160 -4.21 4.41 26.46
N LEU A 161 -3.44 5.45 26.15
CA LEU A 161 -4.00 6.71 25.64
C LEU A 161 -3.98 6.86 24.11
N VAL A 162 -3.32 5.95 23.40
CA VAL A 162 -3.18 6.09 21.95
C VAL A 162 -4.49 5.80 21.21
N ASP A 163 -4.90 6.72 20.34
CA ASP A 163 -6.13 6.53 19.56
C ASP A 163 -5.84 5.69 18.32
N ALA A 164 -5.99 4.37 18.45
CA ALA A 164 -5.62 3.46 17.38
C ALA A 164 -6.58 3.54 16.16
N SER A 165 -7.72 4.20 16.34
CA SER A 165 -8.67 4.33 15.25
C SER A 165 -8.38 5.58 14.41
N ASP A 166 -7.37 6.35 14.81
CA ASP A 166 -7.06 7.59 14.12
C ASP A 166 -5.73 7.48 13.36
N PHE A 167 -5.24 6.25 13.18
CA PHE A 167 -4.01 6.05 12.42
C PHE A 167 -4.19 6.45 10.95
N ASP A 168 -3.07 6.79 10.30
CA ASP A 168 -3.08 7.08 8.86
C ASP A 168 -3.51 5.83 8.08
N ASP A 169 -3.97 6.01 6.85
CA ASP A 169 -4.52 4.89 6.07
C ASP A 169 -3.55 3.71 5.94
N GLU A 170 -2.26 3.99 5.80
CA GLU A 170 -1.29 2.92 5.64
C GLU A 170 -1.04 2.12 6.94
N ARG A 171 -1.61 2.57 8.05
CA ARG A 171 -1.47 1.85 9.32
C ARG A 171 -2.85 1.52 9.91
N ASN A 172 -3.86 1.61 9.05
CA ASN A 172 -5.22 1.34 9.47
C ASN A 172 -5.33 -0.07 10.02
N GLY A 173 -5.82 -0.20 11.25
CA GLY A 173 -6.01 -1.52 11.85
C GLY A 173 -4.75 -2.11 12.46
N TRP A 174 -3.62 -1.42 12.36
CA TRP A 174 -2.43 -1.90 13.05
C TRP A 174 -2.60 -1.79 14.56
N PRO A 175 -2.15 -2.83 15.29
CA PRO A 175 -2.03 -2.70 16.74
C PRO A 175 -1.00 -1.62 17.06
N VAL A 176 -1.23 -0.83 18.10
CA VAL A 176 -0.30 0.25 18.45
CA VAL A 176 -0.30 0.25 18.45
C VAL A 176 1.12 -0.27 18.64
N GLU A 177 1.24 -1.47 19.21
CA GLU A 177 2.56 -2.06 19.42
C GLU A 177 3.31 -2.33 18.11
N GLN A 178 2.57 -2.63 17.03
CA GLN A 178 3.20 -2.82 15.73
C GLN A 178 3.75 -1.49 15.21
N VAL A 179 3.00 -0.41 15.38
CA VAL A 179 3.49 0.91 14.95
C VAL A 179 4.78 1.24 15.69
N TRP A 180 4.78 0.97 17.00
CA TRP A 180 5.93 1.25 17.86
C TRP A 180 7.17 0.52 17.36
N LYS A 181 7.03 -0.78 17.19
CA LYS A 181 8.12 -1.63 16.71
C LYS A 181 8.61 -1.20 15.33
N GLU A 182 7.69 -1.00 14.38
CA GLU A 182 8.09 -0.65 13.01
C GLU A 182 8.76 0.72 12.94
N MET A 183 8.31 1.65 13.77
CA MET A 183 8.88 2.99 13.81
C MET A 183 10.37 2.97 14.22
N HIS A 184 10.72 2.05 15.12
CA HIS A 184 12.10 1.98 15.61
C HIS A 184 13.08 1.46 14.57
N LYS A 185 12.56 0.81 13.54
CA LYS A 185 13.41 0.33 12.46
C LYS A 185 13.94 1.46 11.58
N LEU A 186 13.28 2.62 11.61
CA LEU A 186 13.72 3.79 10.82
C LEU A 186 14.89 4.58 11.46
N LEU A 187 15.29 4.18 12.66
CA LEU A 187 16.33 4.87 13.43
C LEU A 187 17.66 4.12 13.28
N PRO A 188 18.80 4.83 13.41
CA PRO A 188 18.91 6.26 13.69
C PRO A 188 18.91 7.08 12.40
N PHE A 189 18.82 8.40 12.52
CA PHE A 189 19.02 9.28 11.37
C PHE A 189 19.76 10.53 11.81
N SER A 190 20.23 11.31 10.84
CA SER A 190 21.11 12.45 11.11
C SER A 190 20.45 13.52 11.97
N PRO A 191 21.18 14.02 12.97
CA PRO A 191 20.65 15.07 13.86
C PRO A 191 20.41 16.37 13.10
N ASP A 192 19.21 16.91 13.27
CA ASP A 192 18.92 18.26 12.79
C ASP A 192 18.12 18.94 13.89
N SER A 193 18.48 20.18 14.22
CA SER A 193 17.82 20.88 15.31
C SER A 193 17.41 22.26 14.90
N VAL A 194 16.10 22.51 14.85
CA VAL A 194 15.58 23.86 14.66
C VAL A 194 14.44 24.07 15.66
N VAL A 195 14.03 25.31 15.85
CA VAL A 195 12.87 25.62 16.66
C VAL A 195 11.63 25.16 15.87
N THR A 196 10.84 24.25 16.45
CA THR A 196 9.67 23.72 15.75
C THR A 196 8.36 24.04 16.46
N HIS A 197 7.26 23.99 15.71
CA HIS A 197 5.93 24.21 16.27
C HIS A 197 5.43 22.96 16.98
N GLY A 198 5.55 21.80 16.32
CA GLY A 198 5.19 20.55 16.97
C GLY A 198 3.85 19.97 16.55
N ASP A 199 2.94 20.83 16.08
CA ASP A 199 1.67 20.34 15.51
C ASP A 199 1.27 21.23 14.35
N PHE A 200 2.12 21.26 13.33
CA PHE A 200 2.02 22.22 12.24
C PHE A 200 1.02 21.70 11.20
N SER A 201 -0.24 21.62 11.61
CA SER A 201 -1.30 21.11 10.74
C SER A 201 -2.05 22.27 10.10
N LEU A 202 -2.92 21.96 9.12
CA LEU A 202 -3.72 22.99 8.48
C LEU A 202 -4.72 23.64 9.44
N ASP A 203 -5.01 22.98 10.56
CA ASP A 203 -5.94 23.52 11.55
C ASP A 203 -5.32 24.62 12.43
N ASN A 204 -4.00 24.68 12.47
CA ASN A 204 -3.29 25.53 13.46
C ASN A 204 -2.63 26.78 12.87
N LEU A 205 -2.93 27.05 11.61
CA LEU A 205 -2.43 28.24 10.93
C LEU A 205 -3.60 29.09 10.51
N ILE A 206 -3.56 30.38 10.80
CA ILE A 206 -4.73 31.24 10.61
C ILE A 206 -4.52 32.26 9.51
N PHE A 207 -5.46 32.29 8.55
CA PHE A 207 -5.44 33.23 7.43
C PHE A 207 -6.52 34.28 7.63
N ASP A 208 -6.21 35.52 7.29
CA ASP A 208 -7.21 36.59 7.36
C ASP A 208 -7.02 37.56 6.21
N GLU A 209 -8.10 37.83 5.50
CA GLU A 209 -8.07 38.73 4.35
C GLU A 209 -7.00 38.31 3.35
N GLY A 210 -6.84 37.00 3.19
CA GLY A 210 -5.92 36.46 2.20
C GLY A 210 -4.48 36.30 2.65
N LYS A 211 -4.19 36.66 3.90
CA LYS A 211 -2.83 36.59 4.40
C LYS A 211 -2.70 35.68 5.62
N LEU A 212 -1.59 34.96 5.70
CA LEU A 212 -1.29 34.13 6.85
C LEU A 212 -0.82 35.01 8.01
N ILE A 213 -1.64 35.17 9.03
CA ILE A 213 -1.31 36.13 10.07
C ILE A 213 -0.86 35.54 11.41
N GLY A 214 -0.97 34.23 11.57
CA GLY A 214 -0.48 33.66 12.82
C GLY A 214 -0.68 32.17 13.00
N CYS A 215 -0.07 31.63 14.05
CA CYS A 215 -0.25 30.22 14.37
C CYS A 215 -0.77 30.06 15.78
N ILE A 216 -1.40 28.91 16.06
CA ILE A 216 -2.00 28.67 17.35
C ILE A 216 -1.60 27.28 17.81
N ASP A 217 -2.00 26.92 19.03
CA ASP A 217 -1.80 25.58 19.58
C ASP A 217 -0.32 25.19 19.67
N VAL A 218 0.43 25.94 20.46
CA VAL A 218 1.90 25.86 20.45
C VAL A 218 2.47 25.07 21.62
N GLY A 219 1.66 24.19 22.21
CA GLY A 219 2.08 23.44 23.39
C GLY A 219 3.19 22.45 23.19
N ARG A 220 3.50 22.12 21.95
CA ARG A 220 4.60 21.19 21.64
C ARG A 220 5.84 21.91 21.08
N VAL A 221 5.82 23.24 21.08
CA VAL A 221 6.98 24.00 20.62
C VAL A 221 8.27 23.57 21.33
N GLY A 222 9.34 23.43 20.53
CA GLY A 222 10.66 23.24 21.07
C GLY A 222 11.65 22.84 20.00
N ILE A 223 12.90 22.64 20.42
CA ILE A 223 13.94 22.22 19.51
C ILE A 223 13.70 20.76 19.07
N ALA A 224 13.65 20.53 17.76
CA ALA A 224 13.42 19.21 17.16
C ALA A 224 13.86 19.20 15.69
N ASP A 225 13.69 18.06 15.02
CA ASP A 225 14.04 17.97 13.60
C ASP A 225 13.01 18.77 12.80
N ARG A 226 13.45 19.52 11.78
CA ARG A 226 12.50 20.29 10.95
C ARG A 226 11.40 19.41 10.36
N TYR A 227 11.70 18.12 10.16
CA TYR A 227 10.67 17.22 9.64
C TYR A 227 9.51 16.99 10.60
N GLN A 228 9.69 17.33 11.88
CA GLN A 228 8.55 17.29 12.80
C GLN A 228 7.39 18.14 12.26
N ASP A 229 7.73 19.32 11.76
CA ASP A 229 6.71 20.22 11.18
C ASP A 229 6.39 19.88 9.71
N LEU A 230 7.42 19.64 8.89
CA LEU A 230 7.17 19.33 7.48
C LEU A 230 6.29 18.09 7.33
N ALA A 231 6.51 17.08 8.16
CA ALA A 231 5.77 15.80 7.99
C ALA A 231 4.30 15.96 8.27
N ILE A 232 3.99 16.62 9.37
CA ILE A 232 2.59 16.78 9.74
C ILE A 232 1.85 17.59 8.69
N LEU A 233 2.45 18.67 8.22
CA LEU A 233 1.80 19.48 7.20
C LEU A 233 1.67 18.72 5.87
N TRP A 234 2.72 18.01 5.49
CA TRP A 234 2.72 17.23 4.26
C TRP A 234 1.58 16.21 4.29
N ASN A 235 1.39 15.59 5.45
CA ASN A 235 0.30 14.63 5.64
C ASN A 235 -1.05 15.30 5.44
N CYS A 236 -1.24 16.47 6.04
CA CYS A 236 -2.50 17.22 5.88
C CYS A 236 -2.80 17.55 4.42
N LEU A 237 -1.78 17.99 3.69
CA LEU A 237 -1.93 18.34 2.28
C LEU A 237 -2.29 17.12 1.41
N GLY A 238 -1.93 15.93 1.89
CA GLY A 238 -2.29 14.69 1.21
C GLY A 238 -3.77 14.41 1.11
N GLU A 239 -4.58 15.14 1.88
CA GLU A 239 -6.03 15.04 1.77
C GLU A 239 -6.50 15.73 0.50
N PHE A 240 -5.70 16.68 0.02
CA PHE A 240 -6.06 17.54 -1.10
C PHE A 240 -5.39 17.17 -2.44
N SER A 241 -4.06 17.16 -2.49
CA SER A 241 -3.34 16.77 -3.71
C SER A 241 -1.86 16.49 -3.54
N PRO A 242 -1.34 15.54 -4.33
CA PRO A 242 0.09 15.22 -4.32
C PRO A 242 0.91 16.43 -4.80
N SER A 243 0.35 17.23 -5.70
CA SER A 243 1.08 18.40 -6.16
C SER A 243 1.23 19.48 -5.07
N LEU A 244 0.22 19.65 -4.22
CA LEU A 244 0.37 20.58 -3.08
C LEU A 244 1.41 20.04 -2.08
N GLN A 245 1.42 18.73 -1.88
CA GLN A 245 2.43 18.12 -1.00
C GLN A 245 3.85 18.36 -1.52
N LYS A 246 4.04 18.17 -2.82
CA LYS A 246 5.35 18.34 -3.45
C LYS A 246 5.75 19.81 -3.39
N ARG A 247 4.79 20.70 -3.63
CA ARG A 247 5.06 22.13 -3.64
C ARG A 247 5.55 22.63 -2.28
N LEU A 248 5.06 22.02 -1.20
CA LEU A 248 5.50 22.41 0.13
C LEU A 248 7.01 22.28 0.24
N PHE A 249 7.55 21.13 -0.17
CA PHE A 249 8.99 20.92 -0.09
C PHE A 249 9.74 21.81 -1.07
N GLN A 250 9.19 21.99 -2.27
CA GLN A 250 9.84 22.85 -3.27
C GLN A 250 9.96 24.30 -2.79
N LYS A 251 8.89 24.86 -2.24
CA LYS A 251 8.93 26.23 -1.75
C LYS A 251 9.83 26.34 -0.53
N TYR A 252 9.78 25.33 0.35
CA TYR A 252 10.64 25.35 1.55
C TYR A 252 12.12 25.30 1.18
N GLY A 253 12.42 24.59 0.10
CA GLY A 253 13.76 24.53 -0.45
C GLY A 253 14.50 23.21 -0.27
N ILE A 254 13.76 22.11 -0.18
CA ILE A 254 14.40 20.80 -0.10
C ILE A 254 14.27 20.07 -1.45
N ASP A 255 15.40 19.63 -2.01
CA ASP A 255 15.41 19.01 -3.34
C ASP A 255 14.81 17.62 -3.31
N ASN A 256 15.20 16.87 -2.29
CA ASN A 256 14.86 15.46 -2.16
C ASN A 256 14.32 15.18 -0.77
N PRO A 257 13.02 15.31 -0.60
CA PRO A 257 12.39 15.01 0.69
C PRO A 257 12.90 13.68 1.23
N ASP A 258 13.32 13.70 2.49
CA ASP A 258 13.87 12.53 3.15
C ASP A 258 12.69 11.64 3.58
N MET A 259 12.41 10.61 2.80
CA MET A 259 11.22 9.78 3.05
C MET A 259 11.30 8.98 4.33
N ASN A 260 12.51 8.60 4.73
CA ASN A 260 12.73 7.98 6.03
C ASN A 260 12.32 8.88 7.20
N LYS A 261 12.81 10.13 7.23
CA LYS A 261 12.42 11.07 8.28
C LYS A 261 10.96 11.44 8.20
N LEU A 262 10.44 11.54 6.99
CA LEU A 262 9.05 11.85 6.81
C LEU A 262 8.23 10.73 7.44
N GLN A 263 8.57 9.47 7.13
CA GLN A 263 7.79 8.35 7.66
C GLN A 263 7.95 8.26 9.17
N PHE A 264 9.17 8.44 9.67
CA PHE A 264 9.36 8.43 11.12
C PHE A 264 8.45 9.41 11.86
N HIS A 265 8.43 10.67 11.44
CA HIS A 265 7.64 11.68 12.14
C HIS A 265 6.13 11.48 11.97
N LEU A 266 5.71 10.89 10.86
CA LEU A 266 4.28 10.55 10.74
C LEU A 266 3.90 9.41 11.67
N MET A 267 4.73 8.39 11.74
CA MET A 267 4.49 7.31 12.69
C MET A 267 4.49 7.83 14.13
N LEU A 268 5.41 8.74 14.45
CA LEU A 268 5.50 9.25 15.81
C LEU A 268 4.22 10.00 16.20
N ASP A 269 3.66 10.74 15.24
CA ASP A 269 2.48 11.53 15.53
C ASP A 269 1.26 10.63 15.76
N GLU A 270 1.34 9.37 15.35
CA GLU A 270 0.26 8.41 15.60
C GLU A 270 -0.01 8.23 17.09
N PHE A 271 0.99 8.50 17.91
CA PHE A 271 0.90 8.27 19.36
C PHE A 271 0.32 9.45 20.11
N PHE A 272 0.02 10.52 19.38
CA PHE A 272 -0.36 11.75 20.03
C PHE A 272 -1.75 12.21 19.68
N ILE B 5 -13.38 18.19 11.61
CA ILE B 5 -14.02 19.41 11.13
C ILE B 5 -14.68 20.15 12.29
N GLN B 6 -14.34 21.43 12.44
CA GLN B 6 -14.83 22.24 13.54
C GLN B 6 -16.34 22.36 13.60
N ARG B 7 -16.86 22.43 14.82
CA ARG B 7 -18.26 22.69 15.10
C ARG B 7 -18.36 23.31 16.49
N GLU B 8 -19.28 24.25 16.65
CA GLU B 8 -19.37 25.06 17.86
C GLU B 8 -20.73 24.94 18.53
N THR B 9 -20.73 24.88 19.86
CA THR B 9 -21.97 24.76 20.62
C THR B 9 -22.10 25.90 21.63
N SER B 10 -23.22 26.59 21.62
CA SER B 10 -23.48 27.61 22.65
C SER B 10 -23.63 26.93 24.02
N CYS B 11 -23.27 27.63 25.08
CA CYS B 11 -23.20 27.01 26.39
C CYS B 11 -23.39 28.00 27.53
N SER B 12 -23.21 27.48 28.74
CA SER B 12 -23.27 28.29 29.96
C SER B 12 -21.85 28.65 30.38
N ARG B 13 -21.73 29.65 31.25
CA ARG B 13 -20.42 30.03 31.77
C ARG B 13 -20.07 29.14 32.96
N PRO B 14 -18.87 28.56 32.94
CA PRO B 14 -18.36 27.81 34.10
C PRO B 14 -17.61 28.77 35.02
N ARG B 15 -16.91 28.25 36.01
CA ARG B 15 -16.11 29.06 36.91
C ARG B 15 -14.99 29.79 36.17
N GLY B 26 -6.66 34.04 56.05
CA GLY B 26 -6.02 34.84 57.08
C GLY B 26 -4.66 34.27 57.47
N TYR B 27 -3.61 35.06 57.26
CA TYR B 27 -2.24 34.58 57.49
C TYR B 27 -1.36 35.67 58.09
N ARG B 28 -0.19 35.27 58.57
CA ARG B 28 0.83 36.24 59.01
C ARG B 28 1.81 36.49 57.87
N TRP B 29 1.81 37.73 57.36
CA TRP B 29 2.64 38.07 56.20
C TRP B 29 4.00 38.64 56.61
N ALA B 30 5.05 38.06 56.07
CA ALA B 30 6.42 38.39 56.46
C ALA B 30 7.35 38.44 55.25
N ARG B 31 7.85 39.63 54.92
CA ARG B 31 8.65 39.80 53.71
C ARG B 31 10.12 39.38 53.85
N ASP B 32 10.63 38.70 52.83
CA ASP B 32 12.05 38.40 52.68
C ASP B 32 12.48 39.02 51.33
N ASN B 33 13.77 39.29 51.12
CA ASN B 33 14.84 39.12 52.10
C ASN B 33 15.44 40.48 52.39
N GLY B 38 15.11 38.90 41.33
CA GLY B 38 14.67 39.93 42.26
C GLY B 38 13.15 39.89 42.47
N ALA B 39 12.62 38.70 42.68
CA ALA B 39 11.20 38.54 42.96
C ALA B 39 10.90 38.87 44.40
N THR B 40 9.76 39.54 44.64
CA THR B 40 9.30 39.81 45.99
C THR B 40 8.83 38.52 46.63
N ILE B 41 9.42 38.18 47.79
CA ILE B 41 9.09 36.93 48.45
C ILE B 41 8.38 37.18 49.76
N TYR B 42 7.16 36.66 49.89
CA TYR B 42 6.43 36.74 51.15
C TYR B 42 6.41 35.37 51.81
N ARG B 43 6.36 35.35 53.15
CA ARG B 43 6.13 34.10 53.88
C ARG B 43 4.81 34.16 54.62
N LEU B 44 4.00 33.12 54.47
CA LEU B 44 2.68 33.05 55.10
C LEU B 44 2.66 31.99 56.19
N TYR B 45 2.69 32.43 57.45
CA TYR B 45 2.77 31.49 58.57
C TYR B 45 1.74 31.78 59.66
N GLY B 46 1.68 30.89 60.65
CA GLY B 46 0.85 31.09 61.83
C GLY B 46 -0.65 31.01 61.64
N LYS B 47 -1.10 30.10 60.77
CA LYS B 47 -2.53 29.86 60.62
C LYS B 47 -2.90 28.49 61.16
N PRO B 48 -3.90 28.43 62.05
CA PRO B 48 -4.34 27.18 62.67
C PRO B 48 -4.89 26.21 61.63
N ASN B 49 -4.48 24.94 61.72
CA ASN B 49 -4.90 23.90 60.78
C ASN B 49 -4.50 24.19 59.34
N ALA B 50 -3.42 24.94 59.16
CA ALA B 50 -2.97 25.33 57.83
C ALA B 50 -1.46 25.34 57.73
N PRO B 51 -0.92 24.91 56.57
CA PRO B 51 0.53 24.80 56.40
C PRO B 51 1.17 26.15 56.08
N GLU B 52 2.44 26.31 56.46
CA GLU B 52 3.22 27.49 56.13
C GLU B 52 3.41 27.57 54.63
N LEU B 53 3.22 28.75 54.05
CA LEU B 53 3.33 28.95 52.61
C LEU B 53 4.28 30.08 52.26
N PHE B 54 4.78 30.06 51.03
CA PHE B 54 5.56 31.15 50.46
C PHE B 54 4.87 31.70 49.22
N LEU B 55 4.97 33.00 49.03
CA LEU B 55 4.41 33.64 47.83
C LEU B 55 5.51 34.43 47.12
N LYS B 56 5.73 34.13 45.84
CA LYS B 56 6.63 34.93 45.02
C LYS B 56 5.83 35.82 44.08
N HIS B 57 6.15 37.10 44.08
CA HIS B 57 5.57 38.04 43.13
C HIS B 57 6.65 38.58 42.22
N GLY B 58 6.44 38.43 40.92
CA GLY B 58 7.33 38.97 39.92
C GLY B 58 6.62 39.96 39.02
N LYS B 59 7.27 41.10 38.76
CA LYS B 59 6.71 42.07 37.84
C LYS B 59 7.65 42.26 36.66
N GLY B 60 7.10 42.59 35.50
CA GLY B 60 7.89 42.79 34.29
C GLY B 60 8.77 41.60 33.95
N SER B 61 10.06 41.85 33.77
CA SER B 61 11.03 40.79 33.49
C SER B 61 10.97 39.67 34.54
N VAL B 62 10.80 40.06 35.79
CA VAL B 62 10.83 39.11 36.90
C VAL B 62 9.62 38.17 36.85
N ALA B 63 8.53 38.60 36.21
CA ALA B 63 7.36 37.72 36.05
C ALA B 63 7.71 36.50 35.22
N ASN B 64 8.59 36.69 34.23
CA ASN B 64 9.04 35.57 33.42
C ASN B 64 9.89 34.59 34.22
N ASP B 65 10.72 35.11 35.12
CA ASP B 65 11.53 34.27 36.00
C ASP B 65 10.65 33.44 36.91
N VAL B 66 9.60 34.05 37.45
CA VAL B 66 8.70 33.35 38.36
C VAL B 66 7.91 32.29 37.59
N THR B 67 7.52 32.62 36.36
CA THR B 67 6.84 31.68 35.46
C THR B 67 7.73 30.48 35.12
N ASP B 68 9.00 30.75 34.80
CA ASP B 68 10.01 29.70 34.62
C ASP B 68 10.08 28.74 35.80
N GLU B 69 10.02 29.27 37.02
CA GLU B 69 10.10 28.38 38.17
C GLU B 69 8.85 27.55 38.28
N MET B 70 7.70 28.19 38.06
CA MET B 70 6.42 27.49 38.19
C MET B 70 6.40 26.23 37.30
N VAL B 71 6.83 26.34 36.06
CA VAL B 71 6.73 25.18 35.17
CA VAL B 71 6.72 25.19 35.17
C VAL B 71 7.75 24.11 35.45
N ARG B 72 8.91 24.50 35.94
CA ARG B 72 9.93 23.53 36.29
C ARG B 72 9.56 22.82 37.60
N LEU B 73 8.92 23.55 38.52
CA LEU B 73 8.39 22.96 39.75
C LEU B 73 7.32 21.94 39.36
N ASN B 74 6.43 22.36 38.46
CA ASN B 74 5.33 21.53 37.96
C ASN B 74 5.82 20.22 37.31
N TRP B 75 6.95 20.30 36.63
CA TRP B 75 7.52 19.14 35.94
C TRP B 75 8.31 18.23 36.88
N LEU B 76 9.33 18.78 37.52
CA LEU B 76 10.29 18.01 38.30
C LEU B 76 9.66 17.36 39.55
N THR B 77 8.48 17.84 39.95
CA THR B 77 7.83 17.30 41.14
C THR B 77 7.46 15.82 40.96
N ALA B 78 7.40 15.35 39.72
CA ALA B 78 7.14 13.94 39.49
C ALA B 78 8.35 13.08 39.84
N PHE B 79 9.51 13.72 40.04
CA PHE B 79 10.77 13.00 40.17
C PHE B 79 11.53 13.28 41.47
N MET B 80 11.35 14.46 42.04
CA MET B 80 12.12 14.91 43.19
C MET B 80 11.19 15.54 44.23
N PRO B 81 11.62 15.62 45.50
CA PRO B 81 10.80 16.34 46.49
C PRO B 81 10.97 17.84 46.38
N LEU B 82 9.87 18.56 46.14
CA LEU B 82 9.91 19.99 45.87
C LEU B 82 8.72 20.64 46.55
N PRO B 83 8.75 21.98 46.69
CA PRO B 83 7.55 22.67 47.19
C PRO B 83 6.38 22.42 46.23
N THR B 84 5.21 22.22 46.80
CA THR B 84 3.99 21.99 46.04
C THR B 84 3.39 23.30 45.59
N ILE B 85 2.91 23.35 44.35
CA ILE B 85 2.25 24.56 43.85
C ILE B 85 0.80 24.58 44.32
N LYS B 86 0.48 25.55 45.15
CA LYS B 86 -0.87 25.66 45.66
C LYS B 86 -1.70 26.53 44.72
N HIS B 87 -1.09 27.57 44.17
CA HIS B 87 -1.78 28.47 43.27
C HIS B 87 -0.78 29.27 42.44
N PHE B 88 -1.11 29.51 41.17
CA PHE B 88 -0.28 30.37 40.31
C PHE B 88 -1.16 31.23 39.43
N ILE B 89 -0.77 32.49 39.27
CA ILE B 89 -1.51 33.42 38.44
C ILE B 89 -0.53 34.19 37.56
N ARG B 90 -0.85 34.29 36.27
CA ARG B 90 -0.06 35.10 35.35
C ARG B 90 -0.97 36.08 34.62
N THR B 91 -0.65 37.35 34.70
CA THR B 91 -1.29 38.38 33.90
C THR B 91 -0.16 38.97 33.05
N PRO B 92 -0.46 39.87 32.10
CA PRO B 92 0.63 40.30 31.22
C PRO B 92 1.91 40.81 31.92
N ASP B 93 1.78 41.50 33.04
CA ASP B 93 2.97 42.10 33.66
C ASP B 93 3.31 41.57 35.05
N ASP B 94 2.52 40.60 35.53
CA ASP B 94 2.70 40.06 36.87
C ASP B 94 2.58 38.56 36.92
N ALA B 95 3.31 37.96 37.86
CA ALA B 95 3.20 36.53 38.13
C ALA B 95 3.19 36.34 39.64
N TRP B 96 2.26 35.52 40.11
CA TRP B 96 2.17 35.20 41.53
C TRP B 96 2.27 33.71 41.69
N LEU B 97 3.26 33.25 42.44
CA LEU B 97 3.46 31.82 42.66
C LEU B 97 3.33 31.51 44.15
N LEU B 98 2.28 30.74 44.50
CA LEU B 98 2.04 30.33 45.88
C LEU B 98 2.42 28.86 46.07
N THR B 99 3.38 28.61 46.95
CA THR B 99 3.86 27.26 47.17
C THR B 99 3.85 26.92 48.66
N THR B 100 3.82 25.62 48.95
CA THR B 100 3.93 25.14 50.32
C THR B 100 5.41 25.21 50.73
N ALA B 101 5.66 25.54 51.99
CA ALA B 101 7.03 25.60 52.48
C ALA B 101 7.55 24.21 52.79
N ILE B 102 8.81 23.96 52.47
CA ILE B 102 9.50 22.76 52.94
C ILE B 102 10.13 23.09 54.29
N PRO B 103 9.70 22.40 55.37
CA PRO B 103 10.19 22.75 56.70
C PRO B 103 11.67 22.39 56.91
N GLY B 104 12.40 23.21 57.67
CA GLY B 104 13.78 22.92 57.97
C GLY B 104 14.77 24.04 57.73
N LYS B 105 16.05 23.70 57.76
CA LYS B 105 17.13 24.67 57.61
C LYS B 105 17.84 24.40 56.29
N THR B 106 18.59 25.37 55.79
CA THR B 106 19.35 25.15 54.56
C THR B 106 20.59 24.34 54.89
N ALA B 107 21.16 23.69 53.89
CA ALA B 107 22.41 22.95 54.03
C ALA B 107 23.52 23.86 54.51
N PHE B 108 23.48 25.12 54.08
CA PHE B 108 24.42 26.12 54.58
C PHE B 108 24.25 26.26 56.10
N GLN B 109 23.00 26.45 56.53
CA GLN B 109 22.67 26.62 57.93
C GLN B 109 23.09 25.42 58.80
N VAL B 110 22.95 24.21 58.30
CA VAL B 110 23.28 23.04 59.11
C VAL B 110 24.78 22.78 59.08
N LEU B 111 25.44 23.18 57.99
CA LEU B 111 26.89 23.06 57.94
C LEU B 111 27.52 24.01 58.96
N GLU B 112 26.89 25.17 59.14
CA GLU B 112 27.37 26.16 60.11
C GLU B 112 27.09 25.72 61.54
N GLU B 113 25.89 25.20 61.76
CA GLU B 113 25.43 24.85 63.10
C GLU B 113 26.02 23.53 63.61
N TYR B 114 26.23 22.59 62.70
CA TYR B 114 26.73 21.27 63.07
C TYR B 114 28.00 20.88 62.33
N PRO B 115 29.13 21.53 62.65
CA PRO B 115 30.41 21.28 61.97
C PRO B 115 30.84 19.80 62.01
N ASP B 116 30.59 19.13 63.13
CA ASP B 116 30.94 17.72 63.29
C ASP B 116 30.11 16.80 62.39
N SER B 117 29.03 17.33 61.81
CA SER B 117 28.18 16.56 60.91
C SER B 117 28.47 16.87 59.44
N GLY B 118 29.56 17.59 59.20
CA GLY B 118 29.95 18.00 57.87
C GLY B 118 30.02 16.89 56.85
N GLU B 119 30.76 15.82 57.18
CA GLU B 119 30.87 14.68 56.30
C GLU B 119 29.53 14.01 56.01
N ASN B 120 28.69 13.89 57.03
CA ASN B 120 27.34 13.34 56.85
C ASN B 120 26.49 14.22 55.93
N ILE B 121 26.63 15.53 56.13
CA ILE B 121 25.88 16.48 55.33
C ILE B 121 26.26 16.37 53.86
N VAL B 122 27.56 16.36 53.57
CA VAL B 122 28.05 16.25 52.20
C VAL B 122 27.66 14.91 51.57
N ASP B 123 27.69 13.84 52.36
CA ASP B 123 27.28 12.53 51.87
C ASP B 123 25.85 12.56 51.38
N ALA B 124 24.98 13.23 52.14
CA ALA B 124 23.57 13.33 51.78
C ALA B 124 23.39 14.17 50.52
N LEU B 125 24.16 15.25 50.41
CA LEU B 125 24.12 16.10 49.23
C LEU B 125 24.50 15.31 47.98
N ALA B 126 25.51 14.46 48.11
CA ALA B 126 25.99 13.67 46.97
C ALA B 126 24.93 12.66 46.50
N VAL B 127 24.31 11.98 47.45
CA VAL B 127 23.22 11.07 47.15
C VAL B 127 22.06 11.76 46.44
N PHE B 128 21.65 12.91 46.97
CA PHE B 128 20.58 13.70 46.36
C PHE B 128 20.93 14.12 44.93
N LEU B 129 22.15 14.60 44.73
CA LEU B 129 22.59 15.03 43.40
C LEU B 129 22.68 13.86 42.41
N ARG B 130 23.16 12.71 42.89
CA ARG B 130 23.15 11.49 42.09
C ARG B 130 21.74 11.14 41.65
N ARG B 131 20.78 11.29 42.55
N ARG B 131 20.78 11.30 42.56
CA ARG B 131 19.38 11.01 42.23
CA ARG B 131 19.38 11.04 42.26
C ARG B 131 18.84 11.93 41.13
C ARG B 131 18.85 11.93 41.14
N LEU B 132 19.09 13.23 41.28
CA LEU B 132 18.66 14.19 40.28
C LEU B 132 19.27 13.87 38.92
N HIS B 133 20.58 13.63 38.92
CA HIS B 133 21.29 13.35 37.68
C HIS B 133 20.97 11.98 37.09
N SER B 134 20.22 11.15 37.82
CA SER B 134 19.83 9.83 37.34
C SER B 134 18.51 9.84 36.58
N ILE B 135 17.80 10.96 36.62
CA ILE B 135 16.56 11.07 35.86
C ILE B 135 16.91 11.01 34.37
N PRO B 136 16.35 10.03 33.64
CA PRO B 136 16.66 9.93 32.21
C PRO B 136 16.37 11.25 31.50
N VAL B 137 17.27 11.73 30.65
CA VAL B 137 17.09 13.06 30.08
C VAL B 137 15.93 13.08 29.10
N CYS B 138 15.55 11.91 28.61
CA CYS B 138 14.39 11.81 27.71
C CYS B 138 13.09 12.29 28.36
N ASN B 139 13.10 12.45 29.69
CA ASN B 139 11.94 12.96 30.41
C ASN B 139 11.84 14.47 30.47
N CYS B 140 12.94 15.17 30.17
CA CYS B 140 13.03 16.61 30.48
C CYS B 140 12.74 17.53 29.29
N PRO B 141 11.72 18.41 29.41
CA PRO B 141 11.35 19.26 28.28
C PRO B 141 12.09 20.60 28.28
N PHE B 142 13.04 20.77 29.20
CA PHE B 142 13.75 22.05 29.35
C PHE B 142 15.21 21.96 28.93
N ASN B 143 15.62 22.91 28.09
CA ASN B 143 16.98 23.05 27.59
C ASN B 143 17.76 24.05 28.44
N SER B 144 18.84 23.59 29.09
CA SER B 144 19.74 24.49 29.82
C SER B 144 21.17 24.39 29.34
N ASP B 145 21.38 24.03 28.07
CA ASP B 145 22.74 23.73 27.63
C ASP B 145 23.59 24.98 27.51
N ARG B 146 24.88 24.78 27.30
CA ARG B 146 25.79 25.91 27.37
C ARG B 146 25.57 26.93 26.26
N VAL B 147 25.12 26.47 25.09
CA VAL B 147 24.84 27.41 24.00
C VAL B 147 23.74 28.39 24.41
N PHE B 148 22.69 27.85 25.01
CA PHE B 148 21.58 28.63 25.52
C PHE B 148 22.04 29.56 26.66
N ARG B 149 22.79 29.01 27.61
CA ARG B 149 23.25 29.80 28.76
C ARG B 149 24.29 30.86 28.36
N LEU B 150 25.17 30.53 27.42
CA LEU B 150 26.17 31.51 27.00
C LEU B 150 25.50 32.72 26.34
N ALA B 151 24.47 32.48 25.53
CA ALA B 151 23.73 33.58 24.90
C ALA B 151 23.06 34.45 25.97
N GLN B 152 22.51 33.82 27.00
CA GLN B 152 21.92 34.57 28.10
C GLN B 152 22.99 35.40 28.80
N ALA B 153 24.14 34.79 29.05
CA ALA B 153 25.24 35.49 29.73
C ALA B 153 25.72 36.69 28.91
N GLN B 154 25.80 36.51 27.60
CA GLN B 154 26.24 37.59 26.73
C GLN B 154 25.27 38.77 26.79
N SER B 155 23.98 38.46 26.74
CA SER B 155 22.96 39.49 26.88
C SER B 155 23.09 40.22 28.23
N ARG B 156 23.31 39.47 29.31
CA ARG B 156 23.45 40.08 30.63
C ARG B 156 24.68 40.99 30.72
N MET B 157 25.75 40.61 30.02
CA MET B 157 26.96 41.40 29.99
C MET B 157 26.72 42.72 29.24
N ASN B 158 26.19 42.61 28.03
CA ASN B 158 25.97 43.77 27.16
C ASN B 158 25.00 44.76 27.76
N ASN B 159 24.08 44.24 28.57
CA ASN B 159 23.05 45.06 29.20
C ASN B 159 23.44 45.59 30.58
N GLY B 160 24.72 45.40 30.93
CA GLY B 160 25.24 45.87 32.20
C GLY B 160 24.57 45.27 33.43
N LEU B 161 24.13 44.02 33.33
CA LEU B 161 23.43 43.37 34.44
C LEU B 161 24.32 42.49 35.33
N VAL B 162 25.58 42.30 34.94
CA VAL B 162 26.46 41.40 35.67
C VAL B 162 26.99 42.05 36.94
N ASP B 163 26.86 41.35 38.06
CA ASP B 163 27.34 41.87 39.34
C ASP B 163 28.84 41.58 39.52
N ALA B 164 29.68 42.50 39.06
CA ALA B 164 31.12 42.27 39.08
C ALA B 164 31.70 42.19 40.49
N SER B 165 31.01 42.77 41.47
CA SER B 165 31.50 42.76 42.84
C SER B 165 31.28 41.41 43.52
N ASP B 166 30.57 40.50 42.84
CA ASP B 166 30.20 39.23 43.47
C ASP B 166 30.97 38.06 42.84
N PHE B 167 32.02 38.38 42.09
CA PHE B 167 32.86 37.36 41.46
C PHE B 167 33.58 36.53 42.53
N ASP B 168 33.93 35.29 42.19
CA ASP B 168 34.71 34.44 43.09
C ASP B 168 36.07 35.09 43.34
N ASP B 169 36.75 34.62 44.38
CA ASP B 169 38.03 35.21 44.80
C ASP B 169 39.09 35.30 43.70
N GLU B 170 39.24 34.24 42.91
CA GLU B 170 40.25 34.25 41.86
C GLU B 170 39.92 35.17 40.69
N ARG B 171 38.74 35.77 40.70
CA ARG B 171 38.36 36.74 39.69
C ARG B 171 38.02 38.11 40.27
N ASN B 172 38.43 38.31 41.52
CA ASN B 172 38.24 39.54 42.26
C ASN B 172 38.70 40.76 41.48
N GLY B 173 37.80 41.71 41.28
CA GLY B 173 38.12 42.93 40.55
C GLY B 173 38.27 42.82 39.04
N TRP B 174 38.07 41.63 38.47
CA TRP B 174 38.13 41.50 37.01
C TRP B 174 36.99 42.24 36.35
N PRO B 175 37.27 42.88 35.21
CA PRO B 175 36.15 43.40 34.42
C PRO B 175 35.34 42.24 33.84
N VAL B 176 34.03 42.44 33.68
CA VAL B 176 33.15 41.40 33.14
C VAL B 176 33.70 40.88 31.81
N GLU B 177 34.12 41.80 30.94
CA GLU B 177 34.66 41.40 29.64
C GLU B 177 35.83 40.40 29.76
N GLN B 178 36.67 40.54 30.77
CA GLN B 178 37.76 39.57 30.97
C GLN B 178 37.27 38.16 31.34
N VAL B 179 36.28 38.10 32.22
CA VAL B 179 35.67 36.81 32.55
C VAL B 179 35.16 36.16 31.26
N TRP B 180 34.42 36.92 30.48
CA TRP B 180 33.84 36.43 29.22
C TRP B 180 34.93 35.84 28.30
N LYS B 181 35.96 36.63 28.03
CA LYS B 181 37.09 36.17 27.21
C LYS B 181 37.78 34.92 27.76
N GLU B 182 38.11 34.93 29.05
CA GLU B 182 38.84 33.81 29.63
C GLU B 182 38.00 32.53 29.71
N MET B 183 36.70 32.69 29.90
CA MET B 183 35.80 31.53 29.93
C MET B 183 35.85 30.81 28.58
N HIS B 184 35.95 31.58 27.51
CA HIS B 184 35.95 31.01 26.16
C HIS B 184 37.25 30.30 25.79
N LYS B 185 38.34 30.58 26.51
CA LYS B 185 39.58 29.82 26.34
C LYS B 185 39.42 28.36 26.79
N LEU B 186 38.44 28.11 27.66
CA LEU B 186 38.17 26.76 28.16
C LEU B 186 37.27 25.92 27.24
N LEU B 187 36.80 26.52 26.14
CA LEU B 187 35.93 25.80 25.20
C LEU B 187 36.71 25.35 23.97
N PRO B 188 36.29 24.23 23.34
CA PRO B 188 35.11 23.43 23.66
C PRO B 188 35.42 22.26 24.60
N PHE B 189 34.38 21.63 25.12
CA PHE B 189 34.50 20.35 25.79
C PHE B 189 33.25 19.53 25.44
N SER B 190 33.35 18.22 25.56
CA SER B 190 32.22 17.36 25.21
C SER B 190 31.21 17.39 26.35
N PRO B 191 29.94 17.67 26.03
CA PRO B 191 28.92 17.77 27.07
C PRO B 191 28.57 16.41 27.65
N ASP B 192 28.37 16.37 28.96
CA ASP B 192 27.95 15.15 29.64
C ASP B 192 26.59 15.45 30.22
N SER B 193 25.57 15.37 29.38
CA SER B 193 24.28 15.98 29.68
C SER B 193 23.37 15.18 30.62
N VAL B 194 22.86 15.84 31.65
CA VAL B 194 21.92 15.25 32.60
C VAL B 194 20.87 16.29 32.93
N VAL B 195 19.83 15.87 33.64
CA VAL B 195 18.89 16.82 34.21
C VAL B 195 19.61 17.57 35.33
N THR B 196 19.75 18.89 35.19
CA THR B 196 20.44 19.67 36.23
C THR B 196 19.48 20.62 36.95
N HIS B 197 19.84 21.01 38.17
CA HIS B 197 19.07 21.97 38.96
C HIS B 197 19.33 23.41 38.46
N GLY B 198 20.59 23.72 38.16
CA GLY B 198 20.93 25.03 37.62
C GLY B 198 21.38 26.05 38.67
N ASP B 199 21.01 25.84 39.93
CA ASP B 199 21.56 26.64 41.03
C ASP B 199 21.70 25.80 42.30
N PHE B 200 22.50 24.74 42.18
CA PHE B 200 22.61 23.74 43.24
C PHE B 200 23.57 24.22 44.34
N SER B 201 23.19 25.29 45.01
CA SER B 201 24.01 25.87 46.06
C SER B 201 23.53 25.37 47.43
N LEU B 202 24.27 25.73 48.48
CA LEU B 202 23.93 25.28 49.82
C LEU B 202 22.65 25.96 50.33
N ASP B 203 22.32 27.11 49.75
CA ASP B 203 21.09 27.84 50.11
C ASP B 203 19.82 27.14 49.62
N ASN B 204 19.95 26.31 48.59
CA ASN B 204 18.77 25.77 47.89
C ASN B 204 18.39 24.34 48.25
N LEU B 205 19.08 23.77 49.23
CA LEU B 205 18.81 22.42 49.68
C LEU B 205 18.40 22.47 51.15
N ILE B 206 17.30 21.80 51.47
CA ILE B 206 16.67 21.91 52.78
C ILE B 206 16.77 20.60 53.57
N PHE B 207 17.28 20.70 54.80
CA PHE B 207 17.41 19.59 55.72
C PHE B 207 16.38 19.72 56.83
N ASP B 208 15.78 18.61 57.22
CA ASP B 208 14.90 18.57 58.38
C ASP B 208 15.05 17.23 59.09
N GLU B 209 15.17 17.26 60.42
CA GLU B 209 15.38 16.03 61.21
C GLU B 209 16.58 15.22 60.72
N GLY B 210 17.63 15.90 60.30
CA GLY B 210 18.86 15.23 59.90
C GLY B 210 18.87 14.60 58.53
N LYS B 211 17.77 14.73 57.79
CA LYS B 211 17.68 14.19 56.43
C LYS B 211 17.56 15.32 55.41
N LEU B 212 18.01 15.05 54.19
CA LEU B 212 17.85 16.02 53.10
C LEU B 212 16.51 15.75 52.46
N ILE B 213 15.58 16.69 52.61
CA ILE B 213 14.18 16.40 52.26
C ILE B 213 13.67 17.14 51.03
N GLY B 214 14.42 18.13 50.54
CA GLY B 214 13.95 18.81 49.35
C GLY B 214 14.89 19.87 48.82
N CYS B 215 14.61 20.34 47.60
CA CYS B 215 15.36 21.46 47.05
C CYS B 215 14.39 22.52 46.58
N ILE B 216 14.89 23.75 46.44
CA ILE B 216 14.05 24.89 46.12
C ILE B 216 14.71 25.72 45.04
N ASP B 217 14.03 26.78 44.59
CA ASP B 217 14.55 27.67 43.55
C ASP B 217 14.97 26.94 42.28
N VAL B 218 14.02 26.28 41.63
CA VAL B 218 14.31 25.43 40.47
C VAL B 218 14.12 26.12 39.11
N GLY B 219 14.10 27.44 39.09
CA GLY B 219 13.85 28.18 37.85
C GLY B 219 14.80 27.96 36.68
N ARG B 220 15.98 27.41 36.98
CA ARG B 220 17.00 27.17 35.96
C ARG B 220 17.15 25.69 35.60
N VAL B 221 16.22 24.86 36.07
CA VAL B 221 16.26 23.43 35.78
C VAL B 221 16.27 23.14 34.28
N GLY B 222 17.09 22.18 33.87
CA GLY B 222 17.10 21.79 32.46
C GLY B 222 18.26 20.87 32.17
N ILE B 223 18.29 20.33 30.95
CA ILE B 223 19.38 19.49 30.52
C ILE B 223 20.64 20.36 30.35
N ALA B 224 21.71 20.00 31.06
CA ALA B 224 22.99 20.66 30.91
C ALA B 224 24.10 19.68 31.32
N ASP B 225 25.35 20.11 31.22
CA ASP B 225 26.46 19.30 31.72
C ASP B 225 26.32 19.06 33.23
N ARG B 226 26.61 17.84 33.68
CA ARG B 226 26.55 17.54 35.10
C ARG B 226 27.40 18.50 35.97
N TYR B 227 28.46 19.08 35.41
CA TYR B 227 29.28 20.02 36.20
C TYR B 227 28.58 21.34 36.50
N GLN B 228 27.47 21.61 35.82
CA GLN B 228 26.68 22.80 36.14
C GLN B 228 26.29 22.79 37.63
N ASP B 229 25.92 21.62 38.12
CA ASP B 229 25.51 21.46 39.51
C ASP B 229 26.71 21.17 40.41
N LEU B 230 27.62 20.31 39.95
CA LEU B 230 28.79 19.95 40.74
C LEU B 230 29.64 21.18 41.06
N ALA B 231 29.82 22.07 40.08
CA ALA B 231 30.70 23.22 40.26
C ALA B 231 30.17 24.21 41.28
N ILE B 232 28.88 24.53 41.18
CA ILE B 232 28.27 25.50 42.08
C ILE B 232 28.33 25.00 43.53
N LEU B 233 28.01 23.73 43.74
CA LEU B 233 28.04 23.14 45.07
C LEU B 233 29.47 23.09 45.63
N TRP B 234 30.38 22.59 44.80
CA TRP B 234 31.79 22.51 45.16
C TRP B 234 32.32 23.87 45.59
N ASN B 235 31.96 24.91 44.85
CA ASN B 235 32.39 26.28 45.16
C ASN B 235 31.86 26.69 46.54
N CYS B 236 30.62 26.32 46.84
CA CYS B 236 30.02 26.64 48.13
C CYS B 236 30.75 25.96 49.27
N LEU B 237 31.14 24.70 49.05
CA LEU B 237 31.80 23.90 50.06
C LEU B 237 33.21 24.40 50.37
N GLY B 238 33.79 25.17 49.44
CA GLY B 238 35.09 25.75 49.67
C GLY B 238 35.14 26.66 50.89
N GLU B 239 33.99 27.22 51.24
CA GLU B 239 33.88 28.08 52.42
C GLU B 239 33.96 27.31 53.74
N PHE B 240 34.03 25.99 53.65
CA PHE B 240 34.08 25.18 54.86
C PHE B 240 35.40 24.39 54.97
N SER B 241 35.74 23.64 53.93
CA SER B 241 36.96 22.83 53.94
C SER B 241 37.25 22.25 52.56
N PRO B 242 38.54 22.15 52.21
CA PRO B 242 38.93 21.54 50.94
C PRO B 242 38.72 20.03 50.97
N SER B 243 38.68 19.45 52.16
CA SER B 243 38.37 18.03 52.28
C SER B 243 36.88 17.74 51.99
N LEU B 244 35.99 18.67 52.33
CA LEU B 244 34.57 18.48 52.03
C LEU B 244 34.28 18.62 50.53
N GLN B 245 35.01 19.52 49.87
CA GLN B 245 34.92 19.66 48.42
C GLN B 245 35.26 18.36 47.72
N LYS B 246 36.42 17.82 48.06
CA LYS B 246 36.88 16.55 47.51
C LYS B 246 35.90 15.41 47.84
N ARG B 247 35.36 15.42 49.06
CA ARG B 247 34.42 14.38 49.48
C ARG B 247 33.14 14.37 48.64
N LEU B 248 32.66 15.56 48.29
CA LEU B 248 31.50 15.67 47.39
C LEU B 248 31.75 14.87 46.10
N PHE B 249 32.89 15.14 45.46
CA PHE B 249 33.21 14.46 44.21
C PHE B 249 33.37 12.95 44.38
N GLN B 250 34.01 12.55 45.47
CA GLN B 250 34.23 11.13 45.76
C GLN B 250 32.90 10.39 46.01
N LYS B 251 32.02 10.99 46.81
CA LYS B 251 30.73 10.35 47.10
C LYS B 251 29.81 10.37 45.89
N TYR B 252 29.95 11.39 45.06
CA TYR B 252 29.15 11.48 43.83
C TYR B 252 29.58 10.40 42.84
N GLY B 253 30.86 10.02 42.88
CA GLY B 253 31.37 8.96 42.03
C GLY B 253 32.42 9.43 41.06
N ILE B 254 33.04 10.56 41.34
CA ILE B 254 34.13 11.06 40.51
C ILE B 254 35.41 11.16 41.33
N ASP B 255 36.40 10.34 40.99
CA ASP B 255 37.65 10.30 41.75
C ASP B 255 38.54 11.51 41.49
N ASN B 256 38.68 11.90 40.22
CA ASN B 256 39.42 13.12 39.88
C ASN B 256 38.62 14.09 39.01
N PRO B 257 38.09 15.15 39.64
CA PRO B 257 37.29 16.18 38.97
C PRO B 257 37.92 16.70 37.68
N ASP B 258 37.09 16.94 36.66
CA ASP B 258 37.53 17.61 35.46
C ASP B 258 37.65 19.10 35.76
N MET B 259 38.87 19.56 36.02
CA MET B 259 39.10 20.95 36.45
C MET B 259 38.67 21.98 35.40
N ASN B 260 38.76 21.61 34.13
CA ASN B 260 38.37 22.51 33.06
C ASN B 260 36.86 22.76 33.02
N LYS B 261 36.10 21.68 33.12
CA LYS B 261 34.65 21.76 33.16
C LYS B 261 34.22 22.49 34.43
N LEU B 262 34.90 22.19 35.53
CA LEU B 262 34.61 22.84 36.80
C LEU B 262 34.80 24.35 36.67
N GLN B 263 35.94 24.76 36.13
CA GLN B 263 36.25 26.17 35.93
C GLN B 263 35.27 26.85 34.97
N PHE B 264 34.95 26.19 33.87
CA PHE B 264 34.00 26.76 32.94
C PHE B 264 32.68 27.11 33.62
N HIS B 265 32.12 26.17 34.38
CA HIS B 265 30.82 26.41 34.98
C HIS B 265 30.85 27.44 36.10
N LEU B 266 31.95 27.49 36.84
CA LEU B 266 32.11 28.55 37.83
C LEU B 266 32.15 29.92 37.16
N MET B 267 32.87 30.03 36.05
CA MET B 267 32.94 31.29 35.34
C MET B 267 31.58 31.70 34.75
N LEU B 268 30.91 30.74 34.15
CA LEU B 268 29.56 30.99 33.60
C LEU B 268 28.59 31.52 34.66
N ASP B 269 28.62 30.94 35.86
CA ASP B 269 27.76 31.42 36.94
C ASP B 269 28.05 32.86 37.39
N GLU B 270 29.25 33.39 37.10
CA GLU B 270 29.55 34.80 37.40
C GLU B 270 28.56 35.75 36.70
N PHE B 271 27.98 35.30 35.59
CA PHE B 271 27.11 36.15 34.80
C PHE B 271 25.68 36.21 35.30
N PHE B 272 25.34 35.39 36.29
CA PHE B 272 23.95 35.23 36.68
C PHE B 272 23.66 35.64 38.12
N ASN C 19 -23.84 28.65 -20.84
CA ASN C 19 -22.82 28.87 -19.83
C ASN C 19 -22.61 27.66 -18.91
N LEU C 20 -21.41 27.56 -18.36
CA LEU C 20 -21.11 26.52 -17.38
C LEU C 20 -21.98 26.73 -16.15
N ASP C 21 -22.17 28.00 -15.77
CA ASP C 21 -22.99 28.38 -14.62
C ASP C 21 -24.33 27.66 -14.57
N ALA C 22 -25.04 27.65 -15.69
CA ALA C 22 -26.35 27.03 -15.78
C ALA C 22 -26.28 25.52 -15.55
N ASP C 23 -25.25 24.89 -16.11
CA ASP C 23 -25.06 23.45 -15.96
C ASP C 23 -24.68 23.07 -14.53
N LEU C 24 -24.06 24.00 -13.81
CA LEU C 24 -23.52 23.70 -12.49
C LEU C 24 -24.46 24.08 -11.35
N TYR C 25 -25.48 24.89 -11.65
CA TYR C 25 -26.34 25.47 -10.62
C TYR C 25 -27.02 24.44 -9.73
N GLY C 26 -27.06 24.70 -8.42
CA GLY C 26 -27.79 23.88 -7.48
C GLY C 26 -27.11 22.59 -7.01
N TYR C 27 -25.82 22.46 -7.28
CA TYR C 27 -25.10 21.27 -6.83
C TYR C 27 -24.25 21.53 -5.60
N ARG C 28 -24.14 20.54 -4.72
CA ARG C 28 -23.12 20.55 -3.68
C ARG C 28 -21.79 20.13 -4.29
N TRP C 29 -20.71 20.63 -3.72
CA TRP C 29 -19.38 20.42 -4.29
C TRP C 29 -18.47 19.64 -3.35
N ALA C 30 -17.77 18.65 -3.87
CA ALA C 30 -16.73 17.97 -3.10
C ALA C 30 -15.51 17.80 -3.97
N ARG C 31 -14.34 17.81 -3.35
CA ARG C 31 -13.09 17.64 -4.05
C ARG C 31 -12.54 16.21 -3.83
N ASP C 32 -12.30 15.50 -4.93
CA ASP C 32 -11.79 14.13 -4.86
C ASP C 32 -10.33 14.03 -5.22
N ASN C 33 -9.52 13.63 -4.25
CA ASN C 33 -8.12 13.35 -4.48
C ASN C 33 -7.92 11.86 -4.79
N VAL C 34 -7.77 11.54 -6.08
CA VAL C 34 -7.55 10.15 -6.48
C VAL C 34 -6.06 9.83 -6.68
N GLY C 35 -5.20 10.71 -6.19
CA GLY C 35 -3.76 10.52 -6.30
C GLY C 35 -3.24 11.03 -7.63
N GLN C 36 -4.11 11.68 -8.40
CA GLN C 36 -3.70 12.28 -9.66
C GLN C 36 -2.86 13.53 -9.40
N SER C 37 -1.58 13.46 -9.72
CA SER C 37 -0.72 14.63 -9.56
C SER C 37 -0.90 15.56 -10.76
N GLY C 38 -2.14 16.00 -10.96
CA GLY C 38 -2.46 16.92 -12.03
C GLY C 38 -3.76 17.69 -11.80
N ALA C 39 -4.85 17.16 -12.32
CA ALA C 39 -6.10 17.92 -12.38
C ALA C 39 -6.81 17.96 -11.04
N THR C 40 -7.67 18.95 -10.87
CA THR C 40 -8.55 18.96 -9.70
C THR C 40 -9.88 18.32 -10.07
N ILE C 41 -10.30 17.33 -9.30
CA ILE C 41 -11.56 16.63 -9.63
C ILE C 41 -12.64 17.01 -8.65
N TYR C 42 -13.74 17.56 -9.16
CA TYR C 42 -14.89 17.91 -8.31
C TYR C 42 -16.04 16.94 -8.56
N ARG C 43 -16.67 16.48 -7.49
CA ARG C 43 -17.91 15.72 -7.59
C ARG C 43 -19.05 16.67 -7.28
N LEU C 44 -20.02 16.76 -8.19
CA LEU C 44 -21.21 17.57 -7.97
C LEU C 44 -22.35 16.65 -7.59
N TYR C 45 -23.00 16.93 -6.47
CA TYR C 45 -24.00 16.02 -5.94
C TYR C 45 -25.02 16.78 -5.12
N GLY C 46 -26.02 16.06 -4.61
CA GLY C 46 -26.95 16.63 -3.66
C GLY C 46 -28.04 17.47 -4.27
N LYS C 47 -28.13 17.47 -5.60
CA LYS C 47 -29.21 18.17 -6.29
C LYS C 47 -30.39 17.22 -6.48
N PRO C 48 -31.52 17.51 -5.81
CA PRO C 48 -32.72 16.67 -5.89
C PRO C 48 -33.18 16.49 -7.33
N ASN C 49 -33.55 15.27 -7.72
CA ASN C 49 -34.04 14.98 -9.08
C ASN C 49 -33.04 15.30 -10.17
N ALA C 50 -31.75 15.18 -9.83
CA ALA C 50 -30.69 15.44 -10.79
C ALA C 50 -29.58 14.43 -10.58
N PRO C 51 -28.89 14.06 -11.67
CA PRO C 51 -27.78 13.09 -11.60
C PRO C 51 -26.52 13.70 -10.99
N GLU C 52 -25.65 12.86 -10.45
CA GLU C 52 -24.32 13.29 -10.00
C GLU C 52 -23.50 13.65 -11.23
N LEU C 53 -22.57 14.57 -11.09
CA LEU C 53 -21.70 14.92 -12.21
C LEU C 53 -20.27 15.02 -11.69
N PHE C 54 -19.31 14.99 -12.60
CA PHE C 54 -17.92 15.27 -12.26
C PHE C 54 -17.37 16.43 -13.09
N LEU C 55 -16.51 17.24 -12.47
CA LEU C 55 -15.92 18.36 -13.17
C LEU C 55 -14.41 18.28 -12.96
N LYS C 56 -13.67 18.21 -14.05
CA LYS C 56 -12.21 18.19 -13.98
C LYS C 56 -11.66 19.54 -14.44
N HIS C 57 -10.76 20.11 -13.65
CA HIS C 57 -10.16 21.40 -13.97
C HIS C 57 -8.67 21.25 -14.01
N GLY C 58 -8.07 21.57 -15.16
CA GLY C 58 -6.63 21.55 -15.30
C GLY C 58 -6.14 22.95 -15.56
N LYS C 59 -5.09 23.35 -14.85
CA LYS C 59 -4.49 24.67 -15.00
C LYS C 59 -3.06 24.49 -15.51
N GLY C 60 -2.57 25.43 -16.32
CA GLY C 60 -1.22 25.35 -16.82
C GLY C 60 -1.00 24.11 -17.68
N SER C 61 0.08 23.38 -17.46
CA SER C 61 0.37 22.18 -18.24
C SER C 61 -0.81 21.21 -18.21
N VAL C 62 -1.46 21.11 -17.05
CA VAL C 62 -2.53 20.12 -16.83
C VAL C 62 -3.77 20.40 -17.70
N ALA C 63 -3.94 21.65 -18.11
CA ALA C 63 -5.03 21.98 -19.02
C ALA C 63 -4.92 21.19 -20.32
N ASN C 64 -3.70 20.89 -20.77
CA ASN C 64 -3.52 20.07 -21.97
C ASN C 64 -3.96 18.62 -21.76
N ASP C 65 -3.61 18.04 -20.61
CA ASP C 65 -4.08 16.70 -20.23
C ASP C 65 -5.60 16.61 -20.21
N VAL C 66 -6.26 17.61 -19.61
CA VAL C 66 -7.72 17.61 -19.58
C VAL C 66 -8.33 17.74 -21.01
N THR C 67 -7.69 18.55 -21.85
CA THR C 67 -8.10 18.68 -23.24
C THR C 67 -7.94 17.35 -24.00
N ASP C 68 -6.82 16.66 -23.74
CA ASP C 68 -6.56 15.35 -24.33
C ASP C 68 -7.67 14.37 -23.98
N GLU C 69 -8.10 14.43 -22.72
CA GLU C 69 -9.14 13.53 -22.25
C GLU C 69 -10.47 13.83 -22.93
N MET C 70 -10.80 15.11 -23.04
CA MET C 70 -12.03 15.52 -23.69
C MET C 70 -12.15 14.94 -25.11
N VAL C 71 -11.10 15.08 -25.92
CA VAL C 71 -11.26 14.61 -27.31
C VAL C 71 -11.27 13.12 -27.46
N ARG C 72 -10.57 12.44 -26.55
CA ARG C 72 -10.62 10.98 -26.51
C ARG C 72 -11.96 10.46 -26.03
N LEU C 73 -12.54 11.14 -25.04
CA LEU C 73 -13.89 10.83 -24.59
C LEU C 73 -14.86 10.97 -25.76
N ASN C 74 -14.77 12.11 -26.44
CA ASN C 74 -15.65 12.37 -27.57
C ASN C 74 -15.55 11.30 -28.65
N TRP C 75 -14.33 10.85 -28.95
CA TRP C 75 -14.14 9.84 -29.98
C TRP C 75 -14.62 8.46 -29.55
N LEU C 76 -14.16 8.01 -28.39
CA LEU C 76 -14.31 6.61 -27.99
C LEU C 76 -15.75 6.28 -27.59
N THR C 77 -16.54 7.31 -27.30
CA THR C 77 -17.96 7.15 -26.99
C THR C 77 -18.72 6.35 -28.07
N ALA C 78 -18.25 6.40 -29.30
CA ALA C 78 -18.89 5.62 -30.36
C ALA C 78 -18.74 4.10 -30.18
N PHE C 79 -17.78 3.68 -29.34
CA PHE C 79 -17.36 2.27 -29.31
C PHE C 79 -17.48 1.60 -27.94
N MET C 80 -17.35 2.40 -26.89
CA MET C 80 -17.28 1.89 -25.51
C MET C 80 -18.14 2.75 -24.58
N PRO C 81 -18.61 2.17 -23.46
CA PRO C 81 -19.35 2.94 -22.44
C PRO C 81 -18.38 3.80 -21.61
N LEU C 82 -18.57 5.12 -21.69
CA LEU C 82 -17.69 6.11 -21.05
C LEU C 82 -18.62 7.16 -20.46
N PRO C 83 -18.08 8.07 -19.62
CA PRO C 83 -18.92 9.20 -19.20
C PRO C 83 -19.34 10.03 -20.41
N THR C 84 -20.46 10.72 -20.30
CA THR C 84 -20.94 11.61 -21.34
C THR C 84 -20.50 13.05 -21.09
N ILE C 85 -19.94 13.71 -22.10
CA ILE C 85 -19.57 15.12 -21.95
C ILE C 85 -20.78 16.01 -21.88
N LYS C 86 -20.87 16.81 -20.83
CA LYS C 86 -21.91 17.82 -20.77
C LYS C 86 -21.42 19.20 -21.23
N HIS C 87 -20.18 19.54 -20.90
CA HIS C 87 -19.66 20.86 -21.24
C HIS C 87 -18.16 20.81 -21.15
N PHE C 88 -17.48 21.48 -22.07
CA PHE C 88 -16.03 21.62 -21.96
C PHE C 88 -15.66 23.06 -22.33
N ILE C 89 -14.69 23.61 -21.63
CA ILE C 89 -14.22 24.97 -21.89
C ILE C 89 -12.70 24.97 -21.89
N ARG C 90 -12.10 25.66 -22.86
CA ARG C 90 -10.66 25.82 -22.89
C ARG C 90 -10.36 27.30 -23.05
N THR C 91 -9.54 27.84 -22.14
CA THR C 91 -8.98 29.17 -22.29
C THR C 91 -7.47 28.97 -22.28
N PRO C 92 -6.68 30.03 -22.53
CA PRO C 92 -5.24 29.80 -22.66
C PRO C 92 -4.61 29.04 -21.51
N ASP C 93 -5.04 29.30 -20.28
CA ASP C 93 -4.40 28.70 -19.11
C ASP C 93 -5.23 27.63 -18.39
N ASP C 94 -6.46 27.40 -18.83
CA ASP C 94 -7.38 26.54 -18.08
C ASP C 94 -8.25 25.69 -18.99
N ALA C 95 -8.59 24.50 -18.49
CA ALA C 95 -9.56 23.64 -19.16
C ALA C 95 -10.48 23.08 -18.09
N TRP C 96 -11.77 23.01 -18.42
CA TRP C 96 -12.80 22.52 -17.53
C TRP C 96 -13.60 21.50 -18.30
N LEU C 97 -13.71 20.28 -17.76
CA LEU C 97 -14.47 19.21 -18.41
C LEU C 97 -15.55 18.69 -17.46
N LEU C 98 -16.82 18.84 -17.84
CA LEU C 98 -17.96 18.43 -17.02
C LEU C 98 -18.60 17.21 -17.66
N THR C 99 -18.68 16.11 -16.91
CA THR C 99 -19.21 14.84 -17.45
C THR C 99 -20.21 14.23 -16.50
N THR C 100 -21.02 13.30 -17.02
CA THR C 100 -21.92 12.52 -16.17
C THR C 100 -21.10 11.59 -15.29
N ALA C 101 -21.67 11.22 -14.15
CA ALA C 101 -21.07 10.22 -13.29
C ALA C 101 -21.56 8.86 -13.77
N ILE C 102 -20.64 7.91 -13.91
CA ILE C 102 -21.01 6.52 -14.10
C ILE C 102 -21.34 5.91 -12.74
N PRO C 103 -22.61 5.52 -12.53
CA PRO C 103 -23.01 5.02 -11.21
C PRO C 103 -22.24 3.74 -10.82
N GLY C 104 -21.97 3.57 -9.52
CA GLY C 104 -21.33 2.36 -9.06
C GLY C 104 -20.00 2.59 -8.34
N LYS C 105 -19.16 1.56 -8.30
CA LYS C 105 -17.87 1.62 -7.61
C LYS C 105 -16.78 1.10 -8.53
N THR C 106 -15.51 1.43 -8.25
CA THR C 106 -14.41 0.96 -9.08
C THR C 106 -14.23 -0.55 -8.92
N ALA C 107 -13.62 -1.18 -9.92
CA ALA C 107 -13.30 -2.60 -9.83
C ALA C 107 -12.52 -2.91 -8.56
N PHE C 108 -11.59 -2.03 -8.20
CA PHE C 108 -10.82 -2.24 -6.98
C PHE C 108 -11.74 -2.32 -5.76
N GLN C 109 -12.67 -1.37 -5.67
CA GLN C 109 -13.59 -1.30 -4.55
C GLN C 109 -14.52 -2.51 -4.50
N VAL C 110 -15.02 -2.94 -5.66
CA VAL C 110 -15.91 -4.10 -5.68
C VAL C 110 -15.16 -5.39 -5.34
N LEU C 111 -13.91 -5.49 -5.80
CA LEU C 111 -13.09 -6.66 -5.46
C LEU C 111 -12.86 -6.75 -3.94
N GLU C 112 -12.55 -5.63 -3.30
CA GLU C 112 -12.38 -5.66 -1.84
C GLU C 112 -13.68 -5.98 -1.10
N GLU C 113 -14.79 -5.49 -1.63
CA GLU C 113 -16.11 -5.69 -1.01
C GLU C 113 -16.65 -7.10 -1.25
N TYR C 114 -16.31 -7.70 -2.38
CA TYR C 114 -16.77 -9.03 -2.72
C TYR C 114 -15.61 -9.92 -3.15
N PRO C 115 -14.75 -10.29 -2.19
CA PRO C 115 -13.50 -10.99 -2.54
C PRO C 115 -13.77 -12.34 -3.22
N ASP C 116 -14.91 -12.94 -2.90
CA ASP C 116 -15.29 -14.20 -3.53
C ASP C 116 -15.76 -14.05 -4.99
N SER C 117 -15.94 -12.81 -5.44
CA SER C 117 -16.34 -12.56 -6.82
C SER C 117 -15.16 -12.23 -7.74
N GLY C 118 -13.94 -12.42 -7.24
CA GLY C 118 -12.75 -12.15 -8.04
C GLY C 118 -12.75 -12.77 -9.43
N GLU C 119 -13.11 -14.04 -9.53
CA GLU C 119 -13.12 -14.69 -10.84
C GLU C 119 -14.13 -14.06 -11.80
N ASN C 120 -15.33 -13.75 -11.30
CA ASN C 120 -16.32 -13.08 -12.15
C ASN C 120 -15.86 -11.70 -12.57
N ILE C 121 -15.22 -10.99 -11.66
CA ILE C 121 -14.74 -9.64 -11.96
C ILE C 121 -13.68 -9.65 -13.05
N VAL C 122 -12.71 -10.55 -12.92
CA VAL C 122 -11.66 -10.65 -13.93
C VAL C 122 -12.22 -11.10 -15.29
N ASP C 123 -13.16 -12.05 -15.28
CA ASP C 123 -13.83 -12.43 -16.52
C ASP C 123 -14.50 -11.24 -17.22
N ALA C 124 -15.20 -10.43 -16.44
CA ALA C 124 -15.81 -9.21 -16.99
C ALA C 124 -14.78 -8.22 -17.51
N LEU C 125 -13.67 -8.05 -16.80
CA LEU C 125 -12.59 -7.17 -17.27
C LEU C 125 -12.03 -7.69 -18.61
N ALA C 126 -11.89 -9.01 -18.73
CA ALA C 126 -11.30 -9.59 -19.95
C ALA C 126 -12.20 -9.36 -21.16
N VAL C 127 -13.49 -9.55 -20.96
CA VAL C 127 -14.48 -9.31 -22.01
C VAL C 127 -14.44 -7.85 -22.47
N PHE C 128 -14.41 -6.94 -21.51
CA PHE C 128 -14.40 -5.50 -21.81
C PHE C 128 -13.14 -5.13 -22.58
N LEU C 129 -12.01 -5.67 -22.14
CA LEU C 129 -10.73 -5.42 -22.81
C LEU C 129 -10.66 -6.01 -24.20
N ARG C 130 -11.21 -7.22 -24.40
CA ARG C 130 -11.32 -7.78 -25.76
C ARG C 130 -12.16 -6.86 -26.67
N ARG C 131 -13.23 -6.30 -26.13
CA ARG C 131 -14.08 -5.38 -26.89
C ARG C 131 -13.30 -4.14 -27.33
N LEU C 132 -12.59 -3.54 -26.39
CA LEU C 132 -11.78 -2.36 -26.68
C LEU C 132 -10.73 -2.68 -27.74
N HIS C 133 -10.03 -3.79 -27.54
CA HIS C 133 -8.95 -4.17 -28.44
C HIS C 133 -9.43 -4.72 -29.78
N SER C 134 -10.74 -4.87 -29.94
CA SER C 134 -11.31 -5.31 -31.21
CA SER C 134 -11.29 -5.31 -31.22
C SER C 134 -11.72 -4.14 -32.12
N ILE C 135 -11.64 -2.91 -31.61
CA ILE C 135 -11.96 -1.74 -32.42
C ILE C 135 -10.93 -1.64 -33.54
N PRO C 136 -11.36 -1.68 -34.80
CA PRO C 136 -10.39 -1.55 -35.90
C PRO C 136 -9.54 -0.31 -35.76
N VAL C 137 -8.22 -0.47 -35.83
CA VAL C 137 -7.32 0.65 -35.61
C VAL C 137 -7.48 1.75 -36.66
N CYS C 138 -8.08 1.42 -37.81
CA CYS C 138 -8.31 2.43 -38.85
C CYS C 138 -9.31 3.52 -38.41
N ASN C 139 -10.00 3.28 -37.30
CA ASN C 139 -10.96 4.24 -36.76
C ASN C 139 -10.33 5.27 -35.83
N CYS C 140 -9.10 5.02 -35.39
CA CYS C 140 -8.55 5.76 -34.26
C CYS C 140 -7.58 6.85 -34.71
N PRO C 141 -7.88 8.11 -34.39
CA PRO C 141 -7.03 9.24 -34.81
C PRO C 141 -5.91 9.55 -33.83
N PHE C 142 -5.77 8.72 -32.80
CA PHE C 142 -4.79 8.99 -31.74
C PHE C 142 -3.61 8.02 -31.73
N ASN C 143 -2.41 8.57 -31.61
CA ASN C 143 -1.16 7.81 -31.52
C ASN C 143 -0.72 7.76 -30.07
N SER C 144 -0.62 6.56 -29.51
CA SER C 144 -0.07 6.37 -28.16
C SER C 144 1.03 5.34 -28.19
N ASP C 145 1.76 5.25 -29.30
CA ASP C 145 2.71 4.15 -29.44
C ASP C 145 3.96 4.31 -28.59
N ARG C 146 4.77 3.27 -28.59
CA ARG C 146 5.97 3.18 -27.76
C ARG C 146 6.88 4.41 -27.91
N VAL C 147 7.18 4.78 -29.15
CA VAL C 147 8.08 5.90 -29.41
C VAL C 147 7.55 7.20 -28.81
N PHE C 148 6.25 7.42 -28.96
CA PHE C 148 5.56 8.59 -28.40
C PHE C 148 5.61 8.58 -26.86
N ARG C 149 5.28 7.46 -26.24
CA ARG C 149 5.25 7.36 -24.79
C ARG C 149 6.66 7.46 -24.19
N LEU C 150 7.65 6.89 -24.86
CA LEU C 150 9.02 6.94 -24.35
C LEU C 150 9.52 8.39 -24.37
N ALA C 151 9.14 9.13 -25.40
CA ALA C 151 9.54 10.54 -25.46
C ALA C 151 8.81 11.32 -24.36
N GLN C 152 7.54 10.99 -24.09
CA GLN C 152 6.82 11.62 -23.00
C GLN C 152 7.50 11.31 -21.67
N ALA C 153 7.94 10.07 -21.53
CA ALA C 153 8.60 9.62 -20.29
C ALA C 153 9.93 10.34 -20.10
N GLN C 154 10.69 10.45 -21.19
CA GLN C 154 11.95 11.19 -21.15
C GLN C 154 11.73 12.62 -20.62
N SER C 155 10.74 13.31 -21.17
CA SER C 155 10.47 14.69 -20.78
C SER C 155 10.02 14.82 -19.32
N ARG C 156 9.15 13.90 -18.88
CA ARG C 156 8.74 13.86 -17.47
C ARG C 156 9.93 13.65 -16.53
N MET C 157 10.81 12.73 -16.88
CA MET C 157 11.99 12.48 -16.07
C MET C 157 12.86 13.75 -16.02
N ASN C 158 13.09 14.37 -17.16
CA ASN C 158 13.94 15.57 -17.25
C ASN C 158 13.33 16.78 -16.54
N ASN C 159 12.00 16.86 -16.54
CA ASN C 159 11.30 17.95 -15.87
C ASN C 159 11.11 17.67 -14.36
N GLY C 160 11.56 16.51 -13.91
CA GLY C 160 11.52 16.17 -12.50
C GLY C 160 10.17 15.70 -12.00
N LEU C 161 9.32 15.23 -12.92
CA LEU C 161 7.92 14.92 -12.60
C LEU C 161 7.67 13.46 -12.20
N VAL C 162 8.65 12.60 -12.36
CA VAL C 162 8.47 11.19 -12.04
C VAL C 162 8.37 10.98 -10.54
N ASP C 163 7.36 10.26 -10.08
CA ASP C 163 7.23 9.93 -8.66
C ASP C 163 8.07 8.73 -8.30
N ALA C 164 9.29 8.93 -7.82
CA ALA C 164 10.20 7.80 -7.61
C ALA C 164 9.86 6.99 -6.36
N SER C 165 8.93 7.48 -5.55
CA SER C 165 8.52 6.75 -4.36
C SER C 165 7.36 5.83 -4.69
N ASP C 166 6.92 5.83 -5.94
CA ASP C 166 5.77 5.01 -6.32
C ASP C 166 6.12 3.85 -7.26
N PHE C 167 7.41 3.50 -7.35
CA PHE C 167 7.83 2.40 -8.22
C PHE C 167 7.30 1.06 -7.68
N ASP C 168 7.21 0.07 -8.55
CA ASP C 168 6.85 -1.30 -8.14
C ASP C 168 7.93 -1.89 -7.23
N ASP C 169 7.61 -2.96 -6.52
CA ASP C 169 8.53 -3.53 -5.53
C ASP C 169 9.89 -3.93 -6.12
N GLU C 170 9.87 -4.50 -7.33
CA GLU C 170 11.09 -4.89 -8.04
C GLU C 170 12.07 -3.73 -8.17
N ARG C 171 11.55 -2.51 -8.25
CA ARG C 171 12.36 -1.33 -8.53
C ARG C 171 12.36 -0.34 -7.37
N ASN C 172 12.02 -0.82 -6.19
CA ASN C 172 11.94 0.02 -5.00
C ASN C 172 13.29 0.66 -4.66
N GLY C 173 13.31 1.99 -4.62
CA GLY C 173 14.52 2.73 -4.28
C GLY C 173 15.49 2.91 -5.44
N TRP C 174 15.12 2.42 -6.62
CA TRP C 174 15.92 2.65 -7.82
C TRP C 174 15.89 4.14 -8.16
N PRO C 175 17.04 4.71 -8.56
CA PRO C 175 16.98 6.05 -9.14
C PRO C 175 16.18 5.99 -10.44
N VAL C 176 15.46 7.08 -10.75
N VAL C 176 15.45 7.06 -10.75
CA VAL C 176 14.69 7.13 -11.98
CA VAL C 176 14.69 7.12 -11.99
C VAL C 176 15.57 6.88 -13.21
C VAL C 176 15.59 6.81 -13.18
N GLU C 177 16.80 7.39 -13.20
CA GLU C 177 17.74 7.17 -14.29
C GLU C 177 18.07 5.67 -14.51
N GLN C 178 18.10 4.89 -13.43
CA GLN C 178 18.34 3.46 -13.55
C GLN C 178 17.16 2.73 -14.19
N VAL C 179 15.94 3.12 -13.81
CA VAL C 179 14.74 2.58 -14.46
C VAL C 179 14.78 2.87 -15.95
N TRP C 180 15.13 4.10 -16.30
CA TRP C 180 15.23 4.52 -17.70
C TRP C 180 16.21 3.65 -18.47
N LYS C 181 17.38 3.44 -17.86
CA LYS C 181 18.44 2.71 -18.53
C LYS C 181 18.10 1.23 -18.70
N GLU C 182 17.59 0.61 -17.63
CA GLU C 182 17.22 -0.80 -17.67
C GLU C 182 16.05 -1.09 -18.62
N MET C 183 15.10 -0.16 -18.69
CA MET C 183 13.95 -0.30 -19.59
C MET C 183 14.42 -0.40 -21.03
N HIS C 184 15.44 0.38 -21.38
CA HIS C 184 15.93 0.39 -22.76
C HIS C 184 16.75 -0.84 -23.09
N LYS C 185 17.22 -1.54 -22.05
CA LYS C 185 17.95 -2.78 -22.24
C LYS C 185 16.98 -3.90 -22.54
N LEU C 186 15.70 -3.68 -22.27
CA LEU C 186 14.70 -4.70 -22.55
C LEU C 186 14.66 -4.96 -24.04
N LEU C 187 14.46 -6.23 -24.37
CA LEU C 187 14.35 -6.69 -25.73
C LEU C 187 13.28 -5.89 -26.47
N PRO C 188 13.67 -5.16 -27.54
CA PRO C 188 12.66 -4.46 -28.35
C PRO C 188 11.71 -5.46 -29.00
N PHE C 189 10.56 -5.00 -29.46
CA PHE C 189 9.57 -5.93 -30.00
C PHE C 189 8.78 -5.35 -31.15
N SER C 190 8.25 -6.23 -31.99
CA SER C 190 7.33 -5.84 -33.04
C SER C 190 6.03 -5.51 -32.35
N PRO C 191 5.54 -4.27 -32.51
CA PRO C 191 4.27 -3.91 -31.86
C PRO C 191 3.10 -4.73 -32.40
N ASP C 192 2.20 -5.06 -31.51
CA ASP C 192 0.97 -5.76 -31.83
C ASP C 192 -0.13 -4.75 -31.48
N SER C 193 -0.38 -3.85 -32.43
CA SER C 193 -1.09 -2.60 -32.18
C SER C 193 -2.61 -2.69 -32.21
N VAL C 194 -3.23 -2.12 -31.18
CA VAL C 194 -4.67 -2.05 -31.07
C VAL C 194 -5.04 -0.71 -30.46
N VAL C 195 -6.33 -0.37 -30.45
CA VAL C 195 -6.81 0.75 -29.66
C VAL C 195 -6.70 0.41 -28.17
N THR C 196 -5.91 1.20 -27.44
CA THR C 196 -5.69 0.94 -26.03
C THR C 196 -6.24 2.08 -25.18
N HIS C 197 -6.49 1.76 -23.90
CA HIS C 197 -7.02 2.73 -22.95
C HIS C 197 -5.88 3.58 -22.42
N GLY C 198 -4.76 2.95 -22.09
CA GLY C 198 -3.60 3.68 -21.62
C GLY C 198 -3.41 3.74 -20.11
N ASP C 199 -4.47 3.53 -19.34
CA ASP C 199 -4.36 3.39 -17.88
C ASP C 199 -5.47 2.44 -17.41
N PHE C 200 -5.38 1.21 -17.87
CA PHE C 200 -6.43 0.22 -17.66
C PHE C 200 -6.23 -0.45 -16.30
N SER C 201 -6.49 0.31 -15.25
CA SER C 201 -6.22 -0.17 -13.89
C SER C 201 -7.54 -0.47 -13.20
N LEU C 202 -7.48 -1.11 -12.04
CA LEU C 202 -8.71 -1.38 -11.30
C LEU C 202 -9.41 -0.11 -10.83
N ASP C 203 -8.71 1.02 -10.78
CA ASP C 203 -9.37 2.27 -10.38
C ASP C 203 -10.19 2.92 -11.49
N ASN C 204 -9.99 2.49 -12.75
CA ASN C 204 -10.60 3.17 -13.90
C ASN C 204 -11.72 2.40 -14.58
N LEU C 205 -12.15 1.31 -13.94
N LEU C 205 -12.18 1.33 -13.93
CA LEU C 205 -13.25 0.51 -14.47
CA LEU C 205 -13.25 0.50 -14.48
C LEU C 205 -14.36 0.49 -13.44
C LEU C 205 -14.40 0.35 -13.49
N ILE C 206 -15.58 0.81 -13.87
CA ILE C 206 -16.68 1.00 -12.96
C ILE C 206 -17.71 -0.12 -13.05
N PHE C 207 -17.98 -0.74 -11.90
CA PHE C 207 -18.96 -1.83 -11.77
C PHE C 207 -20.23 -1.34 -11.08
N ASP C 208 -21.38 -1.80 -11.55
CA ASP C 208 -22.63 -1.36 -10.98
C ASP C 208 -23.59 -2.54 -11.04
N GLU C 209 -24.09 -2.95 -9.88
CA GLU C 209 -24.97 -4.12 -9.76
C GLU C 209 -24.33 -5.38 -10.36
N GLY C 210 -23.03 -5.56 -10.12
CA GLY C 210 -22.33 -6.74 -10.57
C GLY C 210 -21.87 -6.70 -12.01
N LYS C 211 -22.23 -5.65 -12.73
CA LYS C 211 -21.87 -5.53 -14.14
C LYS C 211 -20.84 -4.42 -14.34
N LEU C 212 -19.88 -4.66 -15.24
CA LEU C 212 -18.92 -3.65 -15.65
C LEU C 212 -19.57 -2.72 -16.68
N ILE C 213 -19.87 -1.49 -16.28
CA ILE C 213 -20.70 -0.64 -17.13
C ILE C 213 -19.96 0.56 -17.72
N GLY C 214 -18.68 0.71 -17.42
CA GLY C 214 -17.98 1.85 -18.00
C GLY C 214 -16.51 1.92 -17.63
N CYS C 215 -15.77 2.70 -18.41
CA CYS C 215 -14.39 3.04 -18.04
C CYS C 215 -14.24 4.56 -18.00
N ILE C 216 -13.24 5.01 -17.25
CA ILE C 216 -12.99 6.43 -17.08
C ILE C 216 -11.51 6.73 -17.25
N ASP C 217 -11.18 8.02 -17.25
CA ASP C 217 -9.79 8.49 -17.28
C ASP C 217 -9.13 8.06 -18.58
N VAL C 218 -9.67 8.56 -19.69
CA VAL C 218 -9.29 8.10 -21.01
C VAL C 218 -8.30 9.02 -21.75
N GLY C 219 -7.60 9.88 -21.00
CA GLY C 219 -6.67 10.83 -21.61
C GLY C 219 -5.50 10.22 -22.39
N ARG C 220 -5.19 8.95 -22.13
CA ARG C 220 -4.06 8.30 -22.81
C ARG C 220 -4.51 7.33 -23.90
N VAL C 221 -5.79 7.37 -24.23
CA VAL C 221 -6.31 6.50 -25.28
C VAL C 221 -5.58 6.70 -26.61
N GLY C 222 -5.28 5.60 -27.30
CA GLY C 222 -4.76 5.66 -28.66
C GLY C 222 -4.18 4.33 -29.09
N ILE C 223 -3.65 4.28 -30.30
CA ILE C 223 -3.02 3.06 -30.80
C ILE C 223 -1.69 2.78 -30.07
N ALA C 224 -1.60 1.58 -29.50
CA ALA C 224 -0.38 1.11 -28.84
C ALA C 224 -0.40 -0.40 -28.80
N ASP C 225 0.64 -0.99 -28.23
CA ASP C 225 0.67 -2.44 -28.11
C ASP C 225 -0.39 -2.90 -27.11
N ARG C 226 -1.01 -4.07 -27.35
CA ARG C 226 -2.06 -4.54 -26.45
C ARG C 226 -1.56 -4.69 -25.01
N TYR C 227 -0.28 -4.95 -24.85
CA TYR C 227 0.27 -5.10 -23.52
C TYR C 227 0.27 -3.82 -22.69
N GLN C 228 0.07 -2.66 -23.32
CA GLN C 228 -0.05 -1.42 -22.56
C GLN C 228 -1.18 -1.55 -21.53
N ASP C 229 -2.28 -2.16 -21.97
CA ASP C 229 -3.43 -2.37 -21.09
C ASP C 229 -3.30 -3.66 -20.27
N LEU C 230 -2.85 -4.74 -20.91
CA LEU C 230 -2.68 -6.02 -20.19
C LEU C 230 -1.75 -5.84 -19.00
N ALA C 231 -0.64 -5.11 -19.18
CA ALA C 231 0.37 -5.02 -18.12
C ALA C 231 -0.11 -4.24 -16.90
N ILE C 232 -0.79 -3.13 -17.12
CA ILE C 232 -1.27 -2.31 -16.02
C ILE C 232 -2.29 -3.08 -15.18
N LEU C 233 -3.23 -3.74 -15.85
CA LEU C 233 -4.26 -4.50 -15.13
C LEU C 233 -3.65 -5.70 -14.39
N TRP C 234 -2.72 -6.38 -15.04
CA TRP C 234 -2.04 -7.55 -14.47
C TRP C 234 -1.29 -7.15 -13.20
N ASN C 235 -0.63 -6.00 -13.24
CA ASN C 235 0.06 -5.46 -12.07
C ASN C 235 -0.91 -5.20 -10.93
N CYS C 236 -2.05 -4.59 -11.21
CA CYS C 236 -3.08 -4.33 -10.19
C CYS C 236 -3.59 -5.62 -9.56
N LEU C 237 -3.83 -6.62 -10.41
CA LEU C 237 -4.34 -7.90 -9.92
C LEU C 237 -3.32 -8.63 -9.05
N GLY C 238 -2.04 -8.29 -9.24
CA GLY C 238 -0.97 -8.83 -8.43
C GLY C 238 -1.04 -8.47 -6.96
N GLU C 239 -1.84 -7.46 -6.62
CA GLU C 239 -2.05 -7.11 -5.23
C GLU C 239 -2.95 -8.15 -4.56
N PHE C 240 -3.76 -8.83 -5.37
CA PHE C 240 -4.77 -9.75 -4.87
C PHE C 240 -4.39 -11.22 -5.01
N SER C 241 -3.98 -11.65 -6.20
CA SER C 241 -3.83 -13.07 -6.46
C SER C 241 -3.12 -13.40 -7.76
N PRO C 242 -2.14 -14.33 -7.70
CA PRO C 242 -1.46 -14.84 -8.89
C PRO C 242 -2.43 -15.59 -9.79
N SER C 243 -3.43 -16.21 -9.18
CA SER C 243 -4.47 -16.90 -9.94
C SER C 243 -5.32 -15.95 -10.78
N LEU C 244 -5.67 -14.79 -10.22
CA LEU C 244 -6.45 -13.79 -10.97
C LEU C 244 -5.61 -13.15 -12.07
N GLN C 245 -4.32 -13.00 -11.81
CA GLN C 245 -3.40 -12.50 -12.83
C GLN C 245 -3.35 -13.45 -14.02
N LYS C 246 -3.20 -14.74 -13.77
CA LYS C 246 -3.16 -15.70 -14.86
C LYS C 246 -4.52 -15.80 -15.56
N ARG C 247 -5.60 -15.71 -14.78
CA ARG C 247 -6.96 -15.78 -15.33
C ARG C 247 -7.24 -14.63 -16.30
N LEU C 248 -6.66 -13.46 -16.02
CA LEU C 248 -6.79 -12.34 -16.94
C LEU C 248 -6.32 -12.72 -18.34
N PHE C 249 -5.11 -13.25 -18.42
CA PHE C 249 -4.54 -13.61 -19.71
C PHE C 249 -5.33 -14.73 -20.37
N GLN C 250 -5.67 -15.75 -19.58
CA GLN C 250 -6.42 -16.90 -20.07
C GLN C 250 -7.74 -16.48 -20.71
N LYS C 251 -8.54 -15.70 -19.99
CA LYS C 251 -9.83 -15.27 -20.49
C LYS C 251 -9.69 -14.29 -21.65
N TYR C 252 -8.64 -13.48 -21.62
CA TYR C 252 -8.40 -12.54 -22.71
C TYR C 252 -8.09 -13.27 -24.01
N GLY C 253 -7.42 -14.41 -23.90
CA GLY C 253 -7.11 -15.25 -25.05
C GLY C 253 -5.63 -15.47 -25.29
N ILE C 254 -4.81 -15.22 -24.28
CA ILE C 254 -3.36 -15.40 -24.40
C ILE C 254 -2.87 -16.49 -23.48
N ASP C 255 -2.35 -17.57 -24.06
CA ASP C 255 -1.95 -18.74 -23.27
C ASP C 255 -0.54 -18.64 -22.72
N ASN C 256 0.34 -17.95 -23.45
CA ASN C 256 1.73 -17.77 -23.03
C ASN C 256 2.10 -16.30 -23.01
N PRO C 257 1.86 -15.63 -21.87
CA PRO C 257 2.08 -14.19 -21.73
C PRO C 257 3.51 -13.80 -22.08
N ASP C 258 3.66 -12.78 -22.91
CA ASP C 258 4.98 -12.30 -23.31
C ASP C 258 5.56 -11.45 -22.18
N MET C 259 6.47 -12.05 -21.42
CA MET C 259 7.00 -11.44 -20.21
C MET C 259 7.89 -10.22 -20.47
N ASN C 260 8.55 -10.22 -21.60
CA ASN C 260 9.30 -9.06 -22.03
C ASN C 260 8.39 -7.86 -22.27
N LYS C 261 7.28 -8.07 -22.98
CA LYS C 261 6.34 -6.98 -23.25
C LYS C 261 5.63 -6.55 -21.99
N LEU C 262 5.42 -7.50 -21.09
CA LEU C 262 4.83 -7.18 -19.81
C LEU C 262 5.77 -6.26 -18.99
N GLN C 263 7.02 -6.69 -18.84
N GLN C 263 7.02 -6.67 -18.82
CA GLN C 263 8.03 -5.93 -18.10
CA GLN C 263 7.98 -5.88 -18.05
C GLN C 263 8.22 -4.54 -18.68
C GLN C 263 8.22 -4.50 -18.69
N PHE C 264 8.28 -4.46 -20.01
CA PHE C 264 8.48 -3.18 -20.68
C PHE C 264 7.40 -2.17 -20.32
N HIS C 265 6.14 -2.58 -20.43
CA HIS C 265 5.05 -1.65 -20.15
C HIS C 265 4.92 -1.30 -18.68
N LEU C 266 5.28 -2.23 -17.81
CA LEU C 266 5.31 -1.95 -16.37
C LEU C 266 6.41 -0.92 -16.06
N MET C 267 7.56 -1.08 -16.67
CA MET C 267 8.62 -0.11 -16.43
C MET C 267 8.23 1.26 -17.01
N LEU C 268 7.63 1.26 -18.19
CA LEU C 268 7.21 2.52 -18.81
C LEU C 268 6.22 3.29 -17.94
N ASP C 269 5.30 2.57 -17.31
CA ASP C 269 4.28 3.20 -16.50
C ASP C 269 4.86 3.82 -15.23
N GLU C 270 6.07 3.42 -14.86
CA GLU C 270 6.77 4.02 -13.72
C GLU C 270 6.98 5.52 -13.92
N PHE C 271 7.02 5.94 -15.17
CA PHE C 271 7.30 7.34 -15.49
C PHE C 271 6.07 8.22 -15.46
N PHE C 272 4.90 7.62 -15.23
CA PHE C 272 3.64 8.34 -15.37
C PHE C 272 2.83 8.38 -14.08
N MET D 2 1.30 4.97 -1.05
CA MET D 2 0.11 4.13 -1.09
C MET D 2 -0.73 4.40 -2.33
N SER D 3 -1.44 3.38 -2.80
CA SER D 3 -2.23 3.50 -4.03
C SER D 3 -3.73 3.35 -3.79
N HIS D 4 -4.50 3.42 -4.87
CA HIS D 4 -5.96 3.33 -4.83
C HIS D 4 -6.59 4.32 -3.83
N ILE D 5 -5.93 5.44 -3.60
CA ILE D 5 -6.50 6.42 -2.67
C ILE D 5 -7.64 7.17 -3.36
N GLN D 6 -8.71 7.41 -2.61
CA GLN D 6 -9.80 8.25 -3.07
C GLN D 6 -10.34 9.05 -1.88
N ARG D 7 -9.65 10.16 -1.60
CA ARG D 7 -9.91 11.02 -0.46
C ARG D 7 -10.76 12.21 -0.85
N GLU D 8 -11.94 12.32 -0.24
CA GLU D 8 -12.87 13.40 -0.55
C GLU D 8 -12.92 14.44 0.56
N THR D 9 -12.88 15.71 0.16
CA THR D 9 -13.08 16.81 1.08
C THR D 9 -14.21 17.70 0.59
N SER D 10 -14.92 18.32 1.52
CA SER D 10 -15.95 19.28 1.17
C SER D 10 -15.27 20.55 0.62
N CYS D 11 -15.91 21.21 -0.33
CA CYS D 11 -15.38 22.48 -0.82
C CYS D 11 -16.49 23.42 -1.26
N SER D 12 -16.12 24.68 -1.45
CA SER D 12 -17.01 25.65 -2.05
C SER D 12 -16.80 25.58 -3.55
N ARG D 13 -17.73 26.16 -4.29
CA ARG D 13 -17.60 26.29 -5.73
C ARG D 13 -16.29 27.00 -6.07
N PRO D 14 -15.48 26.42 -6.98
CA PRO D 14 -14.23 27.05 -7.40
C PRO D 14 -14.48 28.26 -8.30
N ARG D 15 -13.44 29.02 -8.59
CA ARG D 15 -13.55 30.14 -9.51
C ARG D 15 -13.54 29.65 -10.95
N LEU D 16 -14.70 29.72 -11.60
CA LEU D 16 -14.79 29.35 -13.01
C LEU D 16 -14.11 30.41 -13.85
N ASN D 17 -14.20 30.26 -15.18
CA ASN D 17 -13.60 31.25 -16.05
C ASN D 17 -14.57 32.38 -16.40
N SER D 18 -14.08 33.35 -17.16
CA SER D 18 -14.95 34.33 -17.78
C SER D 18 -15.63 33.64 -18.95
N ASN D 19 -16.90 33.96 -19.18
CA ASN D 19 -17.66 33.35 -20.27
C ASN D 19 -17.15 33.81 -21.64
N LEU D 20 -17.72 33.25 -22.71
CA LEU D 20 -17.29 33.59 -24.06
C LEU D 20 -17.51 35.08 -24.37
N ASP D 21 -18.57 35.64 -23.80
CA ASP D 21 -19.02 36.98 -24.16
C ASP D 21 -18.10 38.11 -23.71
N ALA D 22 -17.28 37.86 -22.68
CA ALA D 22 -16.30 38.85 -22.27
C ALA D 22 -15.21 38.94 -23.34
N ASP D 23 -14.88 37.80 -23.95
CA ASP D 23 -13.89 37.76 -25.03
C ASP D 23 -14.42 38.39 -26.32
N LEU D 24 -15.75 38.35 -26.48
CA LEU D 24 -16.38 38.89 -27.69
C LEU D 24 -16.81 40.35 -27.51
N TYR D 25 -16.51 40.92 -26.35
CA TYR D 25 -16.97 42.26 -26.02
C TYR D 25 -16.38 43.35 -26.92
N GLY D 26 -17.24 44.18 -27.48
CA GLY D 26 -16.83 45.37 -28.20
C GLY D 26 -16.43 45.18 -29.65
N TYR D 27 -16.50 43.94 -30.14
CA TYR D 27 -16.08 43.63 -31.50
C TYR D 27 -17.19 43.88 -32.52
N ARG D 28 -16.78 44.07 -33.77
CA ARG D 28 -17.70 44.22 -34.89
C ARG D 28 -17.73 42.90 -35.66
N TRP D 29 -18.88 42.54 -36.22
CA TRP D 29 -19.10 41.19 -36.76
C TRP D 29 -19.34 41.12 -38.27
N ALA D 30 -18.65 40.19 -38.93
CA ALA D 30 -18.85 39.93 -40.36
C ALA D 30 -18.66 38.45 -40.64
N ARG D 31 -19.58 37.84 -41.39
CA ARG D 31 -19.42 36.42 -41.71
C ARG D 31 -18.48 36.22 -42.90
N ASP D 32 -17.50 35.35 -42.69
CA ASP D 32 -16.46 35.12 -43.68
C ASP D 32 -16.96 34.28 -44.85
N ASN D 33 -17.43 33.08 -44.53
CA ASN D 33 -17.64 32.07 -45.55
C ASN D 33 -19.10 31.80 -45.97
N VAL D 34 -19.81 32.85 -46.34
CA VAL D 34 -21.11 32.65 -46.98
C VAL D 34 -20.85 32.28 -48.43
N GLY D 35 -21.29 31.10 -48.86
CA GLY D 35 -21.90 30.13 -47.99
C GLY D 35 -21.20 28.79 -48.09
N GLN D 36 -19.94 28.75 -47.67
CA GLN D 36 -19.13 27.53 -47.69
C GLN D 36 -19.76 26.43 -46.84
N SER D 37 -19.30 25.19 -47.06
CA SER D 37 -19.74 24.08 -46.23
C SER D 37 -18.88 24.03 -44.96
N GLY D 38 -19.31 23.22 -44.00
CA GLY D 38 -18.59 23.08 -42.75
C GLY D 38 -19.06 24.10 -41.72
N ALA D 39 -18.13 24.58 -40.91
CA ALA D 39 -18.46 25.48 -39.80
C ALA D 39 -18.84 26.87 -40.28
N THR D 40 -19.72 27.52 -39.52
CA THR D 40 -19.99 28.94 -39.73
C THR D 40 -18.80 29.75 -39.23
N ILE D 41 -18.27 30.62 -40.08
CA ILE D 41 -17.09 31.39 -39.74
C ILE D 41 -17.38 32.88 -39.64
N TYR D 42 -17.02 33.46 -38.51
CA TYR D 42 -17.21 34.89 -38.29
C TYR D 42 -15.87 35.57 -38.13
N ARG D 43 -15.69 36.70 -38.79
CA ARG D 43 -14.52 37.54 -38.58
C ARG D 43 -14.89 38.70 -37.66
N LEU D 44 -14.20 38.79 -36.52
CA LEU D 44 -14.47 39.83 -35.53
C LEU D 44 -13.38 40.90 -35.60
N TYR D 45 -13.78 42.15 -35.74
CA TYR D 45 -12.82 43.22 -36.06
C TYR D 45 -13.31 44.58 -35.60
N GLY D 46 -12.62 45.63 -36.05
CA GLY D 46 -13.00 47.00 -35.74
C GLY D 46 -13.20 47.22 -34.25
N LYS D 47 -12.17 46.90 -33.48
CA LYS D 47 -12.25 46.99 -32.03
C LYS D 47 -11.02 47.74 -31.53
N PRO D 48 -11.25 48.87 -30.83
CA PRO D 48 -10.17 49.72 -30.31
C PRO D 48 -9.14 48.95 -29.49
N ASN D 49 -7.92 48.90 -29.99
CA ASN D 49 -6.78 48.25 -29.32
C ASN D 49 -6.93 46.75 -29.11
N ALA D 50 -7.74 46.11 -29.95
CA ALA D 50 -7.94 44.66 -29.86
C ALA D 50 -7.68 44.00 -31.21
N PRO D 51 -6.99 42.85 -31.20
CA PRO D 51 -6.62 42.19 -32.46
C PRO D 51 -7.83 41.60 -33.16
N GLU D 52 -7.70 41.32 -34.45
CA GLU D 52 -8.78 40.71 -35.21
C GLU D 52 -8.91 39.24 -34.77
N LEU D 53 -10.15 38.74 -34.75
CA LEU D 53 -10.38 37.37 -34.31
C LEU D 53 -11.25 36.62 -35.33
N PHE D 54 -11.17 35.30 -35.26
CA PHE D 54 -12.07 34.45 -36.04
C PHE D 54 -12.83 33.56 -35.08
N LEU D 55 -14.12 33.41 -35.33
CA LEU D 55 -14.95 32.51 -34.55
C LEU D 55 -15.58 31.45 -35.45
N LYS D 56 -15.31 30.19 -35.11
CA LYS D 56 -15.80 29.05 -35.85
C LYS D 56 -16.90 28.36 -35.04
N HIS D 57 -18.06 28.14 -35.65
CA HIS D 57 -19.17 27.46 -34.99
C HIS D 57 -19.55 26.22 -35.78
N GLY D 58 -19.49 25.07 -35.13
CA GLY D 58 -19.88 23.82 -35.75
C GLY D 58 -21.02 23.18 -34.99
N LYS D 59 -21.97 22.62 -35.71
CA LYS D 59 -23.10 21.96 -35.08
C LYS D 59 -23.17 20.53 -35.62
N GLY D 60 -23.58 19.59 -34.75
CA GLY D 60 -23.66 18.19 -35.14
C GLY D 60 -22.30 17.63 -35.49
N SER D 61 -22.20 16.95 -36.62
CA SER D 61 -20.94 16.33 -37.04
C SER D 61 -19.84 17.36 -37.27
N VAL D 62 -20.23 18.57 -37.66
CA VAL D 62 -19.26 19.65 -37.84
C VAL D 62 -18.65 20.10 -36.51
N ALA D 63 -19.39 19.92 -35.41
CA ALA D 63 -18.83 20.21 -34.09
C ALA D 63 -17.58 19.37 -33.82
N ASN D 64 -17.60 18.12 -34.29
CA ASN D 64 -16.43 17.25 -34.17
C ASN D 64 -15.24 17.76 -34.98
N ASP D 65 -15.52 18.30 -36.18
CA ASP D 65 -14.48 18.89 -37.03
C ASP D 65 -13.81 20.09 -36.33
N VAL D 66 -14.63 20.94 -35.72
CA VAL D 66 -14.09 22.11 -35.03
C VAL D 66 -13.27 21.68 -33.81
N THR D 67 -13.73 20.63 -33.11
CA THR D 67 -13.01 20.08 -31.96
C THR D 67 -11.64 19.52 -32.38
N ASP D 68 -11.62 18.81 -33.51
CA ASP D 68 -10.38 18.26 -34.06
C ASP D 68 -9.40 19.37 -34.35
N GLU D 69 -9.87 20.46 -34.94
CA GLU D 69 -8.98 21.59 -35.23
C GLU D 69 -8.44 22.22 -33.95
N MET D 70 -9.30 22.41 -32.96
CA MET D 70 -8.86 22.97 -31.69
C MET D 70 -7.70 22.22 -31.07
N VAL D 71 -7.79 20.90 -30.96
CA VAL D 71 -6.72 20.16 -30.27
CA VAL D 71 -6.75 20.14 -30.29
C VAL D 71 -5.45 20.12 -31.09
N ARG D 72 -5.57 20.13 -32.40
CA ARG D 72 -4.39 20.19 -33.24
C ARG D 72 -3.74 21.58 -33.17
N LEU D 73 -4.56 22.63 -33.10
CA LEU D 73 -4.04 23.99 -32.91
CA LEU D 73 -4.06 23.99 -32.91
C LEU D 73 -3.34 24.06 -31.56
N ASN D 74 -3.96 23.52 -30.53
CA ASN D 74 -3.37 23.54 -29.21
C ASN D 74 -2.03 22.80 -29.15
N TRP D 75 -1.93 21.69 -29.87
CA TRP D 75 -0.71 20.88 -29.88
C TRP D 75 0.39 21.50 -30.74
N LEU D 76 0.05 21.81 -31.99
CA LEU D 76 1.05 22.23 -32.97
C LEU D 76 1.62 23.63 -32.71
N THR D 77 0.93 24.44 -31.91
CA THR D 77 1.39 25.80 -31.68
C THR D 77 2.72 25.86 -30.93
N ALA D 78 3.09 24.75 -30.28
CA ALA D 78 4.37 24.67 -29.60
C ALA D 78 5.54 24.60 -30.58
N PHE D 79 5.24 24.32 -31.85
CA PHE D 79 6.29 24.08 -32.85
C PHE D 79 6.22 25.02 -34.05
N MET D 80 5.03 25.52 -34.39
CA MET D 80 4.82 26.30 -35.61
C MET D 80 4.02 27.57 -35.33
N PRO D 81 4.17 28.59 -36.20
CA PRO D 81 3.34 29.79 -36.02
C PRO D 81 1.89 29.52 -36.47
N LEU D 82 0.96 29.54 -35.51
CA LEU D 82 -0.45 29.21 -35.75
C LEU D 82 -1.35 30.28 -35.13
N PRO D 83 -2.64 30.29 -35.49
CA PRO D 83 -3.57 31.13 -34.73
C PRO D 83 -3.61 30.68 -33.27
N THR D 84 -3.71 31.62 -32.34
CA THR D 84 -3.76 31.30 -30.91
C THR D 84 -5.22 31.11 -30.48
N ILE D 85 -5.47 30.07 -29.67
CA ILE D 85 -6.81 29.83 -29.16
C ILE D 85 -7.14 30.78 -28.03
N LYS D 86 -8.13 31.64 -28.23
N LYS D 86 -8.14 31.62 -28.24
CA LYS D 86 -8.57 32.53 -27.17
CA LYS D 86 -8.58 32.55 -27.20
C LYS D 86 -9.61 31.86 -26.28
C LYS D 86 -9.64 31.91 -26.30
N HIS D 87 -10.52 31.11 -26.89
CA HIS D 87 -11.58 30.48 -26.14
C HIS D 87 -12.15 29.33 -26.95
N PHE D 88 -12.48 28.22 -26.28
CA PHE D 88 -13.16 27.12 -26.95
C PHE D 88 -14.24 26.55 -26.03
N ILE D 89 -15.39 26.20 -26.62
CA ILE D 89 -16.50 25.69 -25.86
C ILE D 89 -17.05 24.50 -26.62
N ARG D 90 -17.31 23.41 -25.91
N ARG D 90 -17.29 23.40 -25.91
CA ARG D 90 -17.92 22.23 -26.49
CA ARG D 90 -17.93 22.23 -26.52
C ARG D 90 -19.14 21.82 -25.66
C ARG D 90 -19.14 21.83 -25.66
N THR D 91 -20.30 21.75 -26.31
CA THR D 91 -21.50 21.24 -25.68
C THR D 91 -21.91 20.02 -26.51
N PRO D 92 -22.92 19.25 -26.06
CA PRO D 92 -23.20 18.01 -26.79
C PRO D 92 -23.39 18.16 -28.31
N ASP D 93 -24.00 19.24 -28.75
N ASP D 93 -24.00 19.24 -28.77
CA ASP D 93 -24.31 19.40 -30.17
CA ASP D 93 -24.26 19.37 -30.20
C ASP D 93 -23.68 20.62 -30.84
C ASP D 93 -23.56 20.54 -30.90
N ASP D 94 -22.77 21.30 -30.14
CA ASP D 94 -22.12 22.50 -30.68
C ASP D 94 -20.69 22.65 -30.20
N ALA D 95 -19.87 23.29 -31.03
CA ALA D 95 -18.51 23.68 -30.67
C ALA D 95 -18.29 25.10 -31.17
N TRP D 96 -17.63 25.90 -30.35
CA TRP D 96 -17.30 27.28 -30.70
C TRP D 96 -15.81 27.45 -30.51
N LEU D 97 -15.12 27.97 -31.51
CA LEU D 97 -13.67 28.11 -31.45
C LEU D 97 -13.25 29.55 -31.83
N LEU D 98 -12.73 30.26 -30.84
CA LEU D 98 -12.38 31.66 -31.00
C LEU D 98 -10.87 31.74 -31.04
N THR D 99 -10.33 32.23 -32.16
CA THR D 99 -8.89 32.32 -32.35
C THR D 99 -8.47 33.70 -32.84
N THR D 100 -7.21 34.03 -32.62
CA THR D 100 -6.66 35.29 -33.09
C THR D 100 -6.36 35.18 -34.57
N ALA D 101 -6.58 36.26 -35.30
CA ALA D 101 -6.35 36.24 -36.74
C ALA D 101 -4.85 36.40 -37.02
N ILE D 102 -4.36 35.65 -38.01
CA ILE D 102 -3.02 35.90 -38.53
C ILE D 102 -3.16 36.93 -39.64
N PRO D 103 -2.54 38.12 -39.44
CA PRO D 103 -2.69 39.18 -40.43
C PRO D 103 -1.99 38.80 -41.73
N GLY D 104 -2.54 39.25 -42.86
CA GLY D 104 -1.92 39.01 -44.14
C GLY D 104 -2.82 38.43 -45.20
N LYS D 105 -2.21 37.96 -46.28
CA LYS D 105 -2.93 37.41 -47.42
C LYS D 105 -2.49 35.97 -47.58
N THR D 106 -3.30 35.15 -48.24
CA THR D 106 -2.91 33.77 -48.49
C THR D 106 -1.78 33.72 -49.51
N ALA D 107 -1.06 32.61 -49.55
CA ALA D 107 -0.02 32.40 -50.54
C ALA D 107 -0.57 32.52 -51.96
N PHE D 108 -1.78 31.99 -52.18
CA PHE D 108 -2.47 32.18 -53.46
C PHE D 108 -2.59 33.66 -53.84
N GLN D 109 -3.10 34.47 -52.92
CA GLN D 109 -3.27 35.89 -53.18
C GLN D 109 -1.93 36.56 -53.49
N VAL D 110 -0.90 36.20 -52.73
CA VAL D 110 0.41 36.83 -52.92
C VAL D 110 1.05 36.41 -54.24
N LEU D 111 0.92 35.14 -54.59
CA LEU D 111 1.39 34.68 -55.90
C LEU D 111 0.67 35.42 -57.03
N GLU D 112 -0.63 35.67 -56.84
CA GLU D 112 -1.37 36.41 -57.85
C GLU D 112 -0.93 37.88 -57.94
N GLU D 113 -0.65 38.48 -56.80
CA GLU D 113 -0.32 39.91 -56.78
C GLU D 113 1.15 40.14 -57.21
N TYR D 114 2.00 39.16 -56.90
CA TYR D 114 3.44 39.26 -57.15
C TYR D 114 3.98 38.12 -58.01
N PRO D 115 3.45 37.97 -59.24
CA PRO D 115 3.84 36.82 -60.07
C PRO D 115 5.34 36.76 -60.36
N ASP D 116 6.02 37.91 -60.43
CA ASP D 116 7.46 37.94 -60.67
C ASP D 116 8.25 37.43 -59.46
N SER D 117 7.57 37.23 -58.34
CA SER D 117 8.21 36.68 -57.16
C SER D 117 7.89 35.19 -56.97
N GLY D 118 7.37 34.53 -58.02
CA GLY D 118 6.89 33.16 -57.86
C GLY D 118 7.95 32.24 -57.31
N GLU D 119 9.17 32.35 -57.85
CA GLU D 119 10.25 31.49 -57.39
C GLU D 119 10.63 31.73 -55.93
N ASN D 120 10.69 32.98 -55.50
CA ASN D 120 10.99 33.27 -54.10
C ASN D 120 9.87 32.82 -53.15
N ILE D 121 8.63 32.94 -53.62
CA ILE D 121 7.49 32.47 -52.83
C ILE D 121 7.55 30.96 -52.60
N VAL D 122 7.84 30.21 -53.66
CA VAL D 122 7.96 28.77 -53.54
C VAL D 122 9.14 28.38 -52.63
N ASP D 123 10.24 29.12 -52.70
CA ASP D 123 11.35 28.90 -51.78
C ASP D 123 10.92 29.02 -50.33
N ALA D 124 10.15 30.07 -50.02
CA ALA D 124 9.64 30.30 -48.68
C ALA D 124 8.70 29.16 -48.24
N LEU D 125 7.90 28.67 -49.18
CA LEU D 125 6.96 27.59 -48.87
C LEU D 125 7.69 26.29 -48.53
N ALA D 126 8.73 25.98 -49.30
CA ALA D 126 9.52 24.77 -49.06
C ALA D 126 10.25 24.82 -47.73
N VAL D 127 10.83 25.97 -47.38
CA VAL D 127 11.45 26.15 -46.07
C VAL D 127 10.45 25.90 -44.94
N PHE D 128 9.24 26.47 -45.08
CA PHE D 128 8.22 26.33 -44.06
C PHE D 128 7.80 24.87 -43.95
N LEU D 129 7.64 24.20 -45.09
CA LEU D 129 7.27 22.78 -45.09
C LEU D 129 8.38 21.89 -44.51
N ARG D 130 9.63 22.23 -44.81
CA ARG D 130 10.77 21.52 -44.21
C ARG D 130 10.76 21.65 -42.68
N ARG D 131 10.38 22.83 -42.18
CA ARG D 131 10.32 23.04 -40.74
CA ARG D 131 10.28 23.07 -40.74
C ARG D 131 9.24 22.15 -40.11
N LEU D 132 8.07 22.11 -40.71
CA LEU D 132 6.98 21.28 -40.19
C LEU D 132 7.39 19.81 -40.16
N HIS D 133 7.92 19.33 -41.28
CA HIS D 133 8.38 17.95 -41.41
C HIS D 133 9.60 17.59 -40.57
N SER D 134 10.22 18.59 -39.93
CA SER D 134 11.38 18.36 -39.07
C SER D 134 11.00 18.09 -37.63
N ILE D 135 9.74 18.33 -37.28
CA ILE D 135 9.25 18.02 -35.94
C ILE D 135 9.34 16.51 -35.72
N PRO D 136 10.06 16.09 -34.67
CA PRO D 136 10.22 14.66 -34.44
C PRO D 136 8.86 14.00 -34.23
N VAL D 137 8.60 12.87 -34.89
CA VAL D 137 7.25 12.29 -34.88
C VAL D 137 6.88 11.78 -33.49
N CYS D 138 7.90 11.52 -32.67
CA CYS D 138 7.69 11.10 -31.29
C CYS D 138 6.90 12.11 -30.45
N ASN D 139 6.86 13.37 -30.91
CA ASN D 139 6.09 14.43 -30.26
C ASN D 139 4.59 14.47 -30.59
N CYS D 140 4.17 13.80 -31.66
CA CYS D 140 2.83 13.99 -32.21
C CYS D 140 1.81 12.90 -31.78
N PRO D 141 0.73 13.31 -31.11
CA PRO D 141 -0.26 12.34 -30.60
C PRO D 141 -1.37 12.03 -31.60
N PHE D 142 -1.23 12.52 -32.82
CA PHE D 142 -2.30 12.35 -33.82
C PHE D 142 -1.89 11.46 -34.98
N ASN D 143 -2.81 10.58 -35.36
CA ASN D 143 -2.62 9.64 -36.45
C ASN D 143 -3.37 10.11 -37.71
N SER D 144 -2.63 10.37 -38.80
CA SER D 144 -3.23 10.70 -40.11
C SER D 144 -2.76 9.73 -41.19
N ASP D 145 -2.43 8.50 -40.81
CA ASP D 145 -1.76 7.59 -41.74
C ASP D 145 -2.72 7.03 -42.78
N ARG D 146 -2.19 6.38 -43.80
CA ARG D 146 -3.04 6.06 -44.95
C ARG D 146 -4.14 5.05 -44.64
N VAL D 147 -3.92 4.15 -43.69
CA VAL D 147 -4.96 3.20 -43.30
C VAL D 147 -6.19 3.95 -42.71
N PHE D 148 -5.92 4.93 -41.86
CA PHE D 148 -6.95 5.79 -41.27
C PHE D 148 -7.65 6.64 -42.35
N ARG D 149 -6.86 7.30 -43.21
CA ARG D 149 -7.43 8.13 -44.26
C ARG D 149 -8.20 7.31 -45.30
N LEU D 150 -7.68 6.15 -45.68
CA LEU D 150 -8.36 5.30 -46.63
C LEU D 150 -9.73 4.84 -46.10
N ALA D 151 -9.81 4.55 -44.81
CA ALA D 151 -11.09 4.16 -44.23
C ALA D 151 -12.09 5.32 -44.28
N GLN D 152 -11.62 6.53 -43.99
CA GLN D 152 -12.46 7.72 -44.15
C GLN D 152 -12.91 7.90 -45.60
N ALA D 153 -12.00 7.69 -46.54
CA ALA D 153 -12.33 7.83 -47.96
C ALA D 153 -13.39 6.83 -48.40
N GLN D 154 -13.26 5.61 -47.92
CA GLN D 154 -14.23 4.57 -48.27
C GLN D 154 -15.60 4.99 -47.78
N SER D 155 -15.65 5.49 -46.55
CA SER D 155 -16.89 5.93 -45.94
C SER D 155 -17.53 7.12 -46.67
N ARG D 156 -16.72 8.12 -47.05
CA ARG D 156 -17.23 9.23 -47.85
C ARG D 156 -17.80 8.73 -49.18
N MET D 157 -17.12 7.78 -49.79
CA MET D 157 -17.57 7.23 -51.06
C MET D 157 -18.90 6.50 -50.90
N ASN D 158 -18.99 5.68 -49.86
CA ASN D 158 -20.22 4.93 -49.59
C ASN D 158 -21.42 5.81 -49.21
N ASN D 159 -21.15 6.95 -48.58
CA ASN D 159 -22.19 7.90 -48.19
C ASN D 159 -22.51 8.96 -49.25
N GLY D 160 -21.90 8.84 -50.42
CA GLY D 160 -22.19 9.74 -51.53
C GLY D 160 -21.69 11.15 -51.32
N LEU D 161 -20.59 11.29 -50.57
CA LEU D 161 -20.10 12.60 -50.16
C LEU D 161 -18.91 13.09 -50.97
N VAL D 162 -18.42 12.26 -51.87
CA VAL D 162 -17.25 12.64 -52.68
C VAL D 162 -17.66 13.64 -53.76
N ASP D 163 -16.90 14.73 -53.87
CA ASP D 163 -17.21 15.77 -54.85
C ASP D 163 -16.62 15.35 -56.19
N ALA D 164 -17.45 14.69 -57.00
CA ALA D 164 -16.97 14.13 -58.26
C ALA D 164 -16.68 15.22 -59.31
N SER D 165 -17.24 16.41 -59.15
CA SER D 165 -17.01 17.52 -60.07
C SER D 165 -15.66 18.19 -59.84
N ASP D 166 -14.99 17.84 -58.75
CA ASP D 166 -13.79 18.57 -58.35
C ASP D 166 -12.52 17.73 -58.52
N PHE D 167 -12.59 16.67 -59.33
CA PHE D 167 -11.41 15.82 -59.52
C PHE D 167 -10.37 16.57 -60.35
N ASP D 168 -9.10 16.22 -60.17
CA ASP D 168 -8.05 16.75 -61.06
C ASP D 168 -8.31 16.40 -62.52
N ASP D 169 -7.75 17.19 -63.43
CA ASP D 169 -7.97 17.05 -64.86
C ASP D 169 -7.79 15.63 -65.39
N GLU D 170 -6.75 14.96 -64.93
CA GLU D 170 -6.45 13.60 -65.39
C GLU D 170 -7.51 12.57 -64.97
N ARG D 171 -8.38 12.97 -64.06
CA ARG D 171 -9.47 12.10 -63.58
C ARG D 171 -10.85 12.72 -63.85
N ASN D 172 -10.88 13.72 -64.73
CA ASN D 172 -12.13 14.41 -65.01
C ASN D 172 -13.23 13.49 -65.52
N GLY D 173 -14.39 13.54 -64.86
CA GLY D 173 -15.53 12.72 -65.24
C GLY D 173 -15.45 11.26 -64.86
N TRP D 174 -14.41 10.85 -64.12
CA TRP D 174 -14.30 9.45 -63.70
C TRP D 174 -15.34 9.15 -62.63
N PRO D 175 -15.92 7.94 -62.65
CA PRO D 175 -16.76 7.57 -61.51
C PRO D 175 -15.90 7.48 -60.26
N VAL D 176 -16.47 7.77 -59.10
CA VAL D 176 -15.72 7.73 -57.84
C VAL D 176 -15.09 6.35 -57.65
N GLU D 177 -15.86 5.33 -58.01
N GLU D 177 -15.86 5.31 -57.98
CA GLU D 177 -15.47 3.94 -57.86
CA GLU D 177 -15.38 3.94 -57.81
C GLU D 177 -14.21 3.59 -58.67
C GLU D 177 -14.14 3.62 -58.65
N GLN D 178 -14.05 4.21 -59.83
CA GLN D 178 -12.85 4.03 -60.67
C GLN D 178 -11.62 4.68 -60.01
N VAL D 179 -11.79 5.87 -59.45
CA VAL D 179 -10.69 6.49 -58.70
C VAL D 179 -10.25 5.56 -57.57
N TRP D 180 -11.21 5.01 -56.84
CA TRP D 180 -10.95 4.12 -55.71
C TRP D 180 -10.11 2.92 -56.16
N LYS D 181 -10.54 2.28 -57.24
CA LYS D 181 -9.89 1.06 -57.73
C LYS D 181 -8.49 1.34 -58.25
N GLU D 182 -8.34 2.40 -59.04
CA GLU D 182 -7.04 2.72 -59.60
C GLU D 182 -6.07 3.18 -58.51
N MET D 183 -6.58 3.86 -57.50
CA MET D 183 -5.72 4.32 -56.41
C MET D 183 -5.07 3.14 -55.69
N HIS D 184 -5.83 2.08 -55.49
CA HIS D 184 -5.32 0.90 -54.77
C HIS D 184 -4.27 0.11 -55.55
N LYS D 185 -4.23 0.29 -56.87
CA LYS D 185 -3.16 -0.28 -57.68
C LYS D 185 -1.76 0.29 -57.35
N LEU D 186 -1.73 1.44 -56.69
CA LEU D 186 -0.46 2.08 -56.33
C LEU D 186 0.11 1.59 -55.00
N LEU D 187 -0.67 0.78 -54.30
CA LEU D 187 -0.25 0.25 -53.00
C LEU D 187 0.35 -1.13 -53.19
N PRO D 188 1.25 -1.54 -52.27
CA PRO D 188 1.74 -0.74 -51.15
C PRO D 188 3.01 0.05 -51.49
N PHE D 189 3.32 1.02 -50.64
CA PHE D 189 4.65 1.63 -50.60
C PHE D 189 5.02 1.80 -49.13
N SER D 190 6.31 1.91 -48.83
CA SER D 190 6.73 2.10 -47.45
C SER D 190 6.55 3.56 -47.03
N PRO D 191 5.83 3.80 -45.93
CA PRO D 191 5.62 5.20 -45.56
C PRO D 191 6.90 5.84 -45.08
N ASP D 192 7.07 7.11 -45.44
CA ASP D 192 8.16 7.94 -44.96
C ASP D 192 7.47 8.99 -44.07
N SER D 193 7.26 8.62 -42.81
CA SER D 193 6.30 9.31 -41.96
C SER D 193 6.85 10.54 -41.26
N VAL D 194 6.10 11.63 -41.32
CA VAL D 194 6.46 12.89 -40.67
C VAL D 194 5.20 13.54 -40.09
N VAL D 195 5.37 14.62 -39.34
CA VAL D 195 4.23 15.41 -38.90
C VAL D 195 3.73 16.17 -40.12
N THR D 196 2.49 15.90 -40.54
CA THR D 196 1.93 16.61 -41.71
C THR D 196 0.78 17.52 -41.35
N HIS D 197 0.58 18.53 -42.20
CA HIS D 197 -0.52 19.48 -42.06
C HIS D 197 -1.86 18.86 -42.47
N GLY D 198 -1.85 18.16 -43.59
CA GLY D 198 -3.05 17.48 -44.06
C GLY D 198 -3.82 18.22 -45.14
N ASP D 199 -3.61 19.53 -45.24
CA ASP D 199 -4.20 20.31 -46.33
C ASP D 199 -3.30 21.51 -46.61
N PHE D 200 -2.08 21.19 -47.01
CA PHE D 200 -1.03 22.18 -47.19
C PHE D 200 -1.21 22.87 -48.54
N SER D 201 -2.27 23.65 -48.66
CA SER D 201 -2.59 24.30 -49.94
C SER D 201 -2.23 25.78 -49.88
N LEU D 202 -2.25 26.43 -51.04
CA LEU D 202 -1.92 27.85 -51.10
C LEU D 202 -2.93 28.70 -50.33
N ASP D 203 -4.11 28.16 -50.06
CA ASP D 203 -5.11 28.92 -49.30
C ASP D 203 -4.85 28.88 -47.80
N ASN D 204 -4.02 27.94 -47.35
CA ASN D 204 -3.83 27.77 -45.90
C ASN D 204 -2.50 28.27 -45.35
N LEU D 205 -1.78 29.06 -46.15
CA LEU D 205 -0.49 29.60 -45.72
C LEU D 205 -0.57 31.11 -45.84
N ILE D 206 -0.17 31.81 -44.79
CA ILE D 206 -0.41 33.24 -44.74
C ILE D 206 0.89 34.02 -44.77
N PHE D 207 0.96 35.00 -45.67
CA PHE D 207 2.13 35.87 -45.83
C PHE D 207 1.82 37.26 -45.32
N ASP D 208 2.79 37.91 -44.68
CA ASP D 208 2.57 39.30 -44.29
C ASP D 208 3.86 40.06 -44.51
N GLU D 209 3.76 41.17 -45.25
CA GLU D 209 4.91 41.95 -45.67
C GLU D 209 6.05 41.07 -46.19
N GLY D 210 5.73 40.23 -47.17
CA GLY D 210 6.72 39.45 -47.90
C GLY D 210 7.23 38.19 -47.22
N LYS D 211 6.77 37.93 -45.99
CA LYS D 211 7.25 36.77 -45.25
C LYS D 211 6.09 35.82 -44.94
N LEU D 212 6.37 34.52 -45.02
CA LEU D 212 5.42 33.49 -44.63
C LEU D 212 5.36 33.44 -43.12
N ILE D 213 4.25 33.84 -42.54
CA ILE D 213 4.23 33.99 -41.09
C ILE D 213 3.38 32.95 -40.36
N GLY D 214 2.56 32.19 -41.07
CA GLY D 214 1.78 31.16 -40.41
C GLY D 214 1.00 30.24 -41.33
N CYS D 215 0.41 29.19 -40.75
CA CYS D 215 -0.52 28.35 -41.48
C CYS D 215 -1.82 28.25 -40.69
N ILE D 216 -2.90 27.88 -41.37
CA ILE D 216 -4.22 27.81 -40.75
C ILE D 216 -4.90 26.52 -41.18
N ASP D 217 -6.11 26.26 -40.64
CA ASP D 217 -6.91 25.11 -41.05
C ASP D 217 -6.17 23.81 -40.77
N VAL D 218 -5.88 23.54 -39.50
CA VAL D 218 -5.02 22.43 -39.15
C VAL D 218 -5.75 21.17 -38.64
N GLY D 219 -7.04 21.04 -38.90
CA GLY D 219 -7.83 19.91 -38.40
C GLY D 219 -7.45 18.51 -38.88
N ARG D 220 -6.62 18.42 -39.91
CA ARG D 220 -6.14 17.13 -40.40
C ARG D 220 -4.69 16.83 -40.04
N VAL D 221 -4.12 17.66 -39.18
CA VAL D 221 -2.74 17.46 -38.74
C VAL D 221 -2.55 16.08 -38.11
N GLY D 222 -1.46 15.41 -38.49
CA GLY D 222 -1.04 14.22 -37.78
C GLY D 222 0.05 13.52 -38.54
N ILE D 223 0.48 12.36 -38.03
CA ILE D 223 1.55 11.61 -38.66
C ILE D 223 1.06 10.94 -39.95
N ALA D 224 1.72 11.27 -41.07
CA ALA D 224 1.43 10.66 -42.36
C ALA D 224 2.70 10.70 -43.21
N ASP D 225 2.65 10.10 -44.40
CA ASP D 225 3.77 10.20 -45.33
C ASP D 225 3.99 11.65 -45.72
N ARG D 226 5.23 12.04 -45.94
CA ARG D 226 5.52 13.43 -46.27
C ARG D 226 4.83 13.87 -47.58
N TYR D 227 4.56 12.94 -48.48
CA TYR D 227 3.92 13.30 -49.74
C TYR D 227 2.48 13.76 -49.54
N GLN D 228 1.90 13.50 -48.36
CA GLN D 228 0.60 14.09 -48.07
C GLN D 228 0.62 15.62 -48.28
N ASP D 229 1.66 16.26 -47.80
CA ASP D 229 1.75 17.72 -47.92
C ASP D 229 2.35 18.15 -49.25
N LEU D 230 3.41 17.47 -49.68
CA LEU D 230 4.03 17.79 -50.96
C LEU D 230 3.01 17.67 -52.08
N ALA D 231 2.17 16.64 -52.04
CA ALA D 231 1.21 16.42 -53.15
C ALA D 231 0.20 17.54 -53.26
N ILE D 232 -0.40 17.90 -52.15
CA ILE D 232 -1.40 18.96 -52.16
C ILE D 232 -0.84 20.31 -52.66
N LEU D 233 0.33 20.69 -52.16
CA LEU D 233 0.93 21.97 -52.59
C LEU D 233 1.41 21.92 -54.03
N TRP D 234 2.04 20.82 -54.42
CA TRP D 234 2.45 20.60 -55.81
C TRP D 234 1.26 20.80 -56.74
N ASN D 235 0.12 20.21 -56.36
CA ASN D 235 -1.09 20.31 -57.16
C ASN D 235 -1.48 21.78 -57.32
N CYS D 236 -1.52 22.52 -56.20
CA CYS D 236 -1.86 23.94 -56.23
C CYS D 236 -0.95 24.76 -57.16
N LEU D 237 0.33 24.44 -57.16
CA LEU D 237 1.30 25.22 -57.96
C LEU D 237 1.12 24.99 -59.46
N GLY D 238 0.38 23.94 -59.82
CA GLY D 238 0.03 23.73 -61.21
C GLY D 238 -0.81 24.85 -61.81
N GLU D 239 -1.50 25.62 -60.99
CA GLU D 239 -2.23 26.77 -61.53
C GLU D 239 -1.26 27.88 -61.92
N PHE D 240 0.01 27.69 -61.59
CA PHE D 240 1.03 28.72 -61.86
C PHE D 240 2.02 28.30 -62.93
N SER D 241 2.82 27.26 -62.67
CA SER D 241 3.67 26.71 -63.73
C SER D 241 4.28 25.39 -63.32
N PRO D 242 4.63 24.54 -64.31
CA PRO D 242 5.33 23.28 -64.01
C PRO D 242 6.71 23.53 -63.40
N SER D 243 7.35 24.65 -63.75
CA SER D 243 8.63 24.98 -63.17
C SER D 243 8.54 25.18 -61.65
N LEU D 244 7.49 25.89 -61.22
CA LEU D 244 7.29 26.13 -59.79
C LEU D 244 6.95 24.83 -59.05
N GLN D 245 6.19 23.97 -59.71
CA GLN D 245 5.89 22.64 -59.16
C GLN D 245 7.20 21.87 -58.90
N LYS D 246 8.07 21.85 -59.90
CA LYS D 246 9.35 21.18 -59.76
C LYS D 246 10.22 21.84 -58.68
N ARG D 247 10.16 23.17 -58.63
CA ARG D 247 11.00 23.93 -57.70
C ARG D 247 10.65 23.61 -56.25
N LEU D 248 9.37 23.38 -55.98
CA LEU D 248 8.95 22.97 -54.64
C LEU D 248 9.72 21.76 -54.15
N PHE D 249 9.76 20.71 -54.96
CA PHE D 249 10.47 19.49 -54.59
C PHE D 249 11.96 19.75 -54.44
N GLN D 250 12.53 20.43 -55.43
N GLN D 250 12.55 20.45 -55.41
CA GLN D 250 13.96 20.74 -55.43
CA GLN D 250 13.98 20.69 -55.40
C GLN D 250 14.37 21.45 -54.14
C GLN D 250 14.43 21.50 -54.17
N LYS D 251 13.62 22.47 -53.77
CA LYS D 251 13.95 23.30 -52.61
C LYS D 251 13.64 22.59 -51.30
N TYR D 252 12.65 21.72 -51.33
CA TYR D 252 12.33 20.95 -50.15
C TYR D 252 13.44 19.95 -49.87
N GLY D 253 14.11 19.51 -50.93
CA GLY D 253 15.25 18.61 -50.79
C GLY D 253 15.12 17.30 -51.52
N ILE D 254 14.17 17.21 -52.43
CA ILE D 254 13.94 15.97 -53.17
C ILE D 254 14.23 16.17 -54.65
N ASP D 255 15.27 15.52 -55.15
CA ASP D 255 15.70 15.65 -56.55
C ASP D 255 14.90 14.75 -57.49
N ASN D 256 14.62 13.53 -57.05
CA ASN D 256 13.84 12.57 -57.84
C ASN D 256 12.51 12.26 -57.16
N PRO D 257 11.48 13.08 -57.44
CA PRO D 257 10.18 12.87 -56.79
C PRO D 257 9.65 11.47 -57.07
N ASP D 258 9.10 10.85 -56.04
CA ASP D 258 8.47 9.55 -56.14
C ASP D 258 7.09 9.75 -56.78
N MET D 259 6.98 9.48 -58.08
CA MET D 259 5.74 9.76 -58.80
C MET D 259 4.60 8.87 -58.32
N ASN D 260 4.93 7.66 -57.85
CA ASN D 260 3.92 6.76 -57.30
C ASN D 260 3.27 7.32 -56.04
N LYS D 261 4.09 7.77 -55.09
CA LYS D 261 3.59 8.37 -53.87
C LYS D 261 2.86 9.68 -54.13
N LEU D 262 3.35 10.45 -55.10
CA LEU D 262 2.70 11.68 -55.47
C LEU D 262 1.31 11.39 -56.01
N GLN D 263 1.23 10.49 -56.97
CA GLN D 263 -0.06 10.09 -57.54
CA GLN D 263 -0.08 10.16 -57.53
C GLN D 263 -1.00 9.51 -56.47
N PHE D 264 -0.47 8.67 -55.60
CA PHE D 264 -1.33 8.11 -54.55
C PHE D 264 -1.99 9.21 -53.71
N HIS D 265 -1.21 10.21 -53.28
CA HIS D 265 -1.77 11.23 -52.41
C HIS D 265 -2.72 12.21 -53.14
N LEU D 266 -2.44 12.49 -54.41
CA LEU D 266 -3.35 13.26 -55.25
C LEU D 266 -4.69 12.54 -55.38
N MET D 267 -4.64 11.23 -55.61
CA MET D 267 -5.87 10.45 -55.75
C MET D 267 -6.65 10.37 -54.44
N LEU D 268 -5.93 10.15 -53.34
CA LEU D 268 -6.57 10.10 -52.02
C LEU D 268 -7.30 11.40 -51.70
N ASP D 269 -6.68 12.54 -52.03
CA ASP D 269 -7.32 13.83 -51.77
C ASP D 269 -8.61 14.04 -52.57
N GLU D 270 -8.81 13.27 -53.63
CA GLU D 270 -10.05 13.39 -54.41
C GLU D 270 -11.27 13.05 -53.54
N PHE D 271 -11.05 12.24 -52.51
CA PHE D 271 -12.15 11.78 -51.66
C PHE D 271 -12.53 12.76 -50.56
N PHE D 272 -11.78 13.85 -50.44
CA PHE D 272 -11.96 14.77 -49.31
C PHE D 272 -12.41 16.17 -49.70
N SER E 3 9.87 -12.79 -5.92
CA SER E 3 9.87 -13.83 -4.89
C SER E 3 9.51 -13.29 -3.52
N HIS E 4 9.11 -14.18 -2.62
CA HIS E 4 8.78 -13.84 -1.23
C HIS E 4 7.70 -12.77 -1.15
N ILE E 5 6.76 -12.85 -2.08
CA ILE E 5 5.60 -11.97 -2.14
C ILE E 5 4.87 -11.93 -0.79
N GLN E 6 4.55 -10.72 -0.34
CA GLN E 6 3.88 -10.53 0.94
C GLN E 6 2.98 -9.30 0.85
N ARG E 7 1.74 -9.49 0.40
CA ARG E 7 0.85 -8.37 0.07
C ARG E 7 -0.53 -8.53 0.68
N GLU E 8 -0.95 -7.52 1.45
CA GLU E 8 -2.23 -7.59 2.14
C GLU E 8 -3.16 -6.46 1.68
N THR E 9 -4.40 -6.83 1.36
CA THR E 9 -5.44 -5.84 1.08
C THR E 9 -6.57 -6.00 2.09
N SER E 10 -7.23 -4.88 2.40
CA SER E 10 -8.42 -4.91 3.24
C SER E 10 -9.54 -5.58 2.43
N CYS E 11 -10.43 -6.30 3.12
CA CYS E 11 -11.60 -6.84 2.44
C CYS E 11 -12.81 -6.91 3.35
N SER E 12 -13.97 -7.10 2.75
CA SER E 12 -15.17 -7.40 3.50
C SER E 12 -15.24 -8.90 3.72
N ARG E 13 -15.97 -9.30 4.74
CA ARG E 13 -16.23 -10.70 5.02
C ARG E 13 -16.79 -11.35 3.76
N PRO E 14 -16.15 -12.43 3.31
CA PRO E 14 -16.59 -13.19 2.13
C PRO E 14 -17.96 -13.81 2.36
N ARG E 15 -18.59 -14.23 1.27
CA ARG E 15 -19.99 -14.66 1.28
C ARG E 15 -20.27 -15.86 2.17
N LEU E 16 -19.43 -16.89 2.09
CA LEU E 16 -19.66 -18.16 2.77
C LEU E 16 -20.95 -18.82 2.30
N ASN E 19 -21.44 -23.72 8.93
CA ASN E 19 -21.56 -22.80 10.05
C ASN E 19 -20.22 -22.31 10.57
N LEU E 20 -19.68 -21.28 9.94
CA LEU E 20 -18.42 -20.69 10.39
C LEU E 20 -18.65 -19.51 11.31
N ASP E 21 -19.89 -19.03 11.34
CA ASP E 21 -20.24 -17.78 12.02
C ASP E 21 -19.69 -17.67 13.45
N ALA E 22 -20.01 -18.65 14.29
CA ALA E 22 -19.57 -18.61 15.67
C ALA E 22 -18.05 -18.52 15.79
N ASP E 23 -17.33 -19.17 14.88
CA ASP E 23 -15.88 -19.15 14.92
C ASP E 23 -15.31 -17.80 14.46
N LEU E 24 -16.09 -17.01 13.73
CA LEU E 24 -15.55 -15.81 13.08
C LEU E 24 -15.99 -14.49 13.70
N TYR E 25 -16.90 -14.55 14.68
CA TYR E 25 -17.40 -13.34 15.36
C TYR E 25 -16.25 -12.46 15.87
N GLY E 26 -16.35 -11.17 15.63
CA GLY E 26 -15.45 -10.21 16.26
C GLY E 26 -14.06 -10.07 15.67
N TYR E 27 -13.81 -10.76 14.56
CA TYR E 27 -12.53 -10.63 13.86
C TYR E 27 -12.61 -9.57 12.77
N ARG E 28 -11.49 -8.90 12.51
CA ARG E 28 -11.34 -8.05 11.33
C ARG E 28 -10.77 -8.90 10.19
N TRP E 29 -11.09 -8.53 8.95
CA TRP E 29 -10.72 -9.33 7.79
C TRP E 29 -9.69 -8.66 6.88
N ALA E 30 -8.70 -9.43 6.45
CA ALA E 30 -7.79 -8.99 5.40
C ALA E 30 -7.56 -10.13 4.43
N ARG E 31 -7.18 -9.80 3.20
CA ARG E 31 -6.87 -10.80 2.20
C ARG E 31 -5.37 -10.82 1.94
N ASP E 32 -4.76 -12.00 2.05
CA ASP E 32 -3.31 -12.12 1.94
C ASP E 32 -2.84 -12.80 0.67
N ASN E 33 -2.08 -12.06 -0.13
CA ASN E 33 -1.41 -12.66 -1.27
C ASN E 33 0.02 -13.02 -0.90
N VAL E 34 0.23 -14.28 -0.56
CA VAL E 34 1.57 -14.72 -0.23
C VAL E 34 2.20 -15.45 -1.41
N GLY E 35 1.69 -15.16 -2.61
CA GLY E 35 2.22 -15.68 -3.86
C GLY E 35 1.95 -17.16 -4.07
N GLN E 36 0.82 -17.63 -3.54
CA GLN E 36 0.56 -19.07 -3.53
C GLN E 36 -0.13 -19.61 -4.77
N SER E 37 -0.54 -20.87 -4.67
CA SER E 37 -1.12 -21.59 -5.78
C SER E 37 -2.61 -21.86 -5.56
N GLY E 38 -3.43 -20.86 -5.88
CA GLY E 38 -4.85 -21.11 -6.03
C GLY E 38 -5.77 -20.58 -4.94
N ALA E 39 -5.54 -20.99 -3.70
CA ALA E 39 -6.51 -20.72 -2.65
C ALA E 39 -6.55 -19.25 -2.28
N THR E 40 -7.73 -18.75 -1.93
CA THR E 40 -7.82 -17.40 -1.40
C THR E 40 -7.50 -17.50 0.09
N ILE E 41 -6.64 -16.62 0.57
CA ILE E 41 -6.21 -16.64 1.98
C ILE E 41 -6.68 -15.39 2.71
N TYR E 42 -7.45 -15.59 3.77
CA TYR E 42 -7.88 -14.48 4.62
C TYR E 42 -7.16 -14.55 5.96
N ARG E 43 -6.69 -13.40 6.42
CA ARG E 43 -6.15 -13.27 7.76
C ARG E 43 -7.26 -12.67 8.62
N LEU E 44 -7.51 -13.32 9.76
CA LEU E 44 -8.52 -12.84 10.70
CA LEU E 44 -8.52 -12.87 10.72
C LEU E 44 -7.80 -12.33 11.95
N TYR E 45 -8.06 -11.08 12.30
CA TYR E 45 -7.27 -10.42 13.33
C TYR E 45 -8.06 -9.41 14.15
N GLY E 46 -7.48 -8.93 15.25
CA GLY E 46 -8.04 -7.80 15.97
C GLY E 46 -9.14 -8.12 16.96
N LYS E 47 -9.33 -9.40 17.26
CA LYS E 47 -10.34 -9.80 18.24
C LYS E 47 -9.74 -9.95 19.62
N PRO E 48 -10.31 -9.25 20.61
CA PRO E 48 -9.90 -9.30 22.02
C PRO E 48 -9.91 -10.71 22.61
N ASN E 49 -8.85 -11.04 23.35
CA ASN E 49 -8.68 -12.34 24.00
C ASN E 49 -8.80 -13.50 23.02
N ALA E 50 -8.32 -13.30 21.80
CA ALA E 50 -8.48 -14.30 20.75
C ALA E 50 -7.31 -14.33 19.77
N PRO E 51 -6.88 -15.52 19.38
CA PRO E 51 -5.68 -15.57 18.55
C PRO E 51 -5.99 -15.23 17.10
N GLU E 52 -4.98 -14.80 16.37
CA GLU E 52 -5.13 -14.56 14.96
C GLU E 52 -5.43 -15.87 14.25
N LEU E 53 -6.26 -15.83 13.20
CA LEU E 53 -6.60 -17.03 12.43
C LEU E 53 -6.31 -16.82 10.97
N PHE E 54 -6.22 -17.93 10.21
CA PHE E 54 -6.22 -17.86 8.75
C PHE E 54 -7.33 -18.71 8.19
N LEU E 55 -7.96 -18.22 7.13
CA LEU E 55 -9.02 -18.98 6.46
C LEU E 55 -8.62 -19.13 5.02
N LYS E 56 -8.47 -20.39 4.57
CA LYS E 56 -8.16 -20.69 3.18
C LYS E 56 -9.42 -21.17 2.48
N HIS E 57 -9.71 -20.62 1.31
CA HIS E 57 -10.88 -21.03 0.53
C HIS E 57 -10.45 -21.46 -0.86
N GLY E 58 -10.74 -22.70 -1.22
CA GLY E 58 -10.44 -23.20 -2.54
C GLY E 58 -11.69 -23.61 -3.29
N LYS E 59 -11.78 -23.23 -4.56
CA LYS E 59 -12.89 -23.63 -5.43
C LYS E 59 -12.40 -24.57 -6.52
N GLY E 60 -13.30 -25.42 -7.02
CA GLY E 60 -12.95 -26.35 -8.08
C GLY E 60 -11.78 -27.24 -7.69
N SER E 61 -10.81 -27.36 -8.59
CA SER E 61 -9.65 -28.21 -8.34
C SER E 61 -8.86 -27.74 -7.12
N VAL E 62 -8.92 -26.43 -6.84
CA VAL E 62 -8.21 -25.89 -5.66
C VAL E 62 -8.84 -26.39 -4.34
N ALA E 63 -10.11 -26.75 -4.37
CA ALA E 63 -10.75 -27.33 -3.19
C ALA E 63 -10.02 -28.61 -2.77
N ASN E 64 -9.59 -29.39 -3.75
CA ASN E 64 -8.82 -30.59 -3.48
C ASN E 64 -7.49 -30.28 -2.78
N ASP E 65 -6.80 -29.23 -3.24
CA ASP E 65 -5.54 -28.82 -2.62
C ASP E 65 -5.74 -28.41 -1.16
N VAL E 66 -6.82 -27.69 -0.88
CA VAL E 66 -7.14 -27.27 0.47
C VAL E 66 -7.49 -28.49 1.34
N THR E 67 -8.19 -29.43 0.73
CA THR E 67 -8.51 -30.69 1.40
C THR E 67 -7.24 -31.48 1.73
N ASP E 68 -6.35 -31.59 0.74
CA ASP E 68 -5.03 -32.22 0.95
C ASP E 68 -4.27 -31.61 2.12
N GLU E 69 -4.32 -30.28 2.24
CA GLU E 69 -3.63 -29.64 3.33
C GLU E 69 -4.26 -29.97 4.68
N MET E 70 -5.59 -29.93 4.74
CA MET E 70 -6.32 -30.25 5.95
C MET E 70 -5.91 -31.60 6.55
N VAL E 71 -5.87 -32.63 5.73
CA VAL E 71 -5.67 -33.98 6.24
CA VAL E 71 -5.63 -33.99 6.21
C VAL E 71 -4.21 -34.20 6.66
N ARG E 72 -3.29 -33.48 6.01
CA ARG E 72 -1.86 -33.52 6.35
C ARG E 72 -1.56 -32.74 7.64
N LEU E 73 -2.24 -31.60 7.82
CA LEU E 73 -2.17 -30.85 9.07
C LEU E 73 -2.63 -31.73 10.22
N ASN E 74 -3.80 -32.33 10.03
CA ASN E 74 -4.39 -33.22 11.01
C ASN E 74 -3.47 -34.39 11.38
N TRP E 75 -2.77 -34.96 10.41
CA TRP E 75 -1.88 -36.09 10.69
C TRP E 75 -0.58 -35.64 11.36
N LEU E 76 0.09 -34.69 10.70
CA LEU E 76 1.44 -34.31 11.08
C LEU E 76 1.49 -33.60 12.42
N THR E 77 0.37 -33.05 12.87
CA THR E 77 0.42 -32.26 14.10
C THR E 77 0.75 -33.11 15.31
N ALA E 78 0.56 -34.42 15.19
CA ALA E 78 0.94 -35.32 16.25
C ALA E 78 2.46 -35.40 16.42
N PHE E 79 3.21 -34.87 15.46
CA PHE E 79 4.66 -35.01 15.46
C PHE E 79 5.42 -33.69 15.45
N MET E 80 4.85 -32.66 14.82
CA MET E 80 5.57 -31.40 14.59
C MET E 80 4.70 -30.22 15.01
N PRO E 81 5.32 -29.05 15.25
CA PRO E 81 4.58 -27.83 15.58
C PRO E 81 3.90 -27.20 14.36
N LEU E 82 2.58 -27.23 14.32
CA LEU E 82 1.78 -26.84 13.16
C LEU E 82 0.60 -25.94 13.52
N PRO E 83 0.04 -25.22 12.54
CA PRO E 83 -1.23 -24.55 12.82
C PRO E 83 -2.31 -25.57 13.20
N THR E 84 -3.18 -25.19 14.12
CA THR E 84 -4.25 -26.06 14.58
C THR E 84 -5.51 -25.84 13.75
N ILE E 85 -6.17 -26.93 13.37
CA ILE E 85 -7.43 -26.84 12.63
C ILE E 85 -8.57 -26.45 13.56
N LYS E 86 -9.21 -25.32 13.29
CA LYS E 86 -10.37 -24.92 14.05
C LYS E 86 -11.66 -25.43 13.38
N HIS E 87 -11.70 -25.38 12.06
CA HIS E 87 -12.90 -25.78 11.33
C HIS E 87 -12.54 -26.06 9.88
N PHE E 88 -13.14 -27.11 9.31
CA PHE E 88 -12.98 -27.40 7.90
C PHE E 88 -14.34 -27.79 7.31
N ILE E 89 -14.63 -27.27 6.12
CA ILE E 89 -15.86 -27.57 5.42
C ILE E 89 -15.55 -27.92 3.97
N ARG E 90 -16.17 -29.00 3.50
N ARG E 90 -16.15 -29.00 3.48
CA ARG E 90 -16.03 -29.45 2.13
CA ARG E 90 -16.00 -29.42 2.10
C ARG E 90 -17.42 -29.65 1.54
C ARG E 90 -17.38 -29.67 1.51
N THR E 91 -17.66 -29.00 0.40
CA THR E 91 -18.88 -29.24 -0.36
C THR E 91 -18.35 -29.67 -1.74
N PRO E 92 -19.22 -30.11 -2.66
CA PRO E 92 -18.66 -30.64 -3.91
C PRO E 92 -17.68 -29.73 -4.64
N ASP E 93 -17.91 -28.41 -4.65
CA ASP E 93 -17.05 -27.52 -5.40
C ASP E 93 -16.22 -26.55 -4.56
N ASP E 94 -16.29 -26.67 -3.25
CA ASP E 94 -15.61 -25.70 -2.38
C ASP E 94 -15.05 -26.33 -1.13
N ALA E 95 -13.95 -25.77 -0.65
CA ALA E 95 -13.37 -26.19 0.64
C ALA E 95 -12.93 -24.96 1.42
N TRP E 96 -13.22 -24.95 2.72
CA TRP E 96 -12.88 -23.88 3.65
C TRP E 96 -12.10 -24.46 4.82
N LEU E 97 -10.93 -23.90 5.08
CA LEU E 97 -10.05 -24.43 6.12
C LEU E 97 -9.63 -23.29 7.04
N LEU E 98 -10.11 -23.31 8.27
CA LEU E 98 -9.81 -22.27 9.25
C LEU E 98 -8.78 -22.81 10.23
N THR E 99 -7.63 -22.16 10.32
CA THR E 99 -6.58 -22.62 11.24
C THR E 99 -6.11 -21.50 12.15
N THR E 100 -5.43 -21.86 13.24
CA THR E 100 -4.86 -20.85 14.11
C THR E 100 -3.52 -20.39 13.51
N ALA E 101 -3.23 -19.10 13.59
CA ALA E 101 -1.97 -18.58 13.08
C ALA E 101 -0.82 -18.98 14.01
N ILE E 102 0.31 -19.36 13.41
CA ILE E 102 1.55 -19.46 14.16
C ILE E 102 2.17 -18.06 14.19
N PRO E 103 2.35 -17.49 15.40
CA PRO E 103 2.87 -16.12 15.54
C PRO E 103 4.32 -15.98 15.09
N GLY E 104 4.66 -14.86 14.46
CA GLY E 104 6.05 -14.56 14.13
C GLY E 104 6.26 -14.11 12.70
N LYS E 105 7.49 -14.23 12.22
CA LYS E 105 7.85 -13.85 10.87
C LYS E 105 8.44 -15.05 10.15
N THR E 106 8.48 -15.00 8.83
CA THR E 106 9.09 -16.09 8.07
C THR E 106 10.61 -16.10 8.23
N ALA E 107 11.21 -17.27 8.01
CA ALA E 107 12.66 -17.42 8.02
C ALA E 107 13.30 -16.40 7.07
N PHE E 108 12.70 -16.20 5.90
CA PHE E 108 13.23 -15.21 4.95
C PHE E 108 13.29 -13.84 5.59
N GLN E 109 12.18 -13.45 6.18
CA GLN E 109 12.08 -12.15 6.82
C GLN E 109 13.13 -11.96 7.90
N VAL E 110 13.37 -12.98 8.73
CA VAL E 110 14.35 -12.82 9.80
C VAL E 110 15.79 -12.82 9.27
N LEU E 111 16.04 -13.60 8.21
CA LEU E 111 17.35 -13.58 7.57
C LEU E 111 17.65 -12.20 7.00
N GLU E 112 16.64 -11.58 6.41
CA GLU E 112 16.85 -10.24 5.86
C GLU E 112 16.97 -9.16 6.93
N GLU E 113 16.19 -9.30 7.99
CA GLU E 113 16.22 -8.34 9.08
C GLU E 113 17.46 -8.46 9.99
N TYR E 114 17.94 -9.68 10.19
CA TYR E 114 19.08 -9.92 11.08
C TYR E 114 20.16 -10.77 10.40
N PRO E 115 20.92 -10.16 9.49
CA PRO E 115 22.02 -10.85 8.81
C PRO E 115 22.95 -11.56 9.80
N ASP E 116 23.21 -10.94 10.94
CA ASP E 116 24.16 -11.51 11.90
C ASP E 116 23.68 -12.83 12.51
N SER E 117 22.38 -13.11 12.39
CA SER E 117 21.81 -14.33 12.96
C SER E 117 21.71 -15.44 11.94
N GLY E 118 22.19 -15.18 10.72
CA GLY E 118 22.08 -16.13 9.63
C GLY E 118 22.54 -17.54 9.95
N GLU E 119 23.70 -17.64 10.59
CA GLU E 119 24.25 -18.95 10.93
C GLU E 119 23.37 -19.69 11.94
N ASN E 120 22.87 -18.97 12.95
CA ASN E 120 21.92 -19.57 13.90
C ASN E 120 20.60 -19.96 13.24
N ILE E 121 20.11 -19.13 12.33
CA ILE E 121 18.86 -19.47 11.60
C ILE E 121 18.99 -20.76 10.77
N VAL E 122 20.09 -20.87 10.05
CA VAL E 122 20.34 -22.04 9.21
C VAL E 122 20.51 -23.30 10.06
N ASP E 123 21.21 -23.20 11.18
CA ASP E 123 21.35 -24.33 12.10
C ASP E 123 19.98 -24.75 12.61
N ALA E 124 19.15 -23.78 12.99
CA ALA E 124 17.81 -24.10 13.45
C ALA E 124 16.98 -24.78 12.36
N LEU E 125 17.11 -24.31 11.13
CA LEU E 125 16.39 -24.91 10.00
C LEU E 125 16.81 -26.35 9.76
N ALA E 126 18.11 -26.59 9.84
CA ALA E 126 18.63 -27.94 9.63
C ALA E 126 18.18 -28.92 10.72
N VAL E 127 18.17 -28.46 11.97
CA VAL E 127 17.76 -29.31 13.10
C VAL E 127 16.27 -29.64 12.97
N PHE E 128 15.46 -28.64 12.60
CA PHE E 128 14.02 -28.84 12.40
C PHE E 128 13.77 -29.84 11.27
N LEU E 129 14.49 -29.69 10.16
CA LEU E 129 14.34 -30.61 9.04
C LEU E 129 14.72 -32.05 9.43
N ARG E 130 15.79 -32.20 10.20
CA ARG E 130 16.17 -33.52 10.72
C ARG E 130 15.07 -34.12 11.58
N ARG E 131 14.44 -33.28 12.40
CA ARG E 131 13.33 -33.73 13.24
C ARG E 131 12.17 -34.28 12.38
N LEU E 132 11.80 -33.52 11.35
CA LEU E 132 10.76 -33.95 10.41
C LEU E 132 11.15 -35.26 9.74
N HIS E 133 12.35 -35.29 9.17
CA HIS E 133 12.83 -36.47 8.48
C HIS E 133 13.02 -37.69 9.40
N SER E 134 13.05 -37.47 10.71
CA SER E 134 13.25 -38.60 11.62
CA SER E 134 13.25 -38.59 11.64
C SER E 134 11.93 -39.29 12.00
N ILE E 135 10.81 -38.73 11.59
CA ILE E 135 9.53 -39.41 11.84
C ILE E 135 9.52 -40.76 11.13
N PRO E 136 9.39 -41.89 11.87
CA PRO E 136 9.41 -43.20 11.20
C PRO E 136 8.37 -43.28 10.07
N VAL E 137 8.76 -43.78 8.89
CA VAL E 137 7.87 -43.73 7.73
C VAL E 137 6.64 -44.63 7.93
N CYS E 138 6.75 -45.57 8.87
CA CYS E 138 5.64 -46.45 9.18
C CYS E 138 4.44 -45.68 9.72
N ASN E 139 4.68 -44.45 10.16
CA ASN E 139 3.58 -43.60 10.65
C ASN E 139 2.81 -42.84 9.56
N CYS E 140 3.38 -42.76 8.35
CA CYS E 140 2.91 -41.80 7.37
C CYS E 140 2.00 -42.42 6.31
N PRO E 141 0.75 -41.93 6.22
CA PRO E 141 -0.21 -42.49 5.28
C PRO E 141 -0.18 -41.83 3.90
N PHE E 142 0.80 -40.94 3.66
CA PHE E 142 0.82 -40.17 2.44
C PHE E 142 2.03 -40.49 1.57
N ASN E 143 1.77 -40.64 0.28
CA ASN E 143 2.80 -40.88 -0.72
C ASN E 143 3.03 -39.58 -1.46
N SER E 144 4.27 -39.06 -1.41
CA SER E 144 4.64 -37.87 -2.17
C SER E 144 5.88 -38.10 -3.03
N ASP E 145 6.13 -39.35 -3.42
CA ASP E 145 7.40 -39.71 -4.06
C ASP E 145 7.57 -39.15 -5.47
N ARG E 146 8.74 -39.36 -6.06
CA ARG E 146 9.04 -38.68 -7.33
C ARG E 146 8.12 -39.13 -8.46
N VAL E 147 7.74 -40.40 -8.46
CA VAL E 147 6.87 -40.91 -9.50
C VAL E 147 5.51 -40.19 -9.48
N PHE E 148 5.00 -39.98 -8.27
CA PHE E 148 3.75 -39.24 -8.05
C PHE E 148 3.91 -37.76 -8.47
N ARG E 149 5.00 -37.13 -8.04
CA ARG E 149 5.22 -35.71 -8.35
C ARG E 149 5.49 -35.49 -9.82
N LEU E 150 6.19 -36.41 -10.47
CA LEU E 150 6.45 -36.31 -11.90
C LEU E 150 5.15 -36.39 -12.71
N ALA E 151 4.23 -37.27 -12.30
CA ALA E 151 2.93 -37.33 -12.95
C ALA E 151 2.17 -36.01 -12.79
N GLN E 152 2.22 -35.42 -11.59
CA GLN E 152 1.61 -34.11 -11.38
C GLN E 152 2.25 -33.06 -12.29
N ALA E 153 3.57 -33.09 -12.38
CA ALA E 153 4.30 -32.10 -13.16
C ALA E 153 3.93 -32.19 -14.64
N GLN E 154 3.81 -33.42 -15.14
CA GLN E 154 3.49 -33.64 -16.54
C GLN E 154 2.11 -33.11 -16.90
N SER E 155 1.16 -33.30 -15.98
CA SER E 155 -0.19 -32.80 -16.12
C SER E 155 -0.21 -31.27 -16.13
N ARG E 156 0.57 -30.66 -15.25
CA ARG E 156 0.64 -29.20 -15.18
C ARG E 156 1.30 -28.62 -16.43
N MET E 157 2.29 -29.32 -16.96
CA MET E 157 2.95 -28.91 -18.21
C MET E 157 2.01 -29.04 -19.40
N ASN E 158 1.26 -30.13 -19.46
CA ASN E 158 0.40 -30.41 -20.60
C ASN E 158 -0.89 -29.58 -20.58
N ASN E 159 -1.23 -29.04 -19.41
CA ASN E 159 -2.37 -28.12 -19.29
C ASN E 159 -1.95 -26.64 -19.28
N GLY E 160 -0.68 -26.38 -19.58
CA GLY E 160 -0.17 -25.03 -19.69
C GLY E 160 -0.17 -24.22 -18.41
N LEU E 161 0.01 -24.88 -17.28
CA LEU E 161 -0.08 -24.23 -15.97
C LEU E 161 1.28 -23.85 -15.37
N VAL E 162 2.35 -24.33 -15.98
CA VAL E 162 3.70 -24.07 -15.49
C VAL E 162 4.11 -22.62 -15.69
N ASP E 163 4.55 -21.97 -14.62
CA ASP E 163 5.00 -20.58 -14.67
C ASP E 163 6.45 -20.48 -15.15
N ALA E 164 6.63 -20.43 -16.46
CA ALA E 164 7.95 -20.43 -17.07
C ALA E 164 8.79 -19.19 -16.73
N SER E 165 8.15 -18.13 -16.27
CA SER E 165 8.87 -16.89 -15.94
C SER E 165 9.53 -17.00 -14.57
N ASP E 166 9.20 -18.06 -13.84
CA ASP E 166 9.63 -18.19 -12.45
C ASP E 166 10.75 -19.22 -12.27
N PHE E 167 11.30 -19.70 -13.39
CA PHE E 167 12.38 -20.68 -13.34
C PHE E 167 13.62 -20.10 -12.67
N ASP E 168 14.43 -20.97 -12.07
CA ASP E 168 15.72 -20.58 -11.52
C ASP E 168 16.59 -19.93 -12.59
N ASP E 169 17.57 -19.14 -12.16
CA ASP E 169 18.42 -18.41 -13.10
C ASP E 169 19.10 -19.32 -14.12
N GLU E 170 19.58 -20.47 -13.66
CA GLU E 170 20.24 -21.41 -14.57
C GLU E 170 19.30 -22.01 -15.63
N ARG E 171 18.01 -21.71 -15.52
CA ARG E 171 17.03 -22.16 -16.51
C ARG E 171 16.19 -21.00 -17.03
N ASN E 172 16.72 -19.80 -16.88
CA ASN E 172 15.98 -18.60 -17.28
C ASN E 172 15.62 -18.63 -18.75
N GLY E 173 14.33 -18.44 -19.05
CA GLY E 173 13.88 -18.39 -20.44
C GLY E 173 13.76 -19.73 -21.13
N TRP E 174 14.06 -20.82 -20.44
CA TRP E 174 13.91 -22.14 -21.05
C TRP E 174 12.45 -22.43 -21.33
N PRO E 175 12.17 -23.10 -22.47
CA PRO E 175 10.83 -23.65 -22.69
C PRO E 175 10.56 -24.73 -21.65
N VAL E 176 9.32 -24.81 -21.13
CA VAL E 176 8.96 -25.83 -20.12
C VAL E 176 9.36 -27.22 -20.60
N GLU E 177 9.13 -27.50 -21.88
CA GLU E 177 9.46 -28.80 -22.46
C GLU E 177 10.95 -29.13 -22.35
N GLN E 178 11.82 -28.13 -22.42
CA GLN E 178 13.25 -28.36 -22.26
C GLN E 178 13.62 -28.74 -20.83
N VAL E 179 12.98 -28.11 -19.85
CA VAL E 179 13.20 -28.49 -18.46
C VAL E 179 12.75 -29.93 -18.24
N TRP E 180 11.61 -30.28 -18.81
CA TRP E 180 11.06 -31.63 -18.70
C TRP E 180 12.05 -32.65 -19.23
N LYS E 181 12.49 -32.47 -20.47
CA LYS E 181 13.38 -33.41 -21.12
C LYS E 181 14.72 -33.54 -20.39
N GLU E 182 15.33 -32.43 -20.01
CA GLU E 182 16.62 -32.49 -19.32
C GLU E 182 16.53 -33.04 -17.90
N MET E 183 15.40 -32.80 -17.24
CA MET E 183 15.19 -33.36 -15.91
C MET E 183 15.28 -34.88 -15.94
N HIS E 184 14.76 -35.49 -17.00
CA HIS E 184 14.73 -36.95 -17.07
C HIS E 184 16.09 -37.61 -17.27
N LYS E 185 17.06 -36.85 -17.76
CA LYS E 185 18.45 -37.33 -17.89
C LYS E 185 19.07 -37.69 -16.54
N LEU E 186 18.56 -37.08 -15.48
CA LEU E 186 19.13 -37.25 -14.15
C LEU E 186 18.64 -38.51 -13.45
N LEU E 187 17.69 -39.20 -14.10
CA LEU E 187 17.17 -40.46 -13.59
C LEU E 187 17.93 -41.63 -14.22
N PRO E 188 18.03 -42.77 -13.50
CA PRO E 188 17.48 -43.00 -12.16
C PRO E 188 18.49 -42.62 -11.08
N PHE E 189 18.03 -42.56 -9.84
CA PHE E 189 18.94 -42.44 -8.71
C PHE E 189 18.45 -43.29 -7.54
N SER E 190 19.31 -43.46 -6.53
CA SER E 190 19.08 -44.41 -5.45
C SER E 190 17.81 -44.14 -4.64
N PRO E 191 17.13 -45.21 -4.23
CA PRO E 191 15.92 -45.09 -3.41
C PRO E 191 16.20 -44.42 -2.07
N ASP E 192 15.36 -43.46 -1.70
CA ASP E 192 15.40 -42.91 -0.37
C ASP E 192 14.01 -42.43 0.02
N SER E 193 13.61 -42.72 1.25
CA SER E 193 12.27 -42.41 1.67
C SER E 193 12.26 -41.91 3.10
N VAL E 194 11.85 -40.66 3.30
CA VAL E 194 11.63 -40.10 4.62
C VAL E 194 10.34 -39.33 4.55
N VAL E 195 9.77 -39.00 5.71
CA VAL E 195 8.64 -38.09 5.75
C VAL E 195 9.12 -36.68 5.36
N THR E 196 8.55 -36.10 4.30
CA THR E 196 8.97 -34.78 3.81
C THR E 196 7.87 -33.73 3.90
N HIS E 197 8.28 -32.46 3.89
CA HIS E 197 7.34 -31.34 3.88
C HIS E 197 6.76 -31.09 2.48
N GLY E 198 7.61 -31.09 1.46
CA GLY E 198 7.15 -30.85 0.12
C GLY E 198 7.34 -29.43 -0.42
N ASP E 199 7.41 -28.45 0.47
CA ASP E 199 7.76 -27.08 0.02
C ASP E 199 8.51 -26.39 1.15
N PHE E 200 9.68 -26.93 1.46
CA PHE E 200 10.41 -26.50 2.63
C PHE E 200 11.21 -25.25 2.29
N SER E 201 10.49 -24.15 2.07
CA SER E 201 11.16 -22.91 1.65
C SER E 201 11.29 -21.95 2.83
N LEU E 202 11.97 -20.84 2.61
CA LEU E 202 12.15 -19.87 3.68
C LEU E 202 10.86 -19.15 4.01
N ASP E 203 9.87 -19.24 3.12
CA ASP E 203 8.58 -18.63 3.36
C ASP E 203 7.66 -19.47 4.25
N ASN E 204 7.99 -20.74 4.45
CA ASN E 204 7.07 -21.67 5.13
C ASN E 204 7.53 -22.10 6.51
N LEU E 205 8.60 -21.47 7.00
CA LEU E 205 9.08 -21.69 8.35
C LEU E 205 8.98 -20.40 9.14
N ILE E 206 8.41 -20.51 10.33
CA ILE E 206 8.04 -19.33 11.11
C ILE E 206 8.91 -19.22 12.36
N PHE E 207 9.51 -18.05 12.54
CA PHE E 207 10.35 -17.72 13.70
C PHE E 207 9.65 -16.67 14.57
N ASP E 208 9.73 -16.85 15.88
CA ASP E 208 9.16 -15.86 16.78
C ASP E 208 10.09 -15.70 17.96
N GLU E 209 10.39 -14.45 18.31
CA GLU E 209 11.24 -14.13 19.46
C GLU E 209 12.58 -14.89 19.45
N GLY E 210 13.16 -15.06 18.27
CA GLY E 210 14.47 -15.68 18.14
C GLY E 210 14.49 -17.16 17.80
N LYS E 211 13.36 -17.83 17.92
CA LYS E 211 13.36 -19.28 17.73
C LYS E 211 12.41 -19.74 16.63
N LEU E 212 12.74 -20.86 16.01
CA LEU E 212 11.90 -21.48 15.00
C LEU E 212 10.77 -22.20 15.70
N ILE E 213 9.53 -21.78 15.45
CA ILE E 213 8.43 -22.33 16.23
C ILE E 213 7.47 -23.22 15.46
N GLY E 214 7.60 -23.26 14.13
CA GLY E 214 6.77 -24.17 13.37
C GLY E 214 6.83 -23.99 11.87
N CYS E 215 6.12 -24.85 11.15
CA CYS E 215 6.06 -24.73 9.70
C CYS E 215 4.61 -24.67 9.25
N ILE E 216 4.41 -24.18 8.03
CA ILE E 216 3.07 -24.02 7.46
C ILE E 216 3.07 -24.57 6.04
N ASP E 217 1.87 -24.59 5.43
CA ASP E 217 1.74 -24.94 4.02
C ASP E 217 2.16 -26.39 3.77
N VAL E 218 1.42 -27.32 4.38
CA VAL E 218 1.84 -28.71 4.43
C VAL E 218 1.07 -29.63 3.47
N GLY E 219 0.43 -29.03 2.47
CA GLY E 219 -0.35 -29.78 1.48
C GLY E 219 0.39 -30.83 0.69
N ARG E 220 1.72 -30.75 0.64
CA ARG E 220 2.52 -31.73 -0.11
C ARG E 220 3.27 -32.73 0.78
N VAL E 221 3.01 -32.68 2.08
CA VAL E 221 3.61 -33.63 3.02
C VAL E 221 3.37 -35.07 2.59
N GLY E 222 4.41 -35.89 2.71
CA GLY E 222 4.32 -37.31 2.46
C GLY E 222 5.71 -37.92 2.32
N ILE E 223 5.75 -39.21 2.05
CA ILE E 223 7.02 -39.92 1.94
C ILE E 223 7.68 -39.60 0.60
N ALA E 224 8.91 -39.10 0.66
CA ALA E 224 9.67 -38.78 -0.54
C ALA E 224 11.16 -38.81 -0.24
N ASP E 225 11.99 -38.48 -1.24
CA ASP E 225 13.42 -38.41 -1.04
C ASP E 225 13.72 -37.20 -0.16
N ARG E 226 14.66 -37.32 0.77
CA ARG E 226 14.97 -36.20 1.65
C ARG E 226 15.40 -34.94 0.87
N TYR E 227 15.92 -35.13 -0.34
CA TYR E 227 16.37 -33.98 -1.14
C TYR E 227 15.21 -33.14 -1.66
N GLN E 228 13.98 -33.67 -1.55
CA GLN E 228 12.80 -32.87 -1.90
C GLN E 228 12.79 -31.62 -1.03
N ASP E 229 13.14 -31.77 0.24
CA ASP E 229 13.19 -30.63 1.16
C ASP E 229 14.53 -29.93 1.13
N LEU E 230 15.63 -30.69 1.17
CA LEU E 230 16.96 -30.07 1.17
C LEU E 230 17.21 -29.21 -0.08
N ALA E 231 16.68 -29.64 -1.23
CA ALA E 231 16.93 -28.89 -2.47
C ALA E 231 16.25 -27.54 -2.45
N ILE E 232 14.97 -27.53 -2.07
CA ILE E 232 14.23 -26.29 -2.08
C ILE E 232 14.81 -25.26 -1.10
N LEU E 233 15.21 -25.73 0.09
CA LEU E 233 15.79 -24.84 1.08
C LEU E 233 17.16 -24.36 0.63
N TRP E 234 17.97 -25.28 0.12
CA TRP E 234 19.32 -24.94 -0.37
C TRP E 234 19.24 -23.85 -1.44
N ASN E 235 18.26 -23.98 -2.33
CA ASN E 235 18.04 -22.98 -3.39
C ASN E 235 17.71 -21.60 -2.79
N CYS E 236 16.82 -21.58 -1.81
CA CYS E 236 16.46 -20.35 -1.12
C CYS E 236 17.68 -19.70 -0.49
N LEU E 237 18.52 -20.52 0.14
CA LEU E 237 19.71 -19.97 0.80
C LEU E 237 20.70 -19.36 -0.20
N GLY E 238 20.56 -19.69 -1.48
CA GLY E 238 21.42 -19.13 -2.52
C GLY E 238 21.23 -17.63 -2.69
N GLU E 239 20.11 -17.12 -2.20
CA GLU E 239 19.86 -15.68 -2.24
C GLU E 239 20.63 -14.96 -1.15
N PHE E 240 21.30 -15.72 -0.29
CA PHE E 240 22.05 -15.13 0.80
C PHE E 240 23.56 -15.32 0.66
N SER E 241 24.03 -16.55 0.69
CA SER E 241 25.46 -16.81 0.48
C SER E 241 25.72 -18.30 0.29
N PRO E 242 26.81 -18.63 -0.42
CA PRO E 242 27.25 -20.02 -0.60
C PRO E 242 27.63 -20.68 0.73
N SER E 243 28.17 -19.91 1.68
CA SER E 243 28.50 -20.50 2.99
C SER E 243 27.27 -20.90 3.80
N LEU E 244 26.17 -20.17 3.67
CA LEU E 244 24.92 -20.57 4.35
C LEU E 244 24.32 -21.82 3.69
N GLN E 245 24.44 -21.90 2.36
CA GLN E 245 24.02 -23.10 1.65
C GLN E 245 24.82 -24.31 2.11
N LYS E 246 26.13 -24.15 2.26
CA LYS E 246 26.99 -25.26 2.63
C LYS E 246 26.68 -25.67 4.08
N ARG E 247 26.46 -24.68 4.93
CA ARG E 247 26.17 -24.92 6.34
C ARG E 247 24.90 -25.78 6.54
N LEU E 248 23.89 -25.58 5.70
CA LEU E 248 22.68 -26.41 5.78
C LEU E 248 23.03 -27.89 5.71
N PHE E 249 23.87 -28.27 4.73
CA PHE E 249 24.22 -29.69 4.60
C PHE E 249 25.13 -30.16 5.74
N GLN E 250 26.05 -29.29 6.16
CA GLN E 250 26.98 -29.65 7.22
C GLN E 250 26.26 -29.88 8.55
N LYS E 251 25.32 -29.00 8.88
CA LYS E 251 24.55 -29.18 10.12
C LYS E 251 23.61 -30.39 10.02
N TYR E 252 23.03 -30.58 8.84
CA TYR E 252 22.13 -31.74 8.64
C TYR E 252 22.91 -33.05 8.76
N GLY E 253 24.15 -33.03 8.31
CA GLY E 253 25.06 -34.14 8.50
C GLY E 253 25.48 -34.84 7.21
N ILE E 254 25.28 -34.20 6.07
CA ILE E 254 25.71 -34.76 4.79
C ILE E 254 27.08 -34.24 4.35
N ASP E 255 28.01 -35.15 4.06
CA ASP E 255 29.37 -34.77 3.75
C ASP E 255 29.54 -34.30 2.33
N ASN E 256 28.88 -34.97 1.40
CA ASN E 256 29.00 -34.63 -0.01
C ASN E 256 27.61 -34.54 -0.58
N PRO E 257 27.08 -33.33 -0.69
CA PRO E 257 25.70 -33.22 -1.19
C PRO E 257 25.59 -33.84 -2.57
N ASP E 258 24.50 -34.56 -2.80
CA ASP E 258 24.29 -35.25 -4.06
C ASP E 258 23.74 -34.25 -5.06
N MET E 259 24.62 -33.66 -5.86
CA MET E 259 24.25 -32.59 -6.80
C MET E 259 23.25 -33.06 -7.86
N ASN E 260 23.32 -34.34 -8.22
CA ASN E 260 22.34 -34.91 -9.12
C ASN E 260 20.91 -34.85 -8.57
N LYS E 261 20.74 -35.36 -7.36
CA LYS E 261 19.45 -35.32 -6.68
C LYS E 261 19.01 -33.90 -6.38
N LEU E 262 19.97 -33.05 -6.04
CA LEU E 262 19.69 -31.65 -5.75
C LEU E 262 19.12 -31.00 -7.01
N GLN E 263 19.79 -31.20 -8.14
CA GLN E 263 19.35 -30.59 -9.40
C GLN E 263 18.00 -31.18 -9.83
N PHE E 264 17.87 -32.50 -9.71
CA PHE E 264 16.59 -33.12 -10.03
C PHE E 264 15.41 -32.45 -9.33
N HIS E 265 15.52 -32.28 -8.01
CA HIS E 265 14.42 -31.78 -7.21
C HIS E 265 14.17 -30.29 -7.46
N LEU E 266 15.22 -29.55 -7.77
CA LEU E 266 15.04 -28.17 -8.18
C LEU E 266 14.32 -28.07 -9.52
N MET E 267 14.68 -28.94 -10.46
CA MET E 267 14.01 -28.91 -11.75
C MET E 267 12.55 -29.34 -11.61
N LEU E 268 12.32 -30.32 -10.74
CA LEU E 268 10.97 -30.80 -10.51
C LEU E 268 10.10 -29.68 -9.94
N ASP E 269 10.65 -28.90 -9.01
CA ASP E 269 9.90 -27.80 -8.40
C ASP E 269 9.57 -26.68 -9.38
N GLU E 270 10.29 -26.60 -10.50
CA GLU E 270 9.98 -25.62 -11.56
C GLU E 270 8.56 -25.76 -12.07
N PHE E 271 8.01 -26.98 -11.98
CA PHE E 271 6.69 -27.24 -12.53
C PHE E 271 5.55 -26.87 -11.59
N PHE E 272 5.89 -26.45 -10.36
CA PHE E 272 4.86 -26.20 -9.34
C PHE E 272 4.74 -24.76 -8.87
N ASN F 17 -19.68 -23.01 3.13
CA ASN F 17 -20.56 -22.19 2.30
C ASN F 17 -21.97 -22.15 2.87
N SER F 18 -22.29 -23.15 3.67
CA SER F 18 -23.61 -23.29 4.25
C SER F 18 -23.55 -24.21 5.46
N ASN F 19 -24.64 -24.26 6.22
CA ASN F 19 -24.76 -25.19 7.33
C ASN F 19 -25.02 -26.59 6.78
N LEU F 20 -24.93 -27.58 7.66
CA LEU F 20 -25.27 -28.95 7.30
C LEU F 20 -26.78 -29.15 7.36
N ASP F 21 -27.50 -28.29 6.65
CA ASP F 21 -28.94 -28.41 6.51
C ASP F 21 -29.43 -27.67 5.26
N ALA F 22 -28.53 -27.55 4.29
CA ALA F 22 -28.86 -26.91 3.01
C ALA F 22 -30.05 -27.59 2.31
N ASP F 23 -30.42 -28.77 2.81
CA ASP F 23 -31.60 -29.50 2.35
C ASP F 23 -31.86 -30.71 3.25
N LEU F 24 -31.28 -30.70 4.44
CA LEU F 24 -31.37 -31.85 5.34
C LEU F 24 -32.79 -32.15 5.80
N TYR F 25 -33.65 -31.13 5.77
CA TYR F 25 -35.09 -31.32 6.01
C TYR F 25 -35.64 -32.38 5.05
N GLY F 26 -36.59 -33.17 5.52
CA GLY F 26 -37.34 -34.06 4.64
C GLY F 26 -37.05 -35.55 4.76
N TYR F 27 -35.82 -35.89 5.13
CA TYR F 27 -35.43 -37.29 5.27
C TYR F 27 -35.84 -37.84 6.63
N ARG F 28 -35.77 -39.16 6.79
CA ARG F 28 -35.88 -39.78 8.11
C ARG F 28 -34.60 -40.58 8.42
N TRP F 29 -34.42 -40.94 9.69
CA TRP F 29 -33.10 -41.36 10.18
C TRP F 29 -33.13 -42.77 10.79
N ALA F 30 -32.00 -43.48 10.70
CA ALA F 30 -31.90 -44.84 11.25
C ALA F 30 -30.44 -45.25 11.42
N ARG F 31 -30.10 -45.79 12.59
CA ARG F 31 -28.70 -46.06 12.92
C ARG F 31 -28.18 -47.45 12.55
N ASP F 32 -27.07 -47.47 11.82
CA ASP F 32 -26.32 -48.68 11.51
C ASP F 32 -27.16 -49.79 10.91
N SER F 37 -17.58 -50.79 16.33
CA SER F 37 -16.82 -49.53 16.25
C SER F 37 -16.65 -49.04 14.81
N GLY F 38 -16.79 -47.72 14.60
CA GLY F 38 -17.07 -46.79 15.68
C GLY F 38 -17.97 -45.62 15.32
N ALA F 39 -18.08 -45.33 14.03
CA ALA F 39 -18.83 -44.16 13.59
C ALA F 39 -20.34 -44.37 13.66
N THR F 40 -21.05 -43.40 14.21
CA THR F 40 -22.51 -43.40 14.17
C THR F 40 -22.95 -43.14 12.73
N ILE F 41 -23.85 -43.97 12.22
CA ILE F 41 -24.32 -43.84 10.85
C ILE F 41 -25.83 -43.67 10.76
N TYR F 42 -26.26 -42.60 10.11
CA TYR F 42 -27.67 -42.35 9.89
C TYR F 42 -27.98 -42.56 8.42
N ARG F 43 -28.99 -43.38 8.15
CA ARG F 43 -29.54 -43.48 6.81
C ARG F 43 -30.54 -42.35 6.66
N LEU F 44 -30.49 -41.67 5.52
CA LEU F 44 -31.44 -40.61 5.22
C LEU F 44 -32.23 -40.99 3.98
N TYR F 45 -33.44 -41.52 4.20
CA TYR F 45 -34.27 -42.02 3.12
C TYR F 45 -35.62 -41.32 3.13
N GLY F 46 -36.57 -41.89 2.41
CA GLY F 46 -37.96 -41.42 2.42
C GLY F 46 -38.12 -39.94 2.13
N LYS F 47 -37.46 -39.45 1.11
CA LYS F 47 -37.57 -38.06 0.73
C LYS F 47 -37.88 -37.88 -0.75
N PRO F 48 -39.02 -37.23 -1.05
CA PRO F 48 -39.55 -37.03 -2.41
C PRO F 48 -38.52 -36.41 -3.34
N ASN F 49 -38.34 -37.03 -4.51
CA ASN F 49 -37.42 -36.53 -5.53
C ASN F 49 -35.98 -36.39 -5.05
N ALA F 50 -35.60 -37.17 -4.04
CA ALA F 50 -34.24 -37.12 -3.51
C ALA F 50 -33.72 -38.49 -3.12
N PRO F 51 -32.48 -38.81 -3.53
CA PRO F 51 -31.87 -40.13 -3.29
C PRO F 51 -31.51 -40.33 -1.83
N GLU F 52 -31.38 -41.58 -1.39
CA GLU F 52 -31.03 -41.85 0.00
C GLU F 52 -29.58 -41.45 0.29
N LEU F 53 -29.31 -41.10 1.54
CA LEU F 53 -27.99 -40.63 1.93
C LEU F 53 -27.50 -41.36 3.17
N PHE F 54 -26.19 -41.35 3.36
CA PHE F 54 -25.60 -41.83 4.61
C PHE F 54 -24.87 -40.69 5.28
N LEU F 55 -25.05 -40.56 6.59
CA LEU F 55 -24.32 -39.57 7.36
C LEU F 55 -23.54 -40.25 8.47
N LYS F 56 -22.21 -40.21 8.37
CA LYS F 56 -21.35 -40.75 9.42
C LYS F 56 -20.91 -39.64 10.35
N HIS F 57 -20.97 -39.92 11.63
CA HIS F 57 -20.46 -39.02 12.64
C HIS F 57 -19.38 -39.74 13.43
N GLY F 58 -18.20 -39.13 13.50
CA GLY F 58 -17.10 -39.68 14.27
C GLY F 58 -16.59 -38.68 15.30
N LYS F 59 -16.35 -39.17 16.52
CA LYS F 59 -15.81 -38.34 17.58
C LYS F 59 -14.48 -38.90 18.04
N GLY F 60 -13.65 -38.03 18.63
CA GLY F 60 -12.34 -38.44 19.10
C GLY F 60 -11.52 -39.04 17.99
N SER F 61 -10.91 -40.20 18.24
CA SER F 61 -10.06 -40.85 17.26
C SER F 61 -10.85 -41.33 16.04
N VAL F 62 -12.14 -41.56 16.24
CA VAL F 62 -13.02 -42.00 15.16
C VAL F 62 -13.25 -40.87 14.14
N ALA F 63 -13.12 -39.63 14.59
CA ALA F 63 -13.20 -38.49 13.67
C ALA F 63 -12.10 -38.60 12.61
N ASN F 64 -10.92 -39.07 13.03
CA ASN F 64 -9.81 -39.28 12.12
C ASN F 64 -10.10 -40.35 11.09
N ASP F 65 -10.72 -41.45 11.52
CA ASP F 65 -11.17 -42.49 10.59
C ASP F 65 -12.16 -41.96 9.54
N VAL F 66 -13.11 -41.15 9.98
CA VAL F 66 -14.08 -40.57 9.05
C VAL F 66 -13.38 -39.60 8.08
N THR F 67 -12.38 -38.89 8.57
CA THR F 67 -11.62 -37.96 7.72
C THR F 67 -10.81 -38.72 6.67
N ASP F 68 -10.19 -39.82 7.11
CA ASP F 68 -9.50 -40.77 6.25
C ASP F 68 -10.37 -41.28 5.11
N GLU F 69 -11.59 -41.69 5.44
CA GLU F 69 -12.47 -42.20 4.41
C GLU F 69 -12.86 -41.09 3.43
N MET F 70 -13.14 -39.90 3.96
CA MET F 70 -13.52 -38.76 3.11
C MET F 70 -12.49 -38.47 2.02
N VAL F 71 -11.22 -38.35 2.36
CA VAL F 71 -10.22 -38.00 1.35
C VAL F 71 -9.97 -39.11 0.35
N ARG F 72 -10.16 -40.35 0.80
CA ARG F 72 -10.05 -41.48 -0.10
C ARG F 72 -11.25 -41.57 -1.05
N LEU F 73 -12.46 -41.32 -0.53
CA LEU F 73 -13.63 -41.19 -1.38
C LEU F 73 -13.40 -40.12 -2.43
N ASN F 74 -12.91 -38.98 -1.97
CA ASN F 74 -12.72 -37.82 -2.84
C ASN F 74 -11.73 -38.11 -3.98
N TRP F 75 -10.62 -38.75 -3.64
CA TRP F 75 -9.59 -39.10 -4.60
C TRP F 75 -10.01 -40.22 -5.55
N LEU F 76 -10.48 -41.34 -5.01
CA LEU F 76 -10.66 -42.55 -5.81
C LEU F 76 -11.85 -42.46 -6.75
N THR F 77 -12.78 -41.54 -6.50
CA THR F 77 -13.99 -41.54 -7.31
C THR F 77 -13.71 -41.10 -8.75
N ALA F 78 -12.55 -40.49 -8.98
CA ALA F 78 -12.11 -40.18 -10.33
C ALA F 78 -11.86 -41.45 -11.17
N PHE F 79 -11.64 -42.57 -10.50
CA PHE F 79 -11.26 -43.82 -11.16
C PHE F 79 -12.29 -44.96 -11.06
N MET F 80 -13.11 -44.96 -10.01
CA MET F 80 -14.03 -46.07 -9.73
C MET F 80 -15.40 -45.52 -9.33
N PRO F 81 -16.46 -46.34 -9.46
CA PRO F 81 -17.78 -45.92 -8.95
C PRO F 81 -17.87 -46.01 -7.42
N LEU F 82 -18.09 -44.87 -6.79
CA LEU F 82 -18.07 -44.74 -5.33
C LEU F 82 -19.22 -43.85 -4.90
N PRO F 83 -19.56 -43.88 -3.60
CA PRO F 83 -20.52 -42.90 -3.10
C PRO F 83 -19.98 -41.49 -3.29
N THR F 84 -20.87 -40.54 -3.54
CA THR F 84 -20.50 -39.15 -3.78
C THR F 84 -20.53 -38.37 -2.47
N ILE F 85 -19.53 -37.52 -2.24
CA ILE F 85 -19.53 -36.66 -1.07
C ILE F 85 -20.44 -35.45 -1.27
N LYS F 86 -21.44 -35.30 -0.42
CA LYS F 86 -22.33 -34.14 -0.49
C LYS F 86 -21.86 -33.03 0.44
N HIS F 87 -21.30 -33.40 1.58
CA HIS F 87 -20.87 -32.44 2.57
C HIS F 87 -19.92 -33.13 3.54
N PHE F 88 -18.90 -32.41 4.01
CA PHE F 88 -18.04 -32.90 5.06
C PHE F 88 -17.64 -31.76 5.99
N ILE F 89 -17.67 -32.03 7.29
CA ILE F 89 -17.30 -31.07 8.30
C ILE F 89 -16.31 -31.67 9.28
N ARG F 90 -15.23 -30.93 9.56
CA ARG F 90 -14.28 -31.34 10.57
C ARG F 90 -14.06 -30.21 11.57
N THR F 91 -14.27 -30.51 12.85
CA THR F 91 -13.93 -29.60 13.93
C THR F 91 -12.93 -30.37 14.80
N PRO F 92 -12.38 -29.74 15.87
CA PRO F 92 -11.34 -30.47 16.63
C PRO F 92 -11.68 -31.90 17.06
N ASP F 93 -12.90 -32.16 17.50
CA ASP F 93 -13.21 -33.49 18.03
C ASP F 93 -14.30 -34.25 17.28
N ASP F 94 -14.80 -33.67 16.19
CA ASP F 94 -15.88 -34.27 15.43
C ASP F 94 -15.64 -34.21 13.93
N ALA F 95 -16.14 -35.22 13.23
CA ALA F 95 -16.16 -35.25 11.77
C ALA F 95 -17.50 -35.77 11.28
N TRP F 96 -18.12 -35.03 10.35
CA TRP F 96 -19.39 -35.43 9.77
C TRP F 96 -19.20 -35.62 8.28
N LEU F 97 -19.60 -36.79 7.77
CA LEU F 97 -19.48 -37.12 6.36
C LEU F 97 -20.83 -37.52 5.79
N LEU F 98 -21.32 -36.72 4.86
CA LEU F 98 -22.61 -36.98 4.23
C LEU F 98 -22.37 -37.45 2.80
N THR F 99 -22.77 -38.68 2.49
CA THR F 99 -22.56 -39.25 1.17
C THR F 99 -23.87 -39.76 0.56
N THR F 100 -23.87 -39.97 -0.76
CA THR F 100 -25.01 -40.56 -1.43
C THR F 100 -24.94 -42.07 -1.27
N ALA F 101 -26.10 -42.72 -1.25
CA ALA F 101 -26.13 -44.18 -1.15
C ALA F 101 -26.03 -44.79 -2.53
N ILE F 102 -25.32 -45.91 -2.63
CA ILE F 102 -25.28 -46.66 -3.88
C ILE F 102 -26.34 -47.75 -3.83
N PRO F 103 -27.38 -47.63 -4.66
CA PRO F 103 -28.49 -48.59 -4.67
C PRO F 103 -28.01 -49.96 -5.11
N GLY F 104 -28.61 -51.01 -4.55
CA GLY F 104 -28.24 -52.35 -4.94
C GLY F 104 -28.08 -53.28 -3.77
N LYS F 105 -27.55 -54.47 -4.06
CA LYS F 105 -27.34 -55.51 -3.05
C LYS F 105 -25.86 -55.83 -3.00
N THR F 106 -25.37 -56.31 -1.85
CA THR F 106 -23.95 -56.67 -1.76
C THR F 106 -23.66 -57.94 -2.56
N ALA F 107 -22.39 -58.13 -2.90
CA ALA F 107 -21.95 -59.33 -3.60
C ALA F 107 -22.29 -60.59 -2.81
N PHE F 108 -22.23 -60.51 -1.49
CA PHE F 108 -22.68 -61.62 -0.64
C PHE F 108 -24.15 -61.95 -0.91
N GLN F 109 -24.99 -60.93 -0.92
CA GLN F 109 -26.41 -61.15 -1.10
C GLN F 109 -26.74 -61.71 -2.50
N VAL F 110 -26.00 -61.24 -3.50
CA VAL F 110 -26.22 -61.68 -4.87
C VAL F 110 -25.78 -63.13 -5.10
N LEU F 111 -24.63 -63.49 -4.52
CA LEU F 111 -24.19 -64.88 -4.53
C LEU F 111 -25.24 -65.77 -3.90
N GLU F 112 -25.83 -65.31 -2.80
CA GLU F 112 -26.84 -66.10 -2.08
C GLU F 112 -28.13 -66.24 -2.89
N GLU F 113 -28.49 -65.18 -3.59
CA GLU F 113 -29.72 -65.20 -4.37
C GLU F 113 -29.58 -66.01 -5.65
N TYR F 114 -28.38 -65.99 -6.22
CA TYR F 114 -28.12 -66.65 -7.50
C TYR F 114 -26.97 -67.65 -7.38
N PRO F 115 -27.14 -68.68 -6.54
CA PRO F 115 -26.03 -69.61 -6.30
C PRO F 115 -25.55 -70.30 -7.59
N ASP F 116 -26.46 -70.54 -8.54
CA ASP F 116 -26.09 -71.15 -9.81
C ASP F 116 -25.26 -70.23 -10.70
N SER F 117 -25.14 -68.97 -10.30
CA SER F 117 -24.34 -68.00 -11.05
C SER F 117 -23.02 -67.67 -10.35
N GLY F 118 -22.62 -68.52 -9.41
CA GLY F 118 -21.41 -68.26 -8.63
C GLY F 118 -20.20 -67.97 -9.51
N GLU F 119 -19.99 -68.83 -10.52
CA GLU F 119 -18.84 -68.64 -11.38
C GLU F 119 -18.89 -67.31 -12.14
N ASN F 120 -20.07 -66.95 -12.64
CA ASN F 120 -20.25 -65.68 -13.34
C ASN F 120 -20.03 -64.48 -12.42
N ILE F 121 -20.49 -64.59 -11.19
CA ILE F 121 -20.30 -63.51 -10.22
C ILE F 121 -18.83 -63.33 -9.87
N VAL F 122 -18.12 -64.43 -9.65
CA VAL F 122 -16.68 -64.33 -9.39
C VAL F 122 -15.90 -63.75 -10.59
N ASP F 123 -16.29 -64.12 -11.81
CA ASP F 123 -15.72 -63.48 -13.00
C ASP F 123 -15.89 -61.97 -12.92
N ALA F 124 -17.09 -61.51 -12.59
CA ALA F 124 -17.35 -60.07 -12.52
C ALA F 124 -16.54 -59.39 -11.42
N LEU F 125 -16.41 -60.06 -10.28
CA LEU F 125 -15.56 -59.55 -9.19
C LEU F 125 -14.10 -59.40 -9.62
N ALA F 126 -13.59 -60.40 -10.33
CA ALA F 126 -12.21 -60.34 -10.83
C ALA F 126 -11.99 -59.17 -11.80
N VAL F 127 -12.95 -58.95 -12.69
CA VAL F 127 -12.86 -57.83 -13.63
C VAL F 127 -12.80 -56.50 -12.89
N PHE F 128 -13.61 -56.39 -11.84
CA PHE F 128 -13.69 -55.15 -11.08
C PHE F 128 -12.39 -54.93 -10.32
N LEU F 129 -11.88 -56.00 -9.71
CA LEU F 129 -10.61 -55.91 -9.00
C LEU F 129 -9.48 -55.54 -9.94
N ARG F 130 -9.49 -56.13 -11.13
N ARG F 130 -9.50 -56.12 -11.14
CA ARG F 130 -8.48 -55.79 -12.14
CA ARG F 130 -8.49 -55.79 -12.14
C ARG F 130 -8.51 -54.30 -12.48
C ARG F 130 -8.51 -54.31 -12.52
N ARG F 131 -9.71 -53.73 -12.57
CA ARG F 131 -9.87 -52.29 -12.84
C ARG F 131 -9.20 -51.45 -11.77
N LEU F 132 -9.49 -51.77 -10.51
CA LEU F 132 -8.91 -51.05 -9.40
C LEU F 132 -7.39 -51.13 -9.46
N HIS F 133 -6.89 -52.35 -9.63
CA HIS F 133 -5.46 -52.61 -9.65
C HIS F 133 -4.76 -52.10 -10.91
N SER F 134 -5.54 -51.64 -11.88
CA SER F 134 -4.96 -51.10 -13.10
C SER F 134 -4.69 -49.58 -13.04
N ILE F 135 -5.19 -48.91 -12.00
CA ILE F 135 -4.90 -47.49 -11.81
C ILE F 135 -3.40 -47.34 -11.57
N PRO F 136 -2.71 -46.57 -12.43
CA PRO F 136 -1.27 -46.42 -12.24
C PRO F 136 -0.95 -45.83 -10.87
N VAL F 137 0.06 -46.36 -10.20
CA VAL F 137 0.33 -45.95 -8.82
C VAL F 137 0.76 -44.48 -8.72
N CYS F 138 1.23 -43.92 -9.86
CA CYS F 138 1.64 -42.52 -9.88
C CYS F 138 0.49 -41.58 -9.56
N ASN F 139 -0.74 -42.05 -9.70
CA ASN F 139 -1.93 -41.26 -9.38
C ASN F 139 -2.28 -41.19 -7.89
N CYS F 140 -1.74 -42.12 -7.10
CA CYS F 140 -2.25 -42.34 -5.76
C CYS F 140 -1.41 -41.67 -4.65
N PRO F 141 -2.03 -40.77 -3.89
CA PRO F 141 -1.31 -40.03 -2.85
C PRO F 141 -1.30 -40.74 -1.48
N PHE F 142 -1.81 -41.98 -1.43
CA PHE F 142 -1.96 -42.70 -0.17
C PHE F 142 -1.05 -43.92 -0.06
N ASN F 143 -0.47 -44.08 1.12
CA ASN F 143 0.41 -45.18 1.42
C ASN F 143 -0.33 -46.14 2.32
N SER F 144 -0.54 -47.37 1.85
CA SER F 144 -1.10 -48.45 2.68
C SER F 144 -0.19 -49.69 2.75
N ASP F 145 1.13 -49.51 2.65
CA ASP F 145 2.01 -50.67 2.49
C ASP F 145 2.12 -51.50 3.77
N ARG F 146 2.81 -52.64 3.69
CA ARG F 146 2.83 -53.54 4.84
C ARG F 146 3.53 -52.94 6.04
N VAL F 147 4.55 -52.11 5.81
CA VAL F 147 5.25 -51.52 6.95
C VAL F 147 4.29 -50.62 7.74
N PHE F 148 3.50 -49.83 7.02
CA PHE F 148 2.46 -48.99 7.61
C PHE F 148 1.36 -49.81 8.33
N ARG F 149 0.88 -50.86 7.68
CA ARG F 149 -0.19 -51.67 8.27
C ARG F 149 0.31 -52.49 9.46
N LEU F 150 1.52 -53.01 9.38
CA LEU F 150 2.09 -53.76 10.51
C LEU F 150 2.24 -52.91 11.76
N ALA F 151 2.62 -51.63 11.59
CA ALA F 151 2.68 -50.72 12.73
C ALA F 151 1.29 -50.47 13.33
N GLN F 152 0.26 -50.39 12.48
CA GLN F 152 -1.09 -50.26 13.02
C GLN F 152 -1.48 -51.54 13.77
N ALA F 153 -1.11 -52.68 13.21
CA ALA F 153 -1.47 -53.97 13.79
C ALA F 153 -0.82 -54.12 15.16
N GLN F 154 0.46 -53.76 15.26
CA GLN F 154 1.16 -53.88 16.53
C GLN F 154 0.48 -53.02 17.59
N SER F 155 0.05 -51.82 17.20
CA SER F 155 -0.59 -50.93 18.15
C SER F 155 -1.93 -51.47 18.61
N ARG F 156 -2.67 -52.06 17.69
CA ARG F 156 -3.94 -52.68 18.04
C ARG F 156 -3.73 -53.86 18.99
N MET F 157 -2.69 -54.64 18.74
CA MET F 157 -2.37 -55.76 19.61
C MET F 157 -2.03 -55.28 21.03
N ASN F 158 -1.18 -54.25 21.10
CA ASN F 158 -0.69 -53.76 22.39
C ASN F 158 -1.76 -53.03 23.19
N ASN F 159 -2.76 -52.50 22.51
CA ASN F 159 -3.86 -51.84 23.18
C ASN F 159 -5.06 -52.76 23.42
N GLY F 160 -4.87 -54.05 23.19
CA GLY F 160 -5.90 -55.04 23.43
C GLY F 160 -7.15 -54.88 22.59
N LEU F 161 -7.01 -54.40 21.37
CA LEU F 161 -8.16 -54.16 20.49
C LEU F 161 -8.39 -55.25 19.45
N VAL F 162 -7.54 -56.26 19.41
CA VAL F 162 -7.69 -57.31 18.40
C VAL F 162 -8.86 -58.23 18.79
N ASP F 163 -9.68 -58.61 17.81
CA ASP F 163 -10.85 -59.47 18.07
C ASP F 163 -10.44 -60.93 17.93
N ALA F 164 -9.98 -61.52 19.03
CA ALA F 164 -9.46 -62.88 19.03
C ALA F 164 -10.52 -63.93 18.64
N SER F 165 -11.78 -63.56 18.81
CA SER F 165 -12.91 -64.48 18.53
C SER F 165 -13.18 -64.60 17.04
N ASP F 166 -12.58 -63.72 16.25
CA ASP F 166 -12.92 -63.64 14.86
C ASP F 166 -11.79 -64.11 13.93
N PHE F 167 -10.81 -64.84 14.47
CA PHE F 167 -9.74 -65.37 13.63
C PHE F 167 -10.25 -66.43 12.65
N ASP F 168 -9.56 -66.61 11.52
CA ASP F 168 -9.88 -67.68 10.58
C ASP F 168 -9.74 -69.04 11.25
N ASP F 169 -10.40 -70.05 10.68
CA ASP F 169 -10.46 -71.37 11.32
C ASP F 169 -9.09 -71.92 11.64
N GLU F 170 -8.13 -71.74 10.74
CA GLU F 170 -6.79 -72.28 10.96
C GLU F 170 -6.08 -71.60 12.14
N ARG F 171 -6.62 -70.49 12.62
CA ARG F 171 -6.04 -69.79 13.76
C ARG F 171 -6.99 -69.69 14.96
N ASN F 172 -8.04 -70.52 14.96
CA ASN F 172 -9.04 -70.45 16.01
C ASN F 172 -8.44 -70.69 17.39
N GLY F 173 -8.68 -69.77 18.31
CA GLY F 173 -8.20 -69.93 19.67
C GLY F 173 -6.74 -69.55 19.88
N TRP F 174 -6.04 -69.14 18.83
CA TRP F 174 -4.63 -68.76 18.99
C TRP F 174 -4.55 -67.47 19.80
N PRO F 175 -3.54 -67.37 20.68
CA PRO F 175 -3.27 -66.09 21.34
C PRO F 175 -2.85 -65.09 20.26
N VAL F 176 -3.22 -63.82 20.41
CA VAL F 176 -2.87 -62.78 19.43
C VAL F 176 -1.36 -62.76 19.15
N GLU F 177 -0.56 -62.94 20.20
CA GLU F 177 0.89 -62.88 20.08
C GLU F 177 1.47 -64.00 19.20
N GLN F 178 0.80 -65.15 19.18
CA GLN F 178 1.21 -66.24 18.29
C GLN F 178 0.94 -65.90 16.84
N VAL F 179 -0.23 -65.32 16.56
CA VAL F 179 -0.50 -64.84 15.20
C VAL F 179 0.60 -63.84 14.78
N TRP F 180 0.96 -62.95 15.71
CA TRP F 180 1.95 -61.91 15.41
C TRP F 180 3.29 -62.53 15.07
N LYS F 181 3.76 -63.44 15.93
CA LYS F 181 5.06 -64.09 15.74
C LYS F 181 5.12 -64.93 14.46
N GLU F 182 4.10 -65.75 14.24
CA GLU F 182 4.05 -66.62 13.06
C GLU F 182 3.95 -65.84 11.75
N MET F 183 3.17 -64.76 11.76
CA MET F 183 3.05 -63.90 10.60
C MET F 183 4.41 -63.35 10.18
N HIS F 184 5.24 -63.05 11.17
CA HIS F 184 6.57 -62.51 10.85
C HIS F 184 7.53 -63.50 10.23
N LYS F 185 7.25 -64.79 10.35
CA LYS F 185 8.06 -65.80 9.67
C LYS F 185 7.84 -65.82 8.15
N LEU F 186 6.80 -65.17 7.67
CA LEU F 186 6.56 -65.14 6.23
C LEU F 186 7.31 -64.00 5.55
N LEU F 187 7.96 -63.15 6.35
CA LEU F 187 8.66 -62.00 5.81
C LEU F 187 10.13 -62.34 5.62
N PRO F 188 10.81 -61.68 4.67
CA PRO F 188 10.26 -60.65 3.77
C PRO F 188 9.77 -61.24 2.46
N PHE F 189 9.08 -60.42 1.67
CA PHE F 189 8.77 -60.76 0.29
C PHE F 189 8.80 -59.47 -0.52
N SER F 190 8.95 -59.59 -1.83
CA SER F 190 9.01 -58.42 -2.71
C SER F 190 7.62 -57.88 -2.95
N PRO F 191 7.39 -56.62 -2.62
CA PRO F 191 6.04 -56.08 -2.86
C PRO F 191 5.72 -56.00 -4.36
N ASP F 192 4.46 -56.22 -4.67
CA ASP F 192 3.92 -56.09 -6.01
C ASP F 192 2.84 -55.01 -5.87
N SER F 193 3.26 -53.75 -5.93
CA SER F 193 2.44 -52.64 -5.46
C SER F 193 1.45 -52.12 -6.49
N VAL F 194 0.19 -51.97 -6.06
CA VAL F 194 -0.89 -51.42 -6.87
C VAL F 194 -1.76 -50.55 -5.96
N VAL F 195 -2.69 -49.81 -6.55
CA VAL F 195 -3.72 -49.15 -5.75
C VAL F 195 -4.65 -50.24 -5.20
N THR F 196 -4.75 -50.30 -3.88
CA THR F 196 -5.62 -51.29 -3.21
C THR F 196 -6.79 -50.65 -2.48
N HIS F 197 -7.85 -51.43 -2.30
CA HIS F 197 -9.02 -50.99 -1.56
C HIS F 197 -8.80 -51.08 -0.05
N GLY F 198 -8.21 -52.18 0.40
CA GLY F 198 -7.93 -52.36 1.83
C GLY F 198 -8.91 -53.27 2.57
N ASP F 199 -10.16 -53.35 2.09
CA ASP F 199 -11.16 -54.26 2.69
C ASP F 199 -12.08 -54.76 1.57
N PHE F 200 -11.49 -55.48 0.61
CA PHE F 200 -12.20 -55.87 -0.61
C PHE F 200 -13.02 -57.14 -0.33
N SER F 201 -14.04 -57.00 0.50
CA SER F 201 -14.85 -58.14 0.92
C SER F 201 -16.18 -58.18 0.16
N LEU F 202 -16.90 -59.29 0.30
CA LEU F 202 -18.19 -59.41 -0.37
C LEU F 202 -19.22 -58.41 0.14
N ASP F 203 -19.09 -57.97 1.40
CA ASP F 203 -20.01 -56.96 1.94
C ASP F 203 -19.78 -55.54 1.39
N ASN F 204 -18.61 -55.31 0.79
CA ASN F 204 -18.23 -53.96 0.36
C ASN F 204 -18.32 -53.72 -1.14
N LEU F 205 -18.91 -54.68 -1.86
CA LEU F 205 -19.06 -54.59 -3.30
C LEU F 205 -20.54 -54.63 -3.64
N ILE F 206 -20.99 -53.68 -4.44
CA ILE F 206 -22.43 -53.52 -4.67
C ILE F 206 -22.82 -53.85 -6.11
N PHE F 207 -23.81 -54.73 -6.25
CA PHE F 207 -24.40 -55.07 -7.56
C PHE F 207 -25.74 -54.40 -7.74
N ASP F 208 -26.01 -53.93 -8.96
CA ASP F 208 -27.36 -53.48 -9.29
C ASP F 208 -27.68 -53.84 -10.74
N GLU F 209 -28.86 -54.37 -10.97
CA GLU F 209 -29.28 -54.80 -12.31
C GLU F 209 -28.23 -55.72 -12.94
N GLY F 210 -27.68 -56.63 -12.15
CA GLY F 210 -26.79 -57.65 -12.66
C GLY F 210 -25.33 -57.27 -12.84
N LYS F 211 -24.99 -56.02 -12.56
CA LYS F 211 -23.62 -55.55 -12.74
C LYS F 211 -23.03 -54.95 -11.47
N LEU F 212 -21.72 -55.10 -11.33
CA LEU F 212 -21.00 -54.59 -10.19
C LEU F 212 -20.88 -53.09 -10.41
N ILE F 213 -21.56 -52.31 -9.57
CA ILE F 213 -21.66 -50.88 -9.84
C ILE F 213 -20.98 -49.99 -8.80
N GLY F 214 -20.28 -50.59 -7.84
CA GLY F 214 -19.58 -49.78 -6.87
C GLY F 214 -18.95 -50.50 -5.70
N CYS F 215 -18.06 -49.80 -5.01
CA CYS F 215 -17.54 -50.30 -3.75
C CYS F 215 -17.65 -49.23 -2.69
N ILE F 216 -17.61 -49.65 -1.44
CA ILE F 216 -17.82 -48.76 -0.31
C ILE F 216 -16.78 -49.10 0.75
N ASP F 217 -16.71 -48.27 1.80
CA ASP F 217 -15.81 -48.52 2.93
C ASP F 217 -14.35 -48.37 2.50
N VAL F 218 -13.97 -47.18 2.04
CA VAL F 218 -12.68 -46.99 1.37
C VAL F 218 -11.58 -46.36 2.26
N GLY F 219 -11.76 -46.38 3.57
CA GLY F 219 -10.82 -45.74 4.48
C GLY F 219 -9.39 -46.28 4.44
N ARG F 220 -9.20 -47.48 3.93
CA ARG F 220 -7.85 -48.07 3.86
C ARG F 220 -7.22 -48.04 2.47
N VAL F 221 -7.88 -47.38 1.54
CA VAL F 221 -7.38 -47.25 0.16
C VAL F 221 -5.96 -46.70 0.16
N GLY F 222 -5.10 -47.27 -0.70
CA GLY F 222 -3.75 -46.77 -0.83
C GLY F 222 -2.90 -47.79 -1.54
N ILE F 223 -1.63 -47.44 -1.75
CA ILE F 223 -0.69 -48.32 -2.43
C ILE F 223 -0.28 -49.43 -1.47
N ALA F 224 -0.43 -50.67 -1.91
CA ALA F 224 -0.08 -51.85 -1.12
C ALA F 224 0.09 -53.03 -2.07
N ASP F 225 0.43 -54.19 -1.53
CA ASP F 225 0.61 -55.37 -2.36
C ASP F 225 -0.75 -55.81 -2.89
N ARG F 226 -0.81 -56.27 -4.14
CA ARG F 226 -2.09 -56.68 -4.71
C ARG F 226 -2.75 -57.81 -3.88
N TYR F 227 -1.95 -58.60 -3.19
CA TYR F 227 -2.54 -59.65 -2.33
C TYR F 227 -3.33 -59.10 -1.13
N GLN F 228 -3.18 -57.82 -0.81
CA GLN F 228 -4.01 -57.22 0.23
C GLN F 228 -5.49 -57.34 -0.13
N ASP F 229 -5.81 -57.13 -1.40
CA ASP F 229 -7.21 -57.25 -1.83
C ASP F 229 -7.58 -58.69 -2.23
N LEU F 230 -6.68 -59.37 -2.92
CA LEU F 230 -6.94 -60.76 -3.31
C LEU F 230 -7.21 -61.64 -2.10
N ALA F 231 -6.41 -61.45 -1.04
CA ALA F 231 -6.53 -62.30 0.15
C ALA F 231 -7.89 -62.17 0.82
N ILE F 232 -8.33 -60.92 1.01
CA ILE F 232 -9.58 -60.71 1.73
C ILE F 232 -10.79 -61.26 0.94
N LEU F 233 -10.81 -61.03 -0.37
CA LEU F 233 -11.90 -61.55 -1.20
C LEU F 233 -11.84 -63.07 -1.30
N TRP F 234 -10.64 -63.62 -1.45
CA TRP F 234 -10.44 -65.06 -1.46
C TRP F 234 -10.99 -65.70 -0.19
N ASN F 235 -10.67 -65.08 0.95
CA ASN F 235 -11.18 -65.53 2.24
C ASN F 235 -12.73 -65.59 2.23
N CYS F 236 -13.36 -64.51 1.82
CA CYS F 236 -14.84 -64.47 1.78
C CYS F 236 -15.45 -65.52 0.87
N LEU F 237 -14.76 -65.87 -0.22
CA LEU F 237 -15.28 -66.87 -1.16
C LEU F 237 -15.20 -68.29 -0.59
N GLY F 238 -14.41 -68.45 0.47
CA GLY F 238 -14.38 -69.69 1.22
C GLY F 238 -15.73 -70.15 1.77
N GLU F 239 -16.62 -69.20 2.04
CA GLU F 239 -17.97 -69.58 2.50
C GLU F 239 -18.80 -70.14 1.36
N PHE F 240 -18.26 -70.07 0.15
CA PHE F 240 -19.00 -70.57 -1.00
C PHE F 240 -18.41 -71.85 -1.55
N SER F 241 -17.19 -71.81 -2.07
CA SER F 241 -16.50 -73.04 -2.45
C SER F 241 -15.03 -72.81 -2.72
N PRO F 242 -14.21 -73.85 -2.58
CA PRO F 242 -12.78 -73.77 -2.94
C PRO F 242 -12.59 -73.58 -4.45
N SER F 243 -13.55 -74.05 -5.25
CA SER F 243 -13.46 -73.84 -6.69
C SER F 243 -13.61 -72.35 -7.02
N LEU F 244 -14.53 -71.66 -6.34
CA LEU F 244 -14.73 -70.23 -6.59
C LEU F 244 -13.54 -69.40 -6.09
N GLN F 245 -12.96 -69.84 -4.97
CA GLN F 245 -11.72 -69.24 -4.46
C GLN F 245 -10.63 -69.31 -5.52
N LYS F 246 -10.41 -70.50 -6.09
CA LYS F 246 -9.41 -70.69 -7.12
C LYS F 246 -9.74 -69.87 -8.37
N ARG F 247 -11.02 -69.80 -8.72
CA ARG F 247 -11.45 -69.07 -9.91
C ARG F 247 -11.15 -67.58 -9.84
N LEU F 248 -11.24 -67.03 -8.64
CA LEU F 248 -10.90 -65.62 -8.45
C LEU F 248 -9.49 -65.36 -8.94
N PHE F 249 -8.53 -66.18 -8.51
CA PHE F 249 -7.15 -65.99 -8.96
C PHE F 249 -7.01 -66.21 -10.46
N GLN F 250 -7.59 -67.30 -10.95
CA GLN F 250 -7.53 -67.64 -12.38
C GLN F 250 -8.00 -66.49 -13.27
N LYS F 251 -9.17 -65.95 -12.96
CA LYS F 251 -9.76 -64.90 -13.77
C LYS F 251 -9.06 -63.55 -13.58
N TYR F 252 -8.51 -63.32 -12.38
CA TYR F 252 -7.72 -62.11 -12.12
C TYR F 252 -6.46 -62.14 -12.96
N GLY F 253 -5.90 -63.34 -13.15
CA GLY F 253 -4.74 -63.49 -14.02
C GLY F 253 -3.54 -64.17 -13.38
N ILE F 254 -3.76 -64.83 -12.25
CA ILE F 254 -2.69 -65.54 -11.56
C ILE F 254 -2.96 -67.05 -11.56
N ASP F 255 -2.14 -67.82 -12.26
CA ASP F 255 -2.33 -69.28 -12.33
C ASP F 255 -1.72 -69.98 -11.10
N ASN F 256 -0.61 -69.45 -10.61
CA ASN F 256 0.06 -70.01 -9.44
C ASN F 256 0.07 -69.00 -8.30
N PRO F 257 -1.00 -69.00 -7.49
CA PRO F 257 -1.13 -68.09 -6.35
C PRO F 257 0.07 -68.22 -5.41
N ASP F 258 0.61 -67.08 -5.00
CA ASP F 258 1.68 -67.04 -4.02
C ASP F 258 1.08 -67.28 -2.64
N MET F 259 1.15 -68.52 -2.19
CA MET F 259 0.54 -68.92 -0.93
C MET F 259 1.17 -68.22 0.28
N ASN F 260 2.44 -67.86 0.16
CA ASN F 260 3.09 -67.09 1.23
C ASN F 260 2.50 -65.68 1.38
N LYS F 261 2.41 -64.96 0.28
CA LYS F 261 1.76 -63.65 0.30
C LYS F 261 0.28 -63.73 0.66
N LEU F 262 -0.38 -64.81 0.24
CA LEU F 262 -1.77 -65.00 0.61
C LEU F 262 -1.90 -65.14 2.13
N GLN F 263 -1.09 -66.02 2.70
CA GLN F 263 -1.16 -66.27 4.15
C GLN F 263 -0.75 -65.04 4.95
N PHE F 264 0.29 -64.33 4.49
CA PHE F 264 0.67 -63.10 5.16
C PHE F 264 -0.47 -62.10 5.28
N HIS F 265 -1.18 -61.87 4.17
CA HIS F 265 -2.24 -60.87 4.21
C HIS F 265 -3.49 -61.32 4.99
N LEU F 266 -3.74 -62.62 5.00
CA LEU F 266 -4.84 -63.16 5.82
C LEU F 266 -4.50 -62.98 7.29
N MET F 267 -3.25 -63.24 7.66
CA MET F 267 -2.84 -63.11 9.04
C MET F 267 -2.86 -61.64 9.48
N LEU F 268 -2.41 -60.76 8.59
CA LEU F 268 -2.43 -59.34 8.86
C LEU F 268 -3.84 -58.84 9.13
N ASP F 269 -4.80 -59.24 8.30
CA ASP F 269 -6.19 -58.81 8.52
C ASP F 269 -6.78 -59.28 9.87
N GLU F 270 -6.19 -60.30 10.49
CA GLU F 270 -6.67 -60.77 11.81
C GLU F 270 -6.60 -59.66 12.87
N PHE F 271 -5.72 -58.68 12.66
CA PHE F 271 -5.51 -57.61 13.62
C PHE F 271 -6.49 -56.45 13.47
N PHE F 272 -7.33 -56.50 12.44
CA PHE F 272 -8.21 -55.36 12.13
C PHE F 272 -9.69 -55.62 12.30
#